data_7VG9
#
_entry.id   7VG9
#
_cell.length_a   94.692
_cell.length_b   143.408
_cell.length_c   113.279
_cell.angle_alpha   90.000
_cell.angle_beta   93.990
_cell.angle_gamma   90.000
#
_symmetry.space_group_name_H-M   'P 1 21 1'
#
loop_
_entity.id
_entity.type
_entity.pdbx_description
1 polymer 'Phosphate butyryltransferase'
2 non-polymer 'SULFATE ION'
3 water water
#
_entity_poly.entity_id   1
_entity_poly.type   'polypeptide(L)'
_entity_poly.pdbx_seq_one_letter_code
;MGSSHHHHHHSSGLVPRGSHMIKSFNEIIMKVKSKEMKKVAVAVAQDEPVLEAVRDAKKNGIADAILVGDHDEIVSIALK
IGMDVNDFEIVNEPNVKKAALKAVELVSTGKADMVMKGLVNTATFLRSVLNKEVGLRTGKTMSHVAVFETEKFDRLLFLT
DVAFNTYPELKEKIDIVNNSVKVAHAIGIENPKVAPICAVEVINPKMPSTLDAAMLSKMSDRGQIKGCVVDGPLALDIAL
SEEAAHHKGVTGEVAGKADIFLMPNIETGNVMYKTLTYTTDSKNGGILVGTSAPVVLTSRADSHETKMNSIALAALVAGN
K
;
_entity_poly.pdbx_strand_id   A,B,C,D,E,F,G,H
#
loop_
_chem_comp.id
_chem_comp.type
_chem_comp.name
_chem_comp.formula
SO4 non-polymer 'SULFATE ION' 'O4 S -2'
#
# COMPACT_ATOMS: atom_id res chain seq x y z
N MET A 21 14.46 -49.79 -5.43
CA MET A 21 14.53 -51.10 -4.69
C MET A 21 13.12 -51.70 -4.59
N ILE A 22 12.30 -51.23 -3.63
CA ILE A 22 10.92 -51.75 -3.32
C ILE A 22 9.91 -51.04 -4.23
N LYS A 23 8.88 -51.77 -4.68
CA LYS A 23 7.94 -51.31 -5.75
C LYS A 23 6.49 -51.66 -5.39
N SER A 24 6.24 -52.24 -4.22
CA SER A 24 4.88 -52.65 -3.79
C SER A 24 4.73 -52.47 -2.27
N PHE A 25 3.48 -52.33 -1.82
CA PHE A 25 3.12 -52.42 -0.38
C PHE A 25 3.35 -53.85 0.14
N ASN A 26 3.05 -54.88 -0.65
CA ASN A 26 3.28 -56.29 -0.23
C ASN A 26 4.75 -56.41 0.15
N GLU A 27 5.61 -55.77 -0.64
CA GLU A 27 7.07 -55.78 -0.44
C GLU A 27 7.43 -54.98 0.81
N ILE A 28 6.81 -53.80 0.98
CA ILE A 28 6.96 -52.95 2.21
C ILE A 28 6.65 -53.80 3.46
N ILE A 29 5.54 -54.54 3.46
CA ILE A 29 5.06 -55.35 4.62
C ILE A 29 5.96 -56.58 4.84
N MET A 30 6.25 -57.36 3.81
CA MET A 30 7.28 -58.43 3.89
C MET A 30 8.57 -57.83 4.51
N LYS A 31 9.12 -56.76 3.93
CA LYS A 31 10.42 -56.18 4.40
C LYS A 31 10.29 -55.65 5.82
N VAL A 32 9.08 -55.35 6.30
CA VAL A 32 8.83 -54.76 7.65
C VAL A 32 8.84 -55.90 8.68
N LYS A 33 8.26 -57.05 8.28
CA LYS A 33 8.31 -58.37 8.99
C LYS A 33 9.75 -58.86 9.13
N SER A 34 10.61 -58.67 8.13
CA SER A 34 12.07 -58.96 8.19
C SER A 34 12.66 -58.43 9.51
N LYS A 35 12.45 -57.16 9.79
CA LYS A 35 13.14 -56.40 10.87
C LYS A 35 12.51 -56.78 12.21
N GLU A 36 12.98 -56.18 13.31
CA GLU A 36 12.37 -56.34 14.65
C GLU A 36 11.09 -55.51 14.70
N MET A 37 10.03 -56.05 15.31
CA MET A 37 8.74 -55.33 15.54
C MET A 37 9.04 -53.94 16.16
N LYS A 38 8.16 -52.99 15.88
CA LYS A 38 8.25 -51.57 16.32
C LYS A 38 6.95 -51.24 17.05
N LYS A 39 6.99 -50.57 18.19
CA LYS A 39 5.77 -50.34 19.00
C LYS A 39 5.10 -49.07 18.49
N VAL A 40 3.77 -49.08 18.45
CA VAL A 40 2.98 -47.88 18.07
C VAL A 40 2.22 -47.46 19.32
N ALA A 41 2.13 -46.17 19.57
CA ALA A 41 1.32 -45.70 20.69
C ALA A 41 0.01 -45.20 20.10
N VAL A 42 -1.13 -45.74 20.55
CA VAL A 42 -2.43 -45.22 20.07
C VAL A 42 -2.90 -44.19 21.08
N ALA A 43 -3.11 -42.96 20.62
CA ALA A 43 -3.38 -41.86 21.56
C ALA A 43 -4.66 -42.03 22.36
N VAL A 44 -5.77 -42.24 21.71
CA VAL A 44 -7.02 -42.53 22.46
C VAL A 44 -7.47 -43.82 21.79
N ALA A 45 -7.13 -44.93 22.41
CA ALA A 45 -7.30 -46.22 21.72
C ALA A 45 -8.74 -46.71 21.72
N GLN A 46 -9.67 -45.96 22.29
CA GLN A 46 -11.07 -46.42 22.20
C GLN A 46 -11.63 -46.13 20.82
N ASP A 47 -11.11 -46.78 19.76
CA ASP A 47 -11.62 -46.55 18.39
C ASP A 47 -11.72 -47.90 17.68
N GLU A 48 -12.93 -48.37 17.37
CA GLU A 48 -13.18 -49.69 16.73
C GLU A 48 -12.25 -49.78 15.51
N PRO A 49 -12.33 -48.84 14.55
CA PRO A 49 -11.62 -48.99 13.27
C PRO A 49 -10.09 -49.01 13.43
N VAL A 50 -9.55 -48.19 14.32
CA VAL A 50 -8.09 -48.16 14.63
C VAL A 50 -7.70 -49.43 15.37
N LEU A 51 -8.51 -49.88 16.33
CA LEU A 51 -8.21 -51.12 17.08
C LEU A 51 -8.31 -52.32 16.13
N GLU A 52 -9.21 -52.30 15.15
CA GLU A 52 -9.29 -53.44 14.21
C GLU A 52 -7.94 -53.48 13.47
N ALA A 53 -7.31 -52.32 13.30
CA ALA A 53 -6.04 -52.13 12.56
C ALA A 53 -4.85 -52.61 13.39
N VAL A 54 -4.74 -52.11 14.61
CA VAL A 54 -3.68 -52.47 15.59
C VAL A 54 -3.67 -53.99 15.78
N ARG A 55 -4.86 -54.57 15.88
CA ARG A 55 -5.08 -56.04 15.95
C ARG A 55 -4.48 -56.73 14.72
N ASP A 56 -5.03 -56.49 13.52
CA ASP A 56 -4.56 -57.09 12.24
C ASP A 56 -3.04 -56.93 12.15
N ALA A 57 -2.53 -55.76 12.55
CA ALA A 57 -1.10 -55.41 12.60
C ALA A 57 -0.30 -56.40 13.47
N LYS A 58 -0.88 -56.92 14.55
CA LYS A 58 -0.14 -57.81 15.48
C LYS A 58 -0.20 -59.24 14.95
N LYS A 59 -1.38 -59.68 14.50
CA LYS A 59 -1.53 -61.08 14.02
C LYS A 59 -0.63 -61.31 12.81
N ASN A 60 -0.57 -60.35 11.89
CA ASN A 60 0.31 -60.48 10.70
C ASN A 60 1.78 -60.46 11.13
N GLY A 61 2.12 -59.63 12.11
CA GLY A 61 3.53 -59.50 12.54
C GLY A 61 4.14 -58.23 12.00
N ILE A 62 3.42 -57.11 12.11
CA ILE A 62 3.89 -55.82 11.55
C ILE A 62 4.40 -54.99 12.71
N ALA A 63 3.56 -54.82 13.75
CA ALA A 63 3.79 -53.91 14.92
C ALA A 63 3.18 -54.50 16.19
N ASP A 64 3.84 -54.30 17.33
CA ASP A 64 3.21 -54.32 18.68
C ASP A 64 2.65 -52.92 18.95
N ALA A 65 1.82 -52.73 19.97
CA ALA A 65 1.22 -51.41 20.28
C ALA A 65 0.89 -51.21 21.76
N ILE A 66 1.06 -49.97 22.23
CA ILE A 66 0.54 -49.45 23.53
C ILE A 66 -0.79 -48.75 23.28
N LEU A 67 -1.86 -49.22 23.92
CA LEU A 67 -3.23 -48.69 23.73
C LEU A 67 -3.51 -47.72 24.88
N VAL A 68 -3.20 -46.44 24.67
CA VAL A 68 -3.36 -45.41 25.72
C VAL A 68 -4.79 -44.87 25.70
N GLY A 69 -5.40 -44.67 26.88
CA GLY A 69 -6.77 -44.14 26.99
C GLY A 69 -7.60 -44.86 28.04
N ASP A 70 -8.94 -44.85 27.92
CA ASP A 70 -9.85 -45.39 28.95
C ASP A 70 -9.80 -46.92 28.90
N HIS A 71 -9.24 -47.54 29.94
CA HIS A 71 -9.03 -49.01 30.05
C HIS A 71 -10.39 -49.73 29.92
N ASP A 72 -11.47 -49.17 30.49
CA ASP A 72 -12.82 -49.80 30.44
C ASP A 72 -13.42 -49.71 29.03
N GLU A 73 -13.47 -48.52 28.39
CA GLU A 73 -14.04 -48.34 27.02
C GLU A 73 -13.17 -49.09 25.99
N ILE A 74 -11.90 -49.38 26.30
CA ILE A 74 -10.98 -50.11 25.39
C ILE A 74 -11.28 -51.60 25.43
N VAL A 75 -11.51 -52.17 26.63
CA VAL A 75 -11.76 -53.64 26.83
C VAL A 75 -13.12 -53.98 26.21
N SER A 76 -14.14 -53.15 26.46
CA SER A 76 -15.49 -53.34 25.86
C SER A 76 -15.32 -53.55 24.35
N ILE A 77 -14.51 -52.72 23.68
CA ILE A 77 -14.28 -52.76 22.20
C ILE A 77 -13.33 -53.92 21.86
N ALA A 78 -12.27 -54.12 22.62
CA ALA A 78 -11.39 -55.29 22.45
C ALA A 78 -12.24 -56.54 22.30
N LEU A 79 -13.07 -56.85 23.31
CA LEU A 79 -13.93 -58.07 23.38
C LEU A 79 -14.83 -58.12 22.14
N LYS A 80 -15.59 -57.04 21.91
CA LYS A 80 -16.46 -56.82 20.72
C LYS A 80 -15.76 -57.36 19.47
N ILE A 81 -14.48 -57.03 19.26
CA ILE A 81 -13.72 -57.18 17.99
C ILE A 81 -12.96 -58.52 17.98
N GLY A 82 -12.82 -59.19 19.12
CA GLY A 82 -12.07 -60.46 19.23
C GLY A 82 -10.57 -60.25 19.14
N MET A 83 -10.02 -59.36 19.97
CA MET A 83 -8.56 -59.27 20.24
C MET A 83 -8.35 -59.43 21.75
N ASP A 84 -7.59 -60.45 22.18
CA ASP A 84 -7.24 -60.58 23.62
C ASP A 84 -6.30 -59.41 23.93
N VAL A 85 -6.75 -58.61 24.88
CA VAL A 85 -6.07 -57.36 25.31
C VAL A 85 -4.74 -57.78 25.97
N ASN A 86 -4.60 -59.04 26.37
CA ASN A 86 -3.36 -59.64 26.98
C ASN A 86 -2.16 -59.53 26.04
N ASP A 87 -2.36 -59.67 24.73
CA ASP A 87 -1.27 -59.51 23.73
C ASP A 87 -0.79 -58.05 23.67
N PHE A 88 -1.48 -57.09 24.31
CA PHE A 88 -1.16 -55.64 24.23
C PHE A 88 -0.85 -55.06 25.62
N GLU A 89 -0.14 -53.93 25.63
CA GLU A 89 0.04 -53.07 26.83
C GLU A 89 -1.15 -52.11 26.86
N ILE A 90 -1.64 -51.76 28.05
CA ILE A 90 -2.65 -50.69 28.19
C ILE A 90 -2.19 -49.67 29.22
N VAL A 91 -2.17 -48.41 28.81
CA VAL A 91 -1.92 -47.24 29.68
C VAL A 91 -3.26 -46.57 29.93
N ASN A 92 -3.80 -46.71 31.13
CA ASN A 92 -5.10 -46.08 31.50
C ASN A 92 -4.88 -44.56 31.64
N GLU A 93 -5.57 -43.75 30.83
CA GLU A 93 -5.78 -42.29 31.06
C GLU A 93 -7.16 -41.92 30.54
N PRO A 94 -8.17 -41.79 31.43
CA PRO A 94 -9.52 -41.43 31.01
C PRO A 94 -9.69 -40.04 30.38
N ASN A 95 -8.76 -39.08 30.54
CA ASN A 95 -8.89 -37.76 29.90
C ASN A 95 -8.43 -37.87 28.44
N VAL A 96 -9.24 -37.36 27.49
CA VAL A 96 -8.95 -37.31 26.02
C VAL A 96 -7.54 -36.70 25.83
N LYS A 97 -7.37 -35.41 26.17
CA LYS A 97 -6.12 -34.62 25.97
C LYS A 97 -4.90 -35.28 26.62
N LYS A 98 -5.03 -35.79 27.85
CA LYS A 98 -3.89 -36.36 28.63
C LYS A 98 -3.45 -37.68 27.99
N ALA A 99 -4.40 -38.52 27.60
CA ALA A 99 -4.11 -39.81 26.93
C ALA A 99 -3.22 -39.54 25.71
N ALA A 100 -3.42 -38.43 24.99
CA ALA A 100 -2.74 -38.09 23.72
C ALA A 100 -1.34 -37.51 24.00
N LEU A 101 -1.22 -36.60 24.98
CA LEU A 101 0.10 -36.14 25.47
C LEU A 101 0.90 -37.35 25.93
N LYS A 102 0.26 -38.28 26.66
CA LYS A 102 0.92 -39.51 27.21
C LYS A 102 1.32 -40.44 26.07
N ALA A 103 0.51 -40.55 25.03
CA ALA A 103 0.81 -41.36 23.83
C ALA A 103 2.15 -40.89 23.25
N VAL A 104 2.19 -39.59 22.90
CA VAL A 104 3.34 -38.90 22.25
C VAL A 104 4.58 -39.09 23.15
N GLU A 105 4.40 -38.93 24.46
CA GLU A 105 5.49 -39.10 25.46
C GLU A 105 6.12 -40.50 25.36
N LEU A 106 5.35 -41.57 25.20
CA LEU A 106 5.92 -42.94 25.22
C LEU A 106 6.84 -43.13 24.02
N VAL A 107 6.66 -42.30 22.99
CA VAL A 107 7.60 -42.26 21.83
C VAL A 107 8.79 -41.37 22.18
N SER A 108 8.52 -40.11 22.56
CA SER A 108 9.55 -39.08 22.86
C SER A 108 10.51 -39.64 23.92
N THR A 109 10.04 -40.44 24.89
CA THR A 109 10.86 -41.06 25.97
C THR A 109 11.36 -42.45 25.57
N GLY A 110 11.47 -42.75 24.28
CA GLY A 110 12.17 -43.93 23.78
C GLY A 110 11.43 -45.26 23.99
N LYS A 111 10.22 -45.27 24.59
CA LYS A 111 9.49 -46.52 24.98
C LYS A 111 8.63 -47.07 23.83
N ALA A 112 8.43 -46.29 22.76
CA ALA A 112 7.67 -46.68 21.56
C ALA A 112 8.25 -45.94 20.36
N ASP A 113 8.07 -46.47 19.14
CA ASP A 113 8.79 -46.04 17.91
C ASP A 113 7.94 -45.13 17.03
N MET A 114 6.60 -45.17 17.14
CA MET A 114 5.69 -44.19 16.46
C MET A 114 4.37 -44.00 17.22
N VAL A 115 3.71 -42.88 16.94
CA VAL A 115 2.34 -42.53 17.42
C VAL A 115 1.40 -42.65 16.23
N MET A 116 0.20 -43.16 16.49
CA MET A 116 -0.98 -43.18 15.58
C MET A 116 -2.17 -42.56 16.33
N LYS A 117 -3.12 -41.94 15.60
CA LYS A 117 -4.21 -41.18 16.25
C LYS A 117 -5.44 -42.03 16.50
N GLY A 118 -6.21 -41.68 17.54
CA GLY A 118 -7.48 -42.39 17.82
C GLY A 118 -8.65 -41.44 17.94
N LEU A 119 -9.38 -41.47 19.06
CA LEU A 119 -10.64 -40.68 19.20
C LEU A 119 -10.36 -39.18 19.28
N VAL A 120 -9.12 -38.79 19.51
CA VAL A 120 -8.77 -37.34 19.54
C VAL A 120 -9.07 -36.69 18.19
N ASN A 121 -9.69 -35.50 18.19
CA ASN A 121 -9.85 -34.72 16.95
C ASN A 121 -8.43 -34.39 16.46
N THR A 122 -8.30 -33.91 15.22
CA THR A 122 -7.00 -33.79 14.51
C THR A 122 -6.17 -32.67 15.17
N ALA A 123 -6.77 -31.49 15.38
CA ALA A 123 -6.09 -30.29 15.94
C ALA A 123 -5.40 -30.62 17.26
N THR A 124 -6.12 -31.13 18.27
CA THR A 124 -5.63 -31.58 19.62
C THR A 124 -4.46 -32.57 19.50
N PHE A 125 -4.59 -33.55 18.60
CA PHE A 125 -3.56 -34.57 18.32
C PHE A 125 -2.32 -33.90 17.72
N LEU A 126 -2.48 -32.78 17.00
CA LEU A 126 -1.31 -32.12 16.35
C LEU A 126 -0.60 -31.20 17.35
N ARG A 127 -1.35 -30.51 18.23
CA ARG A 127 -0.81 -29.81 19.43
C ARG A 127 -0.01 -30.82 20.27
N SER A 128 -0.52 -32.03 20.42
CA SER A 128 0.08 -33.08 21.29
C SER A 128 1.42 -33.57 20.72
N VAL A 129 1.55 -33.74 19.40
CA VAL A 129 2.79 -34.28 18.75
C VAL A 129 3.88 -33.19 18.75
N LEU A 130 3.47 -31.96 18.46
CA LEU A 130 4.32 -30.75 18.40
C LEU A 130 4.46 -30.12 19.79
N ASN A 131 4.09 -30.84 20.84
CA ASN A 131 4.23 -30.34 22.24
C ASN A 131 5.70 -30.02 22.57
N LYS A 132 5.96 -28.88 23.21
CA LYS A 132 7.34 -28.36 23.45
C LYS A 132 8.01 -29.15 24.60
N GLU A 133 7.26 -29.50 25.66
CA GLU A 133 7.74 -30.23 26.88
C GLU A 133 8.15 -31.67 26.55
N VAL A 134 7.23 -32.50 26.00
CA VAL A 134 7.38 -33.98 25.81
C VAL A 134 7.13 -34.38 24.35
N GLY A 135 7.05 -33.40 23.44
CA GLY A 135 6.61 -33.59 22.05
C GLY A 135 7.69 -34.20 21.19
N LEU A 136 7.47 -34.17 19.87
CA LEU A 136 8.35 -34.79 18.85
C LEU A 136 8.93 -33.72 17.94
N ARG A 137 8.80 -32.44 18.34
CA ARG A 137 9.35 -31.27 17.61
C ARG A 137 10.76 -31.62 17.14
N THR A 138 11.14 -31.29 15.91
CA THR A 138 12.57 -31.38 15.46
C THR A 138 13.12 -30.00 15.09
N GLY A 139 12.32 -28.93 15.06
CA GLY A 139 12.76 -27.63 14.51
C GLY A 139 12.62 -27.55 12.98
N LYS A 140 12.89 -28.65 12.26
CA LYS A 140 12.61 -28.74 10.79
C LYS A 140 11.10 -28.95 10.65
N THR A 141 10.47 -28.34 9.62
CA THR A 141 9.01 -28.43 9.37
C THR A 141 8.56 -29.89 9.34
N MET A 142 7.34 -30.09 9.81
CA MET A 142 6.63 -31.39 9.83
C MET A 142 5.88 -31.46 8.51
N SER A 143 6.12 -32.50 7.70
CA SER A 143 5.46 -32.64 6.39
C SER A 143 4.73 -33.98 6.37
N HIS A 144 3.66 -34.05 5.57
CA HIS A 144 2.92 -35.29 5.26
C HIS A 144 3.38 -35.84 3.91
N VAL A 145 3.82 -37.09 3.90
CA VAL A 145 4.09 -37.85 2.65
C VAL A 145 2.98 -38.87 2.46
N ALA A 146 2.41 -38.96 1.26
CA ALA A 146 1.46 -40.02 0.84
C ALA A 146 2.14 -40.91 -0.21
N VAL A 147 1.85 -42.22 -0.19
CA VAL A 147 2.55 -43.21 -1.06
C VAL A 147 1.52 -44.10 -1.78
N PHE A 148 1.68 -44.27 -3.09
CA PHE A 148 0.70 -44.83 -4.05
C PHE A 148 1.33 -45.98 -4.84
N GLU A 149 0.61 -47.10 -4.97
CA GLU A 149 0.93 -48.24 -5.88
C GLU A 149 -0.17 -48.29 -6.95
N THR A 150 0.12 -47.87 -8.18
CA THR A 150 -0.86 -47.76 -9.28
C THR A 150 -0.66 -48.91 -10.28
N GLU A 151 -1.70 -49.27 -11.03
CA GLU A 151 -1.63 -50.28 -12.11
C GLU A 151 -0.74 -49.71 -13.24
N LYS A 152 -0.97 -48.46 -13.61
CA LYS A 152 -0.33 -47.80 -14.77
C LYS A 152 1.17 -47.56 -14.56
N PHE A 153 1.71 -47.69 -13.33
CA PHE A 153 3.15 -47.40 -13.05
C PHE A 153 3.73 -48.42 -12.09
N ASP A 154 4.99 -48.80 -12.33
CA ASP A 154 5.71 -49.91 -11.65
C ASP A 154 6.39 -49.34 -10.40
N ARG A 155 6.90 -48.11 -10.49
CA ARG A 155 7.49 -47.40 -9.31
C ARG A 155 6.37 -46.93 -8.39
N LEU A 156 6.62 -47.03 -7.09
CA LEU A 156 5.92 -46.28 -6.01
C LEU A 156 5.98 -44.77 -6.30
N LEU A 157 4.83 -44.09 -6.14
CA LEU A 157 4.67 -42.63 -6.31
C LEU A 157 4.49 -41.98 -4.94
N PHE A 158 5.28 -40.95 -4.63
CA PHE A 158 5.24 -40.20 -3.35
C PHE A 158 4.65 -38.78 -3.55
N LEU A 159 3.58 -38.44 -2.82
CA LEU A 159 2.92 -37.10 -2.88
C LEU A 159 3.14 -36.35 -1.58
N THR A 160 3.83 -35.22 -1.65
CA THR A 160 4.07 -34.35 -0.49
C THR A 160 3.86 -32.94 -1.03
N ASP A 161 3.35 -32.01 -0.23
CA ASP A 161 2.55 -32.28 0.95
C ASP A 161 1.09 -32.10 0.58
N VAL A 162 0.25 -33.03 1.03
CA VAL A 162 -1.14 -33.26 0.56
C VAL A 162 -2.15 -32.96 1.67
N ALA A 163 -1.70 -32.93 2.93
CA ALA A 163 -2.52 -33.04 4.16
C ALA A 163 -2.28 -31.88 5.15
N PHE A 164 -1.04 -31.45 5.41
CA PHE A 164 -0.64 -30.60 6.57
C PHE A 164 -0.23 -29.17 6.17
N ASN A 165 0.94 -28.97 5.58
CA ASN A 165 1.43 -27.63 5.17
C ASN A 165 0.50 -27.10 4.08
N THR A 166 -0.10 -25.92 4.29
CA THR A 166 -1.15 -25.36 3.39
C THR A 166 -0.49 -24.58 2.23
N TYR A 167 0.28 -23.53 2.50
CA TYR A 167 0.90 -22.66 1.48
C TYR A 167 2.37 -22.48 1.83
N PRO A 168 3.20 -23.55 1.78
CA PRO A 168 4.60 -23.42 2.15
C PRO A 168 5.32 -22.49 1.16
N GLU A 169 6.31 -21.77 1.70
CA GLU A 169 7.27 -20.92 0.97
C GLU A 169 8.58 -21.72 0.81
N LEU A 170 9.51 -21.24 0.00
CA LEU A 170 10.78 -21.95 -0.27
C LEU A 170 11.32 -22.67 0.97
N LYS A 171 11.38 -22.01 2.13
CA LYS A 171 12.09 -22.55 3.34
C LYS A 171 11.34 -23.78 3.88
N GLU A 172 10.01 -23.75 3.92
CA GLU A 172 9.13 -24.88 4.38
C GLU A 172 9.16 -26.00 3.33
N LYS A 173 9.31 -25.66 2.04
CA LYS A 173 9.43 -26.61 0.88
C LYS A 173 10.80 -27.33 0.86
N ILE A 174 11.87 -26.72 1.38
CA ILE A 174 13.17 -27.45 1.43
C ILE A 174 12.91 -28.66 2.32
N ASP A 175 12.48 -28.39 3.55
CA ASP A 175 12.13 -29.39 4.60
C ASP A 175 11.14 -30.42 4.06
N ILE A 176 10.02 -29.97 3.48
CA ILE A 176 8.99 -30.86 2.85
C ILE A 176 9.74 -31.88 1.98
N VAL A 177 10.61 -31.42 1.08
CA VAL A 177 11.44 -32.29 0.18
C VAL A 177 12.26 -33.23 1.05
N ASN A 178 13.07 -32.69 1.97
CA ASN A 178 14.09 -33.41 2.79
C ASN A 178 13.45 -34.56 3.57
N ASN A 179 12.29 -34.32 4.21
CA ASN A 179 11.47 -35.34 4.92
C ASN A 179 11.14 -36.50 3.94
N SER A 180 10.68 -36.16 2.72
CA SER A 180 10.18 -37.10 1.68
C SER A 180 11.32 -37.95 1.14
N VAL A 181 12.50 -37.34 1.03
CA VAL A 181 13.73 -38.03 0.55
C VAL A 181 14.14 -39.02 1.63
N LYS A 182 14.00 -38.65 2.90
CA LYS A 182 14.28 -39.54 4.05
C LYS A 182 13.39 -40.80 3.98
N VAL A 183 12.15 -40.63 3.57
CA VAL A 183 11.15 -41.73 3.52
C VAL A 183 11.56 -42.61 2.34
N ALA A 184 11.83 -42.01 1.18
CA ALA A 184 12.15 -42.74 -0.08
C ALA A 184 13.47 -43.50 0.07
N HIS A 185 14.41 -42.98 0.88
CA HIS A 185 15.67 -43.67 1.28
C HIS A 185 15.29 -44.98 1.98
N ALA A 186 14.31 -44.92 2.88
CA ALA A 186 13.92 -46.01 3.82
C ALA A 186 13.20 -47.11 3.06
N ILE A 187 12.72 -46.82 1.85
CA ILE A 187 12.06 -47.78 0.92
C ILE A 187 13.13 -48.49 0.08
N GLY A 188 14.25 -47.82 -0.21
CA GLY A 188 15.45 -48.41 -0.86
C GLY A 188 15.80 -47.69 -2.15
N ILE A 189 15.02 -46.66 -2.48
CA ILE A 189 15.37 -45.62 -3.49
C ILE A 189 16.42 -44.70 -2.89
N GLU A 190 17.69 -44.94 -3.24
CA GLU A 190 18.87 -44.25 -2.66
C GLU A 190 19.02 -42.86 -3.30
N ASN A 191 18.48 -42.63 -4.51
CA ASN A 191 18.44 -41.28 -5.16
C ASN A 191 17.04 -40.96 -5.72
N PRO A 192 16.12 -40.43 -4.88
CA PRO A 192 14.77 -40.11 -5.32
C PRO A 192 14.79 -39.01 -6.38
N LYS A 193 13.96 -39.15 -7.41
CA LYS A 193 13.72 -38.09 -8.44
C LYS A 193 12.53 -37.24 -8.03
N VAL A 194 12.79 -35.98 -7.63
CA VAL A 194 11.79 -35.04 -7.07
C VAL A 194 11.33 -34.05 -8.15
N ALA A 195 10.04 -34.00 -8.47
CA ALA A 195 9.51 -33.04 -9.47
C ALA A 195 8.61 -32.04 -8.76
N PRO A 196 8.99 -30.74 -8.70
CA PRO A 196 8.09 -29.69 -8.25
C PRO A 196 6.99 -29.57 -9.31
N ILE A 197 5.85 -30.21 -9.09
CA ILE A 197 4.64 -30.19 -9.96
C ILE A 197 4.20 -28.75 -9.99
N CYS A 198 3.77 -28.33 -11.17
CA CYS A 198 3.36 -26.97 -11.55
C CYS A 198 2.46 -27.12 -12.78
N ALA A 199 1.73 -26.05 -13.15
CA ALA A 199 0.79 -26.03 -14.29
C ALA A 199 1.57 -26.26 -15.59
N VAL A 200 2.70 -25.59 -15.71
CA VAL A 200 3.55 -25.60 -16.92
C VAL A 200 4.94 -26.08 -16.51
N GLU A 201 5.79 -26.45 -17.48
CA GLU A 201 7.17 -26.91 -17.22
C GLU A 201 8.16 -25.78 -17.52
N VAL A 202 7.62 -24.60 -17.85
CA VAL A 202 8.43 -23.38 -18.14
C VAL A 202 8.26 -22.41 -16.98
N ILE A 203 9.26 -21.58 -16.76
CA ILE A 203 9.29 -20.58 -15.65
C ILE A 203 8.26 -19.50 -15.97
N ASN A 204 7.55 -18.99 -14.98
CA ASN A 204 6.47 -17.99 -15.20
C ASN A 204 6.31 -17.12 -13.96
N PRO A 205 6.75 -15.85 -14.01
CA PRO A 205 6.71 -14.98 -12.84
C PRO A 205 5.29 -14.93 -12.25
N LYS A 206 4.27 -14.95 -13.12
CA LYS A 206 2.83 -14.96 -12.72
C LYS A 206 2.46 -16.22 -11.91
N MET A 207 3.24 -17.30 -12.07
CA MET A 207 3.02 -18.55 -11.31
C MET A 207 4.14 -18.70 -10.30
N PRO A 208 3.91 -18.38 -9.01
CA PRO A 208 4.97 -18.43 -8.00
C PRO A 208 5.51 -19.84 -7.83
N SER A 209 4.71 -20.85 -8.21
CA SER A 209 5.12 -22.26 -8.11
C SER A 209 6.37 -22.51 -8.95
N THR A 210 6.42 -21.93 -10.16
CA THR A 210 7.57 -22.12 -11.09
C THR A 210 8.85 -21.55 -10.49
N LEU A 211 8.75 -20.42 -9.79
CA LEU A 211 9.92 -19.77 -9.15
C LEU A 211 10.50 -20.75 -8.14
N ASP A 212 9.76 -21.05 -7.09
CA ASP A 212 10.16 -22.02 -6.03
C ASP A 212 10.71 -23.31 -6.66
N ALA A 213 10.20 -23.73 -7.82
CA ALA A 213 10.65 -24.95 -8.53
C ALA A 213 12.12 -24.76 -8.91
N ALA A 214 12.40 -23.68 -9.65
CA ALA A 214 13.74 -23.28 -10.13
C ALA A 214 14.68 -23.21 -8.93
N MET A 215 14.27 -22.49 -7.89
CA MET A 215 15.14 -22.26 -6.72
C MET A 215 15.49 -23.61 -6.10
N LEU A 216 14.49 -24.50 -6.01
CA LEU A 216 14.65 -25.87 -5.43
C LEU A 216 15.57 -26.74 -6.32
N SER A 217 15.36 -26.78 -7.65
CA SER A 217 16.26 -27.47 -8.63
C SER A 217 17.72 -27.02 -8.46
N LYS A 218 17.93 -25.74 -8.09
CA LYS A 218 19.27 -25.13 -8.00
C LYS A 218 19.99 -25.72 -6.78
N MET A 219 19.24 -25.90 -5.70
CA MET A 219 19.80 -26.35 -4.41
C MET A 219 20.20 -27.82 -4.52
N SER A 220 19.45 -28.61 -5.29
CA SER A 220 19.82 -30.02 -5.58
C SER A 220 21.17 -29.99 -6.27
N ASP A 221 21.28 -29.17 -7.32
CA ASP A 221 22.47 -29.02 -8.19
C ASP A 221 23.71 -28.71 -7.35
N ARG A 222 23.61 -27.76 -6.43
CA ARG A 222 24.78 -27.33 -5.60
C ARG A 222 24.97 -28.26 -4.39
N GLY A 223 24.17 -29.33 -4.27
CA GLY A 223 24.26 -30.28 -3.15
C GLY A 223 23.94 -29.63 -1.82
N GLN A 224 23.15 -28.55 -1.85
CA GLN A 224 22.42 -27.95 -0.71
C GLN A 224 21.15 -28.77 -0.33
N ILE A 225 20.46 -29.42 -1.27
CA ILE A 225 19.50 -30.53 -0.99
C ILE A 225 20.26 -31.81 -1.33
N LYS A 226 20.64 -32.59 -0.32
CA LYS A 226 21.52 -33.79 -0.49
C LYS A 226 20.67 -35.07 -0.60
N GLY A 227 21.22 -36.10 -1.27
CA GLY A 227 20.68 -37.48 -1.31
C GLY A 227 19.60 -37.69 -2.36
N CYS A 228 19.34 -36.72 -3.23
CA CYS A 228 18.24 -36.80 -4.24
C CYS A 228 18.60 -36.00 -5.49
N VAL A 229 17.68 -35.94 -6.45
CA VAL A 229 17.78 -35.06 -7.65
C VAL A 229 16.45 -34.34 -7.86
N VAL A 230 16.45 -33.02 -7.71
CA VAL A 230 15.27 -32.11 -7.86
C VAL A 230 15.39 -31.38 -9.21
N ASP A 231 14.39 -31.51 -10.08
CA ASP A 231 14.32 -30.76 -11.36
C ASP A 231 12.85 -30.39 -11.58
N GLY A 232 12.57 -29.08 -11.56
CA GLY A 232 11.26 -28.47 -11.79
C GLY A 232 11.43 -27.06 -12.33
N PRO A 233 10.36 -26.40 -12.83
CA PRO A 233 8.99 -26.90 -12.74
C PRO A 233 8.71 -27.98 -13.79
N LEU A 234 7.80 -28.91 -13.51
CA LEU A 234 7.39 -30.02 -14.42
C LEU A 234 5.88 -30.16 -14.27
N ALA A 235 5.12 -29.99 -15.35
CA ALA A 235 3.71 -30.42 -15.43
C ALA A 235 3.68 -31.91 -15.05
N LEU A 236 2.63 -32.33 -14.35
CA LEU A 236 2.52 -33.68 -13.75
C LEU A 236 2.84 -34.79 -14.78
N ASP A 237 2.36 -34.64 -16.02
CA ASP A 237 2.48 -35.63 -17.12
C ASP A 237 3.96 -35.79 -17.54
N ILE A 238 4.70 -34.68 -17.61
CA ILE A 238 6.16 -34.64 -17.89
C ILE A 238 6.86 -35.42 -16.78
N ALA A 239 6.38 -35.28 -15.54
CA ALA A 239 6.97 -35.93 -14.35
C ALA A 239 6.61 -37.43 -14.31
N LEU A 240 5.38 -37.78 -14.71
CA LEU A 240 4.86 -39.17 -14.66
C LEU A 240 5.46 -40.02 -15.78
N SER A 241 5.20 -39.60 -17.02
CA SER A 241 5.30 -40.38 -18.29
C SER A 241 6.54 -40.00 -19.10
N GLU A 242 7.42 -40.98 -19.37
CA GLU A 242 8.53 -40.90 -20.36
C GLU A 242 8.02 -40.45 -21.75
N GLU A 243 6.82 -40.89 -22.15
CA GLU A 243 6.26 -40.57 -23.48
C GLU A 243 5.93 -39.10 -23.53
N ALA A 244 5.26 -38.58 -22.49
CA ALA A 244 4.85 -37.17 -22.37
C ALA A 244 6.10 -36.30 -22.28
N ALA A 245 7.08 -36.73 -21.48
CA ALA A 245 8.36 -36.01 -21.30
C ALA A 245 9.01 -35.84 -22.69
N HIS A 246 9.21 -36.94 -23.41
CA HIS A 246 9.86 -36.96 -24.74
C HIS A 246 9.14 -35.99 -25.70
N HIS A 247 7.79 -36.06 -25.86
CA HIS A 247 6.99 -35.30 -26.87
C HIS A 247 7.01 -33.78 -26.61
N LYS A 248 7.60 -33.32 -25.50
CA LYS A 248 7.69 -31.88 -25.14
C LYS A 248 9.18 -31.53 -24.99
N GLY A 249 10.06 -32.37 -25.55
CA GLY A 249 11.52 -32.20 -25.51
C GLY A 249 12.01 -31.71 -24.17
N VAL A 250 11.52 -32.31 -23.08
CA VAL A 250 12.05 -32.10 -21.69
C VAL A 250 12.80 -33.37 -21.30
N THR A 251 14.04 -33.21 -20.90
CA THR A 251 14.98 -34.34 -20.62
C THR A 251 15.51 -34.16 -19.19
N GLY A 252 16.57 -34.85 -18.79
CA GLY A 252 17.17 -34.74 -17.45
C GLY A 252 16.89 -35.99 -16.64
N GLU A 253 17.51 -36.07 -15.46
CA GLU A 253 17.44 -37.23 -14.53
C GLU A 253 16.00 -37.50 -14.05
N VAL A 254 15.12 -36.48 -14.06
CA VAL A 254 13.77 -36.49 -13.42
C VAL A 254 12.66 -36.72 -14.47
N ALA A 255 12.60 -35.89 -15.52
CA ALA A 255 11.41 -35.82 -16.40
C ALA A 255 11.02 -37.22 -16.85
N GLY A 256 9.78 -37.63 -16.61
CA GLY A 256 9.24 -38.94 -17.05
C GLY A 256 9.67 -40.09 -16.15
N LYS A 257 10.49 -39.85 -15.12
CA LYS A 257 10.91 -40.90 -14.14
C LYS A 257 10.68 -40.42 -12.70
N ALA A 258 9.76 -39.48 -12.44
CA ALA A 258 9.67 -38.79 -11.13
C ALA A 258 9.15 -39.72 -10.03
N ASP A 259 9.84 -39.72 -8.88
CA ASP A 259 9.57 -40.58 -7.71
C ASP A 259 8.76 -39.79 -6.67
N ILE A 260 9.30 -38.68 -6.17
CA ILE A 260 8.62 -37.69 -5.30
C ILE A 260 7.95 -36.64 -6.20
N PHE A 261 6.67 -36.38 -6.00
CA PHE A 261 5.94 -35.26 -6.64
C PHE A 261 5.69 -34.19 -5.59
N LEU A 262 6.40 -33.08 -5.69
CA LEU A 262 6.27 -31.94 -4.75
C LEU A 262 5.10 -31.07 -5.20
N MET A 263 4.04 -31.07 -4.42
CA MET A 263 2.85 -30.26 -4.67
C MET A 263 3.17 -28.83 -4.28
N PRO A 264 2.72 -27.83 -5.10
CA PRO A 264 3.05 -26.42 -4.87
C PRO A 264 2.38 -25.89 -3.59
N ASN A 265 1.19 -26.40 -3.26
CA ASN A 265 0.40 -26.07 -2.05
C ASN A 265 -0.63 -27.20 -1.81
N ILE A 266 -1.47 -27.10 -0.77
CA ILE A 266 -2.36 -28.20 -0.31
C ILE A 266 -3.60 -28.30 -1.21
N GLU A 267 -3.98 -27.24 -1.93
CA GLU A 267 -5.21 -27.30 -2.78
C GLU A 267 -4.89 -28.25 -3.93
N THR A 268 -3.87 -27.91 -4.70
CA THR A 268 -3.32 -28.79 -5.76
C THR A 268 -3.13 -30.21 -5.16
N GLY A 269 -2.47 -30.28 -4.00
CA GLY A 269 -2.14 -31.50 -3.23
C GLY A 269 -3.34 -32.37 -2.89
N ASN A 270 -4.25 -31.84 -2.09
CA ASN A 270 -5.53 -32.48 -1.67
C ASN A 270 -6.25 -33.12 -2.88
N VAL A 271 -6.34 -32.38 -3.97
CA VAL A 271 -7.10 -32.79 -5.18
C VAL A 271 -6.35 -33.93 -5.91
N MET A 272 -5.02 -33.87 -6.08
CA MET A 272 -4.32 -35.01 -6.74
C MET A 272 -4.50 -36.26 -5.88
N TYR A 273 -4.48 -36.12 -4.55
CA TYR A 273 -4.63 -37.24 -3.58
C TYR A 273 -6.01 -37.89 -3.71
N LYS A 274 -7.08 -37.09 -3.67
CA LYS A 274 -8.45 -37.64 -3.63
C LYS A 274 -8.82 -38.14 -5.03
N THR A 275 -8.27 -37.54 -6.08
CA THR A 275 -8.56 -37.96 -7.46
C THR A 275 -8.04 -39.39 -7.64
N LEU A 276 -6.83 -39.68 -7.11
CA LEU A 276 -6.22 -41.05 -7.10
C LEU A 276 -7.12 -41.98 -6.31
N THR A 277 -7.44 -41.63 -5.06
CA THR A 277 -8.10 -42.56 -4.12
C THR A 277 -9.61 -42.68 -4.37
N TYR A 278 -10.20 -41.97 -5.32
CA TYR A 278 -11.65 -42.09 -5.53
C TYR A 278 -11.97 -42.57 -6.94
N THR A 279 -11.01 -42.62 -7.86
CA THR A 279 -11.26 -42.95 -9.28
C THR A 279 -10.41 -44.15 -9.66
N THR A 280 -9.64 -44.67 -8.69
CA THR A 280 -8.75 -45.83 -8.93
C THR A 280 -8.72 -46.72 -7.69
N ASP A 281 -8.20 -47.93 -7.88
CA ASP A 281 -8.06 -48.95 -6.82
C ASP A 281 -6.60 -49.00 -6.34
N SER A 282 -5.78 -48.03 -6.72
CA SER A 282 -4.39 -47.87 -6.17
C SER A 282 -4.42 -48.07 -4.66
N LYS A 283 -3.62 -49.02 -4.16
CA LYS A 283 -3.20 -49.08 -2.73
C LYS A 283 -2.42 -47.80 -2.37
N ASN A 284 -2.56 -47.33 -1.13
CA ASN A 284 -1.82 -46.16 -0.59
C ASN A 284 -1.66 -46.28 0.93
N GLY A 285 -0.70 -45.51 1.48
CA GLY A 285 -0.49 -45.24 2.91
C GLY A 285 0.03 -43.82 3.14
N GLY A 286 0.01 -43.34 4.38
CA GLY A 286 0.44 -41.97 4.71
C GLY A 286 1.08 -41.94 6.07
N ILE A 287 2.13 -41.14 6.22
CA ILE A 287 2.78 -40.81 7.52
C ILE A 287 3.06 -39.31 7.54
N LEU A 288 3.12 -38.69 8.72
CA LEU A 288 3.67 -37.32 8.87
C LEU A 288 5.11 -37.47 9.38
N VAL A 289 6.05 -36.78 8.73
CA VAL A 289 7.49 -36.90 9.07
C VAL A 289 7.99 -35.51 9.45
N GLY A 290 9.31 -35.33 9.56
CA GLY A 290 9.82 -34.04 10.06
C GLY A 290 9.71 -34.04 11.57
N THR A 291 9.48 -35.22 12.13
CA THR A 291 9.29 -35.37 13.59
C THR A 291 10.33 -36.39 14.08
N SER A 292 10.51 -36.48 15.40
CA SER A 292 11.52 -37.40 15.96
C SER A 292 11.17 -38.81 15.51
N ALA A 293 9.88 -39.12 15.49
CA ALA A 293 9.42 -40.47 15.10
C ALA A 293 8.25 -40.34 14.13
N PRO A 294 8.00 -41.35 13.26
CA PRO A 294 6.84 -41.32 12.38
C PRO A 294 5.50 -41.14 13.08
N VAL A 295 4.56 -40.44 12.45
CA VAL A 295 3.18 -40.27 12.99
C VAL A 295 2.20 -40.82 11.97
N VAL A 296 1.27 -41.66 12.41
CA VAL A 296 0.15 -42.17 11.55
C VAL A 296 -1.12 -41.42 11.93
N LEU A 297 -1.70 -40.65 11.00
CA LEU A 297 -2.94 -39.88 11.27
C LEU A 297 -4.00 -40.34 10.28
N THR A 298 -4.89 -41.20 10.71
CA THR A 298 -5.80 -42.05 9.90
C THR A 298 -7.23 -41.58 10.18
N SER A 299 -8.21 -42.04 9.40
CA SER A 299 -9.57 -41.42 9.34
C SER A 299 -10.65 -42.37 8.83
N ARG A 300 -11.92 -42.04 9.13
CA ARG A 300 -13.14 -42.72 8.58
C ARG A 300 -12.96 -42.81 7.06
N ALA A 301 -12.55 -41.70 6.43
CA ALA A 301 -12.16 -41.57 5.01
C ALA A 301 -11.26 -42.71 4.54
N ASP A 302 -10.21 -43.08 5.29
CA ASP A 302 -9.20 -44.12 4.90
C ASP A 302 -9.82 -45.52 5.01
N SER A 303 -9.51 -46.41 4.06
CA SER A 303 -9.94 -47.84 4.09
C SER A 303 -9.22 -48.56 5.24
N HIS A 304 -9.62 -49.78 5.56
CA HIS A 304 -8.91 -50.63 6.57
C HIS A 304 -7.49 -50.92 6.08
N GLU A 305 -7.28 -51.23 4.79
CA GLU A 305 -5.96 -51.74 4.32
C GLU A 305 -5.00 -50.57 4.06
N THR A 306 -5.52 -49.34 3.93
CA THR A 306 -4.69 -48.09 3.88
C THR A 306 -4.30 -47.69 5.32
N LYS A 307 -5.12 -47.98 6.34
CA LYS A 307 -4.69 -47.83 7.75
C LYS A 307 -3.47 -48.73 7.99
N MET A 308 -3.46 -49.94 7.44
CA MET A 308 -2.40 -50.98 7.54
C MET A 308 -1.14 -50.52 6.80
N ASN A 309 -1.30 -50.21 5.52
CA ASN A 309 -0.20 -49.73 4.65
C ASN A 309 0.46 -48.53 5.32
N SER A 310 -0.32 -47.69 5.99
CA SER A 310 0.14 -46.47 6.72
C SER A 310 1.00 -46.87 7.94
N ILE A 311 0.51 -47.79 8.79
CA ILE A 311 1.23 -48.36 9.99
C ILE A 311 2.53 -48.98 9.50
N ALA A 312 2.47 -49.73 8.40
CA ALA A 312 3.64 -50.45 7.83
C ALA A 312 4.69 -49.44 7.33
N LEU A 313 4.23 -48.30 6.81
CA LEU A 313 5.12 -47.23 6.29
C LEU A 313 5.92 -46.62 7.45
N ALA A 314 5.25 -46.26 8.54
CA ALA A 314 5.87 -45.74 9.79
C ALA A 314 6.92 -46.73 10.30
N ALA A 315 6.61 -48.04 10.32
CA ALA A 315 7.48 -49.11 10.88
C ALA A 315 8.75 -49.23 10.06
N LEU A 316 8.67 -49.08 8.73
CA LEU A 316 9.85 -49.11 7.82
C LEU A 316 10.77 -47.91 8.05
N VAL A 317 10.20 -46.74 8.36
CA VAL A 317 10.92 -45.45 8.53
C VAL A 317 11.49 -45.38 9.94
N ALA A 318 10.78 -45.98 10.90
CA ALA A 318 11.19 -46.08 12.31
C ALA A 318 12.41 -47.00 12.39
N GLY A 319 12.31 -48.15 11.70
CA GLY A 319 13.30 -49.24 11.68
C GLY A 319 14.58 -48.86 10.95
N ASN A 320 14.46 -48.16 9.82
CA ASN A 320 15.66 -47.69 9.08
C ASN A 320 16.33 -46.57 9.88
N LYS A 321 15.62 -45.46 10.12
CA LYS A 321 16.15 -44.30 10.89
C LYS A 321 17.10 -43.48 10.01
N MET B 21 -30.18 -37.93 -16.94
CA MET B 21 -30.23 -39.38 -17.29
C MET B 21 -29.11 -39.73 -18.30
N ILE B 22 -28.21 -38.79 -18.62
CA ILE B 22 -27.20 -38.94 -19.71
C ILE B 22 -25.83 -39.11 -19.02
N LYS B 23 -25.17 -40.26 -19.20
CA LYS B 23 -24.10 -40.74 -18.26
C LYS B 23 -22.86 -41.27 -18.99
N SER B 24 -22.78 -41.17 -20.32
CA SER B 24 -21.76 -41.86 -21.17
C SER B 24 -21.52 -41.12 -22.49
N PHE B 25 -20.28 -41.16 -23.00
CA PHE B 25 -19.88 -40.53 -24.28
C PHE B 25 -20.55 -41.22 -25.47
N ASN B 26 -21.16 -42.39 -25.24
CA ASN B 26 -21.85 -43.16 -26.30
C ASN B 26 -23.24 -42.56 -26.43
N GLU B 27 -23.93 -42.29 -25.32
CA GLU B 27 -25.27 -41.62 -25.37
C GLU B 27 -25.09 -40.23 -25.96
N ILE B 28 -23.91 -39.62 -25.73
CA ILE B 28 -23.54 -38.27 -26.24
C ILE B 28 -23.48 -38.33 -27.77
N ILE B 29 -22.65 -39.22 -28.30
CA ILE B 29 -22.50 -39.42 -29.78
C ILE B 29 -23.86 -39.77 -30.40
N MET B 30 -24.69 -40.54 -29.69
CA MET B 30 -26.01 -41.05 -30.18
C MET B 30 -26.92 -39.86 -30.39
N LYS B 31 -26.94 -38.95 -29.41
CA LYS B 31 -27.79 -37.74 -29.40
C LYS B 31 -27.33 -36.80 -30.53
N VAL B 32 -26.01 -36.73 -30.81
CA VAL B 32 -25.42 -35.88 -31.87
C VAL B 32 -26.01 -36.30 -33.22
N LYS B 33 -25.96 -37.61 -33.49
CA LYS B 33 -26.48 -38.32 -34.69
C LYS B 33 -27.99 -38.17 -34.77
N SER B 34 -28.64 -37.83 -33.68
CA SER B 34 -30.11 -37.71 -33.59
C SER B 34 -30.56 -36.32 -34.05
N LYS B 35 -29.69 -35.30 -33.97
CA LYS B 35 -30.02 -33.90 -34.34
C LYS B 35 -29.49 -33.64 -35.76
N GLU B 36 -29.77 -32.46 -36.32
CA GLU B 36 -29.19 -32.10 -37.64
C GLU B 36 -27.66 -32.04 -37.50
N MET B 37 -26.92 -32.40 -38.56
CA MET B 37 -25.44 -32.44 -38.51
C MET B 37 -24.87 -31.02 -38.46
N LYS B 38 -23.64 -30.87 -37.94
CA LYS B 38 -23.03 -29.54 -37.78
C LYS B 38 -21.73 -29.46 -38.57
N LYS B 39 -21.27 -28.25 -38.90
CA LYS B 39 -20.04 -28.08 -39.71
C LYS B 39 -18.90 -27.57 -38.84
N VAL B 40 -17.69 -28.12 -39.01
CA VAL B 40 -16.51 -27.63 -38.26
C VAL B 40 -15.57 -26.98 -39.26
N ALA B 41 -14.91 -25.88 -38.90
CA ALA B 41 -13.89 -25.28 -39.80
C ALA B 41 -12.49 -25.54 -39.24
N VAL B 42 -11.71 -26.41 -39.90
CA VAL B 42 -10.34 -26.74 -39.44
C VAL B 42 -9.42 -25.57 -39.76
N ALA B 43 -8.65 -25.08 -38.79
CA ALA B 43 -7.84 -23.86 -39.00
C ALA B 43 -6.67 -24.00 -39.98
N VAL B 44 -5.82 -25.00 -39.81
CA VAL B 44 -4.71 -25.28 -40.76
C VAL B 44 -4.88 -26.78 -40.91
N ALA B 45 -5.58 -27.20 -41.96
CA ALA B 45 -6.05 -28.61 -41.95
C ALA B 45 -5.01 -29.60 -42.45
N GLN B 46 -3.75 -29.19 -42.58
CA GLN B 46 -2.66 -30.10 -43.02
C GLN B 46 -2.36 -31.14 -41.92
N ASP B 47 -2.93 -31.01 -40.72
CA ASP B 47 -2.74 -32.02 -39.65
C ASP B 47 -3.34 -33.38 -40.04
N GLU B 48 -2.54 -34.44 -40.06
CA GLU B 48 -3.00 -35.82 -40.39
C GLU B 48 -3.89 -36.35 -39.27
N PRO B 49 -3.49 -36.24 -37.97
CA PRO B 49 -4.34 -36.72 -36.88
C PRO B 49 -5.71 -36.03 -36.87
N VAL B 50 -5.77 -34.72 -37.09
CA VAL B 50 -7.05 -33.93 -37.18
C VAL B 50 -7.90 -34.46 -38.33
N LEU B 51 -7.36 -34.62 -39.54
CA LEU B 51 -8.15 -35.06 -40.71
C LEU B 51 -8.66 -36.49 -40.46
N GLU B 52 -7.83 -37.33 -39.84
CA GLU B 52 -8.23 -38.70 -39.45
C GLU B 52 -9.54 -38.57 -38.66
N ALA B 53 -9.61 -37.59 -37.75
CA ALA B 53 -10.76 -37.27 -36.85
C ALA B 53 -11.97 -36.73 -37.64
N VAL B 54 -11.73 -35.83 -38.58
CA VAL B 54 -12.78 -35.19 -39.45
C VAL B 54 -13.52 -36.30 -40.21
N ARG B 55 -12.73 -37.24 -40.75
CA ARG B 55 -13.21 -38.40 -41.57
C ARG B 55 -14.18 -39.22 -40.72
N ASP B 56 -13.71 -39.90 -39.67
CA ASP B 56 -14.53 -40.86 -38.89
C ASP B 56 -15.72 -40.12 -38.25
N ALA B 57 -15.63 -38.80 -38.10
CA ALA B 57 -16.73 -37.91 -37.65
C ALA B 57 -17.77 -37.73 -38.77
N LYS B 58 -17.33 -37.58 -40.03
CA LYS B 58 -18.19 -37.39 -41.23
C LYS B 58 -18.97 -38.69 -41.57
N LYS B 59 -18.30 -39.84 -41.58
CA LYS B 59 -18.89 -41.14 -42.01
C LYS B 59 -19.97 -41.61 -41.01
N ASN B 60 -19.80 -41.43 -39.69
CA ASN B 60 -20.74 -41.94 -38.64
C ASN B 60 -21.84 -40.90 -38.30
N GLY B 61 -21.78 -39.70 -38.88
CA GLY B 61 -22.90 -38.73 -38.89
C GLY B 61 -22.83 -37.76 -37.73
N ILE B 62 -21.65 -37.60 -37.13
CA ILE B 62 -21.40 -36.70 -35.98
C ILE B 62 -21.26 -35.25 -36.49
N ALA B 63 -20.37 -35.00 -37.47
CA ALA B 63 -20.15 -33.63 -38.02
C ALA B 63 -19.63 -33.63 -39.46
N ASP B 64 -20.02 -32.59 -40.20
CA ASP B 64 -19.42 -32.13 -41.48
C ASP B 64 -18.14 -31.33 -41.21
N ALA B 65 -17.48 -30.77 -42.24
CA ALA B 65 -16.24 -29.98 -42.05
C ALA B 65 -15.87 -29.17 -43.30
N ILE B 66 -15.35 -27.96 -43.08
CA ILE B 66 -14.66 -27.12 -44.08
C ILE B 66 -13.18 -27.12 -43.71
N LEU B 67 -12.31 -27.46 -44.66
CA LEU B 67 -10.86 -27.56 -44.40
C LEU B 67 -10.21 -26.29 -44.94
N VAL B 68 -9.58 -25.51 -44.08
CA VAL B 68 -8.93 -24.24 -44.45
C VAL B 68 -7.45 -24.51 -44.29
N GLY B 69 -6.68 -24.31 -45.36
CA GLY B 69 -5.22 -24.45 -45.34
C GLY B 69 -4.69 -24.72 -46.74
N ASP B 70 -3.51 -25.33 -46.82
CA ASP B 70 -2.74 -25.57 -48.07
C ASP B 70 -3.42 -26.66 -48.90
N HIS B 71 -4.01 -26.28 -50.04
CA HIS B 71 -4.83 -27.20 -50.86
C HIS B 71 -4.03 -28.46 -51.13
N ASP B 72 -2.79 -28.30 -51.58
CA ASP B 72 -2.00 -29.40 -52.16
C ASP B 72 -1.65 -30.38 -51.03
N GLU B 73 -1.08 -29.90 -49.91
CA GLU B 73 -0.75 -30.72 -48.71
C GLU B 73 -2.02 -31.40 -48.18
N ILE B 74 -3.11 -30.67 -47.97
CA ILE B 74 -4.40 -31.23 -47.45
C ILE B 74 -4.80 -32.41 -48.36
N VAL B 75 -4.91 -32.17 -49.67
CA VAL B 75 -5.34 -33.19 -50.67
C VAL B 75 -4.40 -34.41 -50.66
N SER B 76 -3.06 -34.19 -50.57
CA SER B 76 -2.03 -35.26 -50.42
C SER B 76 -2.37 -36.18 -49.23
N ILE B 77 -2.53 -35.59 -48.05
CA ILE B 77 -2.69 -36.34 -46.76
C ILE B 77 -4.03 -37.12 -46.80
N ALA B 78 -5.04 -36.60 -47.50
CA ALA B 78 -6.42 -37.15 -47.55
C ALA B 78 -6.45 -38.51 -48.28
N LEU B 79 -5.72 -38.62 -49.39
CA LEU B 79 -5.60 -39.87 -50.20
C LEU B 79 -4.98 -40.94 -49.30
N LYS B 80 -3.86 -40.61 -48.65
CA LYS B 80 -3.10 -41.53 -47.74
C LYS B 80 -4.07 -42.20 -46.76
N ILE B 81 -5.05 -41.46 -46.23
CA ILE B 81 -5.91 -41.87 -45.08
C ILE B 81 -7.29 -42.35 -45.56
N GLY B 82 -7.50 -42.48 -46.88
CA GLY B 82 -8.76 -42.97 -47.46
C GLY B 82 -9.93 -42.10 -47.04
N MET B 83 -9.80 -40.79 -47.28
CA MET B 83 -10.85 -39.80 -46.92
C MET B 83 -11.35 -39.17 -48.22
N ASP B 84 -12.63 -39.31 -48.55
CA ASP B 84 -13.09 -38.78 -49.85
C ASP B 84 -12.91 -37.26 -49.83
N VAL B 85 -12.20 -36.72 -50.81
CA VAL B 85 -11.93 -35.26 -50.81
C VAL B 85 -13.21 -34.58 -51.28
N ASN B 86 -13.99 -35.31 -52.08
CA ASN B 86 -15.25 -34.72 -52.63
C ASN B 86 -16.36 -34.63 -51.57
N ASP B 87 -16.13 -35.13 -50.34
CA ASP B 87 -17.07 -35.02 -49.19
C ASP B 87 -17.02 -33.63 -48.54
N PHE B 88 -15.96 -32.84 -48.76
CA PHE B 88 -15.67 -31.59 -48.00
C PHE B 88 -15.19 -30.45 -48.90
N GLU B 89 -15.66 -29.24 -48.60
CA GLU B 89 -15.13 -27.96 -49.14
C GLU B 89 -13.70 -27.78 -48.64
N ILE B 90 -12.85 -27.14 -49.43
CA ILE B 90 -11.43 -26.84 -49.04
C ILE B 90 -11.11 -25.40 -49.45
N VAL B 91 -11.20 -24.43 -48.53
CA VAL B 91 -10.74 -23.03 -48.82
C VAL B 91 -9.22 -23.06 -48.76
N ASN B 92 -8.56 -22.81 -49.89
CA ASN B 92 -7.08 -22.88 -50.02
C ASN B 92 -6.49 -21.58 -49.45
N GLU B 93 -5.76 -21.69 -48.34
CA GLU B 93 -4.87 -20.63 -47.82
C GLU B 93 -3.52 -21.24 -47.42
N PRO B 94 -2.42 -20.96 -48.17
CA PRO B 94 -1.11 -21.48 -47.80
C PRO B 94 -0.59 -20.87 -46.49
N ASN B 95 -0.63 -19.55 -46.34
CA ASN B 95 -0.25 -18.80 -45.10
C ASN B 95 -0.94 -19.43 -43.89
N VAL B 96 -0.19 -19.82 -42.86
CA VAL B 96 -0.74 -20.50 -41.65
C VAL B 96 -1.59 -19.52 -40.82
N LYS B 97 -1.08 -18.32 -40.54
CA LYS B 97 -1.77 -17.31 -39.69
C LYS B 97 -3.09 -16.90 -40.35
N LYS B 98 -3.13 -16.81 -41.69
CA LYS B 98 -4.34 -16.38 -42.43
C LYS B 98 -5.31 -17.54 -42.50
N ALA B 99 -4.79 -18.77 -42.63
CA ALA B 99 -5.60 -20.01 -42.72
C ALA B 99 -6.44 -20.11 -41.43
N ALA B 100 -5.81 -19.89 -40.27
CA ALA B 100 -6.47 -19.89 -38.94
C ALA B 100 -7.57 -18.84 -38.89
N LEU B 101 -7.27 -17.58 -39.23
CA LEU B 101 -8.23 -16.44 -39.18
C LEU B 101 -9.42 -16.67 -40.10
N LYS B 102 -9.22 -17.42 -41.18
CA LYS B 102 -10.27 -17.67 -42.19
C LYS B 102 -11.21 -18.74 -41.64
N ALA B 103 -10.70 -19.68 -40.84
CA ALA B 103 -11.52 -20.75 -40.22
C ALA B 103 -12.50 -20.12 -39.24
N VAL B 104 -12.05 -19.06 -38.57
CA VAL B 104 -12.83 -18.32 -37.55
C VAL B 104 -13.81 -17.38 -38.25
N GLU B 105 -13.35 -16.70 -39.31
CA GLU B 105 -14.20 -15.86 -40.20
C GLU B 105 -15.38 -16.70 -40.71
N LEU B 106 -15.16 -17.98 -41.02
CA LEU B 106 -16.21 -18.89 -41.55
C LEU B 106 -17.29 -19.09 -40.47
N VAL B 107 -16.87 -19.10 -39.20
CA VAL B 107 -17.76 -19.37 -38.04
C VAL B 107 -18.38 -18.04 -37.58
N SER B 108 -17.62 -16.95 -37.53
CA SER B 108 -18.17 -15.66 -37.04
C SER B 108 -19.31 -15.19 -37.94
N THR B 109 -19.31 -15.62 -39.21
CA THR B 109 -20.32 -15.21 -40.24
C THR B 109 -21.28 -16.38 -40.47
N GLY B 110 -21.31 -17.32 -39.54
CA GLY B 110 -22.24 -18.47 -39.56
C GLY B 110 -22.31 -19.13 -40.91
N LYS B 111 -21.16 -19.46 -41.51
CA LYS B 111 -21.04 -20.47 -42.60
C LYS B 111 -20.51 -21.80 -42.04
N ALA B 112 -20.33 -21.84 -40.71
CA ALA B 112 -19.76 -22.94 -39.89
C ALA B 112 -20.09 -22.73 -38.40
N ASP B 113 -20.18 -23.85 -37.66
CA ASP B 113 -20.77 -23.93 -36.29
C ASP B 113 -19.70 -23.95 -35.20
N MET B 114 -18.47 -24.35 -35.56
CA MET B 114 -17.35 -24.68 -34.64
C MET B 114 -16.01 -24.43 -35.34
N VAL B 115 -14.91 -24.30 -34.56
CA VAL B 115 -13.50 -24.28 -35.04
C VAL B 115 -12.77 -25.44 -34.39
N MET B 116 -11.87 -26.10 -35.14
CA MET B 116 -10.93 -27.14 -34.65
C MET B 116 -9.49 -26.69 -34.93
N LYS B 117 -8.68 -26.38 -33.91
CA LYS B 117 -7.23 -26.09 -34.13
C LYS B 117 -6.66 -27.26 -34.93
N GLY B 118 -5.93 -26.95 -36.00
CA GLY B 118 -5.21 -27.90 -36.86
C GLY B 118 -3.72 -27.82 -36.61
N LEU B 119 -2.92 -27.47 -37.63
CA LEU B 119 -1.42 -27.58 -37.64
C LEU B 119 -0.82 -26.24 -37.21
N VAL B 120 -1.34 -25.65 -36.13
CA VAL B 120 -1.02 -24.28 -35.59
C VAL B 120 -0.70 -24.41 -34.11
N ASN B 121 0.25 -23.63 -33.59
CA ASN B 121 0.51 -23.57 -32.12
C ASN B 121 -0.70 -22.88 -31.47
N THR B 122 -1.06 -23.36 -30.27
CA THR B 122 -2.35 -23.02 -29.59
C THR B 122 -2.45 -21.50 -29.38
N ALA B 123 -1.32 -20.77 -29.35
CA ALA B 123 -1.23 -19.31 -29.10
C ALA B 123 -1.77 -18.50 -30.29
N THR B 124 -1.18 -18.68 -31.48
CA THR B 124 -1.62 -18.06 -32.75
C THR B 124 -3.09 -18.44 -33.05
N PHE B 125 -3.46 -19.71 -32.88
CA PHE B 125 -4.86 -20.19 -33.00
C PHE B 125 -5.77 -19.32 -32.13
N LEU B 126 -5.39 -19.17 -30.86
CA LEU B 126 -6.25 -18.52 -29.84
C LEU B 126 -6.31 -17.01 -30.08
N ARG B 127 -5.29 -16.42 -30.70
CA ARG B 127 -5.33 -14.99 -31.13
C ARG B 127 -6.47 -14.79 -32.14
N SER B 128 -6.67 -15.76 -33.03
CA SER B 128 -7.60 -15.71 -34.18
C SER B 128 -9.05 -15.88 -33.71
N VAL B 129 -9.26 -16.87 -32.85
CA VAL B 129 -10.52 -17.09 -32.08
C VAL B 129 -10.89 -15.75 -31.44
N LEU B 130 -9.89 -15.08 -30.86
CA LEU B 130 -10.07 -13.81 -30.10
C LEU B 130 -10.03 -12.59 -31.03
N ASN B 131 -9.83 -12.75 -32.33
CA ASN B 131 -9.68 -11.58 -33.24
C ASN B 131 -10.86 -10.62 -33.06
N LYS B 132 -10.58 -9.35 -32.78
CA LYS B 132 -11.60 -8.29 -32.54
C LYS B 132 -12.30 -7.93 -33.86
N GLU B 133 -11.71 -8.26 -35.01
CA GLU B 133 -12.23 -7.86 -36.36
C GLU B 133 -13.16 -8.95 -36.89
N VAL B 134 -12.80 -10.24 -36.85
CA VAL B 134 -13.62 -11.37 -37.43
C VAL B 134 -13.80 -12.53 -36.44
N GLY B 135 -13.31 -12.39 -35.20
CA GLY B 135 -13.26 -13.47 -34.20
C GLY B 135 -14.62 -13.85 -33.62
N LEU B 136 -14.60 -14.61 -32.53
CA LEU B 136 -15.78 -15.18 -31.84
C LEU B 136 -15.91 -14.52 -30.45
N ARG B 137 -15.12 -13.48 -30.22
CA ARG B 137 -15.12 -12.67 -28.99
C ARG B 137 -16.55 -12.28 -28.62
N THR B 138 -16.81 -12.15 -27.32
CA THR B 138 -18.16 -11.94 -26.73
C THR B 138 -18.05 -10.88 -25.63
N GLY B 139 -19.04 -10.78 -24.73
CA GLY B 139 -18.89 -10.05 -23.45
C GLY B 139 -18.21 -10.89 -22.37
N LYS B 140 -18.62 -12.16 -22.24
CA LYS B 140 -18.20 -13.12 -21.20
C LYS B 140 -16.73 -13.50 -21.39
N THR B 141 -16.14 -14.13 -20.39
CA THR B 141 -14.78 -14.76 -20.42
C THR B 141 -14.85 -16.09 -21.17
N MET B 142 -13.75 -16.47 -21.82
CA MET B 142 -13.60 -17.79 -22.47
C MET B 142 -13.16 -18.76 -21.38
N SER B 143 -13.59 -20.01 -21.44
CA SER B 143 -13.27 -21.05 -20.43
C SER B 143 -13.17 -22.40 -21.14
N HIS B 144 -12.33 -23.31 -20.65
CA HIS B 144 -12.30 -24.73 -21.09
C HIS B 144 -13.24 -25.55 -20.20
N VAL B 145 -13.97 -26.49 -20.80
CA VAL B 145 -14.78 -27.51 -20.09
C VAL B 145 -14.32 -28.89 -20.57
N ALA B 146 -13.59 -29.62 -19.73
CA ALA B 146 -13.31 -31.07 -19.87
C ALA B 146 -14.51 -31.87 -19.32
N VAL B 147 -14.84 -33.01 -19.95
CA VAL B 147 -15.90 -33.98 -19.52
C VAL B 147 -15.30 -35.39 -19.48
N PHE B 148 -15.71 -36.19 -18.48
CA PHE B 148 -15.12 -37.50 -18.13
C PHE B 148 -16.18 -38.54 -17.83
N GLU B 149 -15.98 -39.76 -18.36
CA GLU B 149 -16.78 -40.96 -18.01
C GLU B 149 -15.88 -41.94 -17.27
N THR B 150 -16.10 -42.09 -15.95
CA THR B 150 -15.28 -42.94 -15.04
C THR B 150 -15.92 -44.30 -14.74
N GLU B 151 -15.09 -45.33 -14.56
CA GLU B 151 -15.53 -46.66 -14.06
C GLU B 151 -16.30 -46.47 -12.75
N LYS B 152 -15.94 -45.48 -11.90
CA LYS B 152 -16.33 -45.43 -10.46
C LYS B 152 -17.53 -44.49 -10.18
N PHE B 153 -17.94 -43.64 -11.11
CA PHE B 153 -19.06 -42.69 -10.87
C PHE B 153 -19.98 -42.71 -12.08
N ASP B 154 -21.27 -42.96 -11.85
CA ASP B 154 -22.23 -43.36 -12.91
C ASP B 154 -22.56 -42.14 -13.76
N ARG B 155 -22.74 -40.97 -13.15
CA ARG B 155 -22.96 -39.65 -13.83
C ARG B 155 -21.66 -39.16 -14.50
N LEU B 156 -21.80 -38.22 -15.44
CA LEU B 156 -20.67 -37.51 -16.11
C LEU B 156 -20.07 -36.51 -15.14
N LEU B 157 -18.74 -36.33 -15.23
CA LEU B 157 -17.92 -35.39 -14.43
C LEU B 157 -17.34 -34.32 -15.37
N PHE B 158 -17.67 -33.05 -15.13
CA PHE B 158 -17.18 -31.89 -15.93
C PHE B 158 -16.20 -31.06 -15.10
N LEU B 159 -15.00 -30.77 -15.63
CA LEU B 159 -13.96 -29.94 -14.99
C LEU B 159 -13.80 -28.65 -15.77
N THR B 160 -14.01 -27.50 -15.13
CA THR B 160 -13.69 -26.12 -15.60
C THR B 160 -13.05 -25.40 -14.44
N ASP B 161 -12.03 -24.55 -14.65
CA ASP B 161 -11.32 -24.39 -15.90
C ASP B 161 -9.94 -25.04 -15.77
N VAL B 162 -9.58 -25.93 -16.70
CA VAL B 162 -8.38 -26.81 -16.58
C VAL B 162 -7.22 -26.35 -17.49
N ALA B 163 -7.42 -25.34 -18.36
CA ALA B 163 -6.56 -25.09 -19.55
C ALA B 163 -6.29 -23.59 -19.79
N PHE B 164 -7.34 -22.80 -19.97
CA PHE B 164 -7.22 -21.43 -20.51
C PHE B 164 -6.96 -20.46 -19.36
N ASN B 165 -7.90 -20.38 -18.42
CA ASN B 165 -7.92 -19.34 -17.34
C ASN B 165 -7.00 -19.74 -16.19
N THR B 166 -6.01 -18.90 -15.87
CA THR B 166 -4.87 -19.24 -14.96
C THR B 166 -5.30 -18.98 -13.49
N TYR B 167 -5.44 -17.72 -13.07
CA TYR B 167 -5.79 -17.38 -11.67
C TYR B 167 -7.05 -16.54 -11.70
N PRO B 168 -8.17 -17.11 -12.15
CA PRO B 168 -9.40 -16.35 -12.27
C PRO B 168 -9.91 -15.96 -10.89
N GLU B 169 -10.48 -14.76 -10.78
CA GLU B 169 -11.11 -14.25 -9.53
C GLU B 169 -12.61 -14.29 -9.76
N LEU B 170 -13.40 -13.82 -8.80
CA LEU B 170 -14.88 -13.91 -8.83
C LEU B 170 -15.43 -13.49 -10.21
N LYS B 171 -15.00 -12.37 -10.78
CA LYS B 171 -15.61 -11.84 -12.03
C LYS B 171 -15.58 -12.97 -13.05
N GLU B 172 -14.39 -13.53 -13.27
CA GLU B 172 -14.12 -14.66 -14.20
C GLU B 172 -14.89 -15.92 -13.77
N LYS B 173 -14.88 -16.29 -12.49
CA LYS B 173 -15.44 -17.59 -12.00
C LYS B 173 -16.94 -17.61 -12.27
N ILE B 174 -17.64 -16.50 -12.07
CA ILE B 174 -19.08 -16.40 -12.44
C ILE B 174 -19.23 -16.91 -13.87
N ASP B 175 -18.43 -16.42 -14.80
CA ASP B 175 -18.58 -16.70 -16.25
C ASP B 175 -18.14 -18.14 -16.49
N ILE B 176 -17.03 -18.53 -15.86
CA ILE B 176 -16.51 -19.91 -15.94
C ILE B 176 -17.65 -20.85 -15.55
N VAL B 177 -18.44 -20.50 -14.52
CA VAL B 177 -19.61 -21.35 -14.08
C VAL B 177 -20.70 -21.32 -15.16
N ASN B 178 -21.20 -20.14 -15.55
CA ASN B 178 -22.22 -20.03 -16.62
C ASN B 178 -21.81 -20.81 -17.88
N ASN B 179 -20.56 -20.69 -18.33
CA ASN B 179 -20.09 -21.39 -19.55
C ASN B 179 -20.25 -22.90 -19.33
N SER B 180 -19.79 -23.45 -18.20
CA SER B 180 -19.89 -24.91 -17.95
C SER B 180 -21.36 -25.31 -17.81
N VAL B 181 -22.24 -24.49 -17.24
CA VAL B 181 -23.64 -24.96 -17.02
C VAL B 181 -24.38 -24.97 -18.38
N LYS B 182 -24.01 -24.10 -19.32
CA LYS B 182 -24.52 -24.16 -20.73
C LYS B 182 -24.25 -25.54 -21.32
N VAL B 183 -23.04 -26.08 -21.10
CA VAL B 183 -22.54 -27.37 -21.64
C VAL B 183 -23.29 -28.53 -20.97
N ALA B 184 -23.51 -28.47 -19.66
CA ALA B 184 -24.32 -29.51 -18.98
C ALA B 184 -25.76 -29.46 -19.48
N HIS B 185 -26.28 -28.25 -19.76
CA HIS B 185 -27.65 -28.01 -20.29
C HIS B 185 -27.77 -28.73 -21.65
N ALA B 186 -26.85 -28.47 -22.58
CA ALA B 186 -26.68 -29.19 -23.86
C ALA B 186 -26.67 -30.73 -23.66
N ILE B 187 -25.96 -31.27 -22.68
CA ILE B 187 -25.81 -32.75 -22.48
C ILE B 187 -27.10 -33.31 -21.86
N GLY B 188 -27.96 -32.45 -21.29
CA GLY B 188 -29.34 -32.81 -20.87
C GLY B 188 -29.50 -32.84 -19.36
N ILE B 189 -28.48 -32.39 -18.62
CA ILE B 189 -28.59 -32.14 -17.16
C ILE B 189 -29.37 -30.84 -16.99
N GLU B 190 -30.65 -30.95 -16.60
CA GLU B 190 -31.58 -29.80 -16.42
C GLU B 190 -31.03 -28.80 -15.38
N ASN B 191 -30.54 -29.29 -14.24
CA ASN B 191 -30.31 -28.49 -13.01
C ASN B 191 -29.06 -28.96 -12.28
N PRO B 192 -27.87 -28.78 -12.90
CA PRO B 192 -26.65 -29.45 -12.46
C PRO B 192 -26.02 -28.85 -11.21
N LYS B 193 -25.40 -29.70 -10.42
CA LYS B 193 -24.80 -29.38 -9.11
C LYS B 193 -23.34 -28.95 -9.30
N VAL B 194 -23.06 -27.66 -9.00
CA VAL B 194 -21.73 -26.99 -9.17
C VAL B 194 -21.01 -26.90 -7.80
N ALA B 195 -19.93 -27.67 -7.60
CA ALA B 195 -19.03 -27.63 -6.42
C ALA B 195 -17.76 -26.86 -6.79
N PRO B 196 -17.62 -25.59 -6.33
CA PRO B 196 -16.32 -24.93 -6.27
C PRO B 196 -15.39 -25.79 -5.41
N ILE B 197 -14.35 -26.36 -6.02
CA ILE B 197 -13.40 -27.26 -5.33
C ILE B 197 -12.34 -26.43 -4.61
N CYS B 198 -12.16 -26.72 -3.33
CA CYS B 198 -11.09 -26.21 -2.45
C CYS B 198 -10.47 -27.37 -1.69
N ALA B 199 -9.61 -27.05 -0.75
CA ALA B 199 -8.77 -28.02 -0.02
C ALA B 199 -9.61 -28.56 1.13
N VAL B 200 -10.54 -27.72 1.58
CA VAL B 200 -11.37 -27.92 2.79
C VAL B 200 -12.81 -27.57 2.44
N GLU B 201 -13.79 -28.02 3.24
CA GLU B 201 -15.24 -27.79 2.96
C GLU B 201 -15.76 -26.60 3.78
N VAL B 202 -14.86 -25.69 4.15
CA VAL B 202 -15.02 -24.79 5.33
C VAL B 202 -14.46 -23.40 4.95
N ILE B 203 -15.12 -22.32 5.38
CA ILE B 203 -14.67 -20.93 5.05
C ILE B 203 -13.39 -20.75 5.83
N ASN B 204 -12.32 -20.27 5.18
CA ASN B 204 -10.97 -20.14 5.77
C ASN B 204 -10.34 -18.90 5.18
N PRO B 205 -10.19 -17.80 5.94
CA PRO B 205 -9.93 -16.50 5.32
C PRO B 205 -8.49 -16.37 4.82
N LYS B 206 -7.63 -17.39 5.05
CA LYS B 206 -6.24 -17.51 4.51
C LYS B 206 -6.25 -18.25 3.17
N MET B 207 -7.37 -18.90 2.80
CA MET B 207 -7.60 -19.64 1.51
C MET B 207 -8.64 -18.90 0.65
N PRO B 208 -8.25 -17.96 -0.24
CA PRO B 208 -9.26 -17.17 -0.97
C PRO B 208 -10.20 -17.96 -1.90
N SER B 209 -9.85 -19.22 -2.21
CA SER B 209 -10.73 -20.20 -2.92
C SER B 209 -12.11 -20.22 -2.29
N THR B 210 -12.13 -20.41 -0.97
CA THR B 210 -13.33 -20.69 -0.18
C THR B 210 -14.18 -19.43 -0.14
N LEU B 211 -13.53 -18.25 -0.13
CA LEU B 211 -14.23 -16.95 -0.12
C LEU B 211 -14.99 -16.78 -1.45
N ASP B 212 -14.31 -16.92 -2.59
CA ASP B 212 -14.97 -16.98 -3.93
C ASP B 212 -16.13 -17.99 -3.92
N ALA B 213 -15.97 -19.17 -3.30
CA ALA B 213 -16.93 -20.29 -3.27
C ALA B 213 -18.21 -19.93 -2.48
N ALA B 214 -18.04 -19.31 -1.31
CA ALA B 214 -19.14 -18.76 -0.47
C ALA B 214 -20.00 -17.77 -1.29
N MET B 215 -19.35 -16.99 -2.15
CA MET B 215 -20.00 -15.85 -2.84
C MET B 215 -20.78 -16.31 -4.07
N LEU B 216 -20.17 -17.17 -4.89
CA LEU B 216 -20.83 -17.91 -5.99
C LEU B 216 -22.05 -18.62 -5.42
N SER B 217 -21.93 -19.18 -4.22
CA SER B 217 -22.97 -20.01 -3.58
C SER B 217 -24.16 -19.12 -3.18
N LYS B 218 -23.89 -17.92 -2.66
CA LYS B 218 -24.98 -16.96 -2.30
C LYS B 218 -25.66 -16.53 -3.60
N MET B 219 -24.84 -16.25 -4.61
CA MET B 219 -25.25 -15.90 -5.99
C MET B 219 -26.23 -16.93 -6.58
N SER B 220 -25.90 -18.22 -6.61
CA SER B 220 -26.88 -19.30 -6.91
C SER B 220 -28.12 -19.15 -5.98
N ASP B 221 -27.94 -19.00 -4.66
CA ASP B 221 -29.08 -18.98 -3.72
C ASP B 221 -30.05 -17.90 -4.16
N ARG B 222 -29.58 -16.78 -4.71
CA ARG B 222 -30.42 -15.58 -4.97
C ARG B 222 -30.84 -15.49 -6.45
N GLY B 223 -30.46 -16.44 -7.30
CA GLY B 223 -30.74 -16.40 -8.76
C GLY B 223 -29.87 -15.45 -9.58
N GLN B 224 -28.74 -14.96 -9.08
CA GLN B 224 -27.81 -14.17 -9.92
C GLN B 224 -27.09 -15.14 -10.86
N ILE B 225 -26.90 -16.37 -10.43
CA ILE B 225 -26.49 -17.50 -11.29
C ILE B 225 -27.70 -18.44 -11.36
N LYS B 226 -28.10 -18.84 -12.57
CA LYS B 226 -29.33 -19.63 -12.84
C LYS B 226 -29.00 -21.00 -13.48
N GLY B 227 -30.00 -21.90 -13.44
CA GLY B 227 -29.99 -23.15 -14.21
C GLY B 227 -29.15 -24.22 -13.53
N CYS B 228 -28.81 -24.02 -12.27
CA CYS B 228 -27.92 -24.90 -11.48
C CYS B 228 -28.20 -24.74 -9.99
N VAL B 229 -27.46 -25.47 -9.17
CA VAL B 229 -27.27 -25.15 -7.74
C VAL B 229 -25.75 -25.13 -7.57
N VAL B 230 -25.23 -24.08 -6.92
CA VAL B 230 -23.79 -23.97 -6.57
C VAL B 230 -23.68 -24.06 -5.05
N ASP B 231 -22.84 -24.96 -4.54
CA ASP B 231 -22.59 -25.06 -3.07
C ASP B 231 -21.11 -25.33 -2.86
N GLY B 232 -20.35 -24.31 -2.48
CA GLY B 232 -18.95 -24.48 -2.06
C GLY B 232 -18.63 -23.56 -0.89
N PRO B 233 -17.43 -23.70 -0.30
CA PRO B 233 -16.43 -24.65 -0.76
C PRO B 233 -16.78 -26.09 -0.36
N LEU B 234 -16.07 -27.01 -1.01
CA LEU B 234 -16.23 -28.48 -0.90
C LEU B 234 -14.89 -29.05 -1.31
N ALA B 235 -14.28 -29.91 -0.49
CA ALA B 235 -13.10 -30.70 -0.91
C ALA B 235 -13.57 -31.67 -1.99
N LEU B 236 -12.64 -32.30 -2.69
CA LEU B 236 -13.01 -33.13 -3.86
C LEU B 236 -13.70 -34.43 -3.41
N ASP B 237 -13.38 -34.99 -2.25
CA ASP B 237 -14.11 -36.19 -1.73
C ASP B 237 -15.57 -35.83 -1.44
N ILE B 238 -15.83 -34.70 -0.79
CA ILE B 238 -17.20 -34.23 -0.43
C ILE B 238 -18.05 -34.03 -1.69
N ALA B 239 -17.48 -33.48 -2.76
CA ALA B 239 -18.18 -33.20 -4.05
C ALA B 239 -18.53 -34.48 -4.82
N LEU B 240 -17.58 -35.43 -4.93
CA LEU B 240 -17.73 -36.76 -5.61
C LEU B 240 -18.69 -37.70 -4.87
N SER B 241 -18.47 -37.94 -3.59
CA SER B 241 -18.92 -39.16 -2.88
C SER B 241 -19.93 -38.83 -1.77
N GLU B 242 -20.97 -39.65 -1.69
CA GLU B 242 -22.01 -39.60 -0.63
C GLU B 242 -21.43 -40.11 0.69
N GLU B 243 -20.63 -41.18 0.63
CA GLU B 243 -19.99 -41.80 1.82
C GLU B 243 -19.08 -40.76 2.52
N ALA B 244 -18.22 -40.07 1.75
CA ALA B 244 -17.31 -39.02 2.23
C ALA B 244 -18.09 -37.81 2.76
N ALA B 245 -19.02 -37.29 1.96
CA ALA B 245 -19.89 -36.18 2.38
C ALA B 245 -20.52 -36.52 3.73
N HIS B 246 -21.02 -37.75 3.93
CA HIS B 246 -21.64 -38.17 5.22
C HIS B 246 -20.57 -38.27 6.30
N HIS B 247 -19.42 -38.87 6.01
CA HIS B 247 -18.30 -38.94 6.97
C HIS B 247 -18.05 -37.55 7.55
N LYS B 248 -18.05 -36.46 6.76
CA LYS B 248 -17.72 -35.09 7.28
C LYS B 248 -19.00 -34.24 7.51
N GLY B 249 -20.19 -34.87 7.50
CA GLY B 249 -21.48 -34.28 7.86
C GLY B 249 -21.86 -33.06 7.04
N VAL B 250 -21.64 -33.10 5.72
CA VAL B 250 -21.96 -31.98 4.79
C VAL B 250 -23.27 -32.31 4.10
N THR B 251 -24.25 -31.44 4.20
CA THR B 251 -25.62 -31.73 3.70
C THR B 251 -25.91 -30.75 2.57
N GLY B 252 -27.08 -30.86 1.96
CA GLY B 252 -27.51 -29.98 0.87
C GLY B 252 -27.50 -30.73 -0.44
N GLU B 253 -27.61 -30.00 -1.55
CA GLU B 253 -27.99 -30.57 -2.86
C GLU B 253 -26.76 -31.01 -3.64
N VAL B 254 -25.53 -30.72 -3.19
CA VAL B 254 -24.34 -30.88 -4.08
C VAL B 254 -23.37 -31.92 -3.49
N ALA B 255 -23.18 -31.93 -2.17
CA ALA B 255 -22.27 -32.92 -1.56
C ALA B 255 -22.67 -34.30 -2.09
N GLY B 256 -21.66 -35.07 -2.55
CA GLY B 256 -21.78 -36.42 -3.11
C GLY B 256 -22.57 -36.50 -4.41
N LYS B 257 -22.97 -35.37 -5.03
CA LYS B 257 -23.82 -35.40 -6.26
C LYS B 257 -23.29 -34.43 -7.33
N ALA B 258 -22.06 -33.93 -7.17
CA ALA B 258 -21.53 -32.86 -8.05
C ALA B 258 -21.45 -33.36 -9.50
N ASP B 259 -22.10 -32.62 -10.39
CA ASP B 259 -21.94 -32.74 -11.86
C ASP B 259 -20.72 -31.90 -12.28
N ILE B 260 -20.69 -30.61 -11.88
CA ILE B 260 -19.59 -29.67 -12.26
C ILE B 260 -18.66 -29.36 -11.09
N PHE B 261 -17.35 -29.53 -11.30
CA PHE B 261 -16.22 -29.27 -10.36
C PHE B 261 -15.50 -28.02 -10.82
N LEU B 262 -15.84 -26.88 -10.24
CA LEU B 262 -15.19 -25.60 -10.60
C LEU B 262 -13.82 -25.62 -9.90
N MET B 263 -12.74 -25.59 -10.66
CA MET B 263 -11.37 -25.61 -10.09
C MET B 263 -11.03 -24.17 -9.70
N PRO B 264 -10.27 -24.02 -8.61
CA PRO B 264 -9.94 -22.71 -8.06
C PRO B 264 -8.89 -21.96 -8.91
N ASN B 265 -8.03 -22.69 -9.60
CA ASN B 265 -7.07 -22.10 -10.57
C ASN B 265 -6.60 -23.20 -11.54
N ILE B 266 -5.73 -22.84 -12.48
CA ILE B 266 -5.13 -23.78 -13.47
C ILE B 266 -4.33 -24.90 -12.78
N GLU B 267 -3.49 -24.60 -11.79
CA GLU B 267 -2.52 -25.58 -11.20
C GLU B 267 -3.28 -26.83 -10.75
N THR B 268 -4.26 -26.66 -9.84
CA THR B 268 -5.19 -27.71 -9.32
C THR B 268 -5.94 -28.38 -10.46
N GLY B 269 -6.44 -27.57 -11.39
CA GLY B 269 -7.31 -28.04 -12.47
C GLY B 269 -6.56 -28.96 -13.41
N ASN B 270 -5.28 -28.65 -13.65
CA ASN B 270 -4.39 -29.32 -14.63
C ASN B 270 -3.92 -30.66 -14.06
N VAL B 271 -3.52 -30.63 -12.80
CA VAL B 271 -3.04 -31.82 -12.03
C VAL B 271 -4.23 -32.79 -11.91
N MET B 272 -5.45 -32.28 -11.76
CA MET B 272 -6.60 -33.19 -11.66
C MET B 272 -6.82 -33.92 -12.99
N TYR B 273 -6.94 -33.16 -14.09
CA TYR B 273 -7.17 -33.65 -15.47
C TYR B 273 -6.13 -34.74 -15.80
N LYS B 274 -4.85 -34.46 -15.55
CA LYS B 274 -3.72 -35.30 -16.00
C LYS B 274 -3.63 -36.52 -15.09
N THR B 275 -4.08 -36.39 -13.85
CA THR B 275 -4.17 -37.56 -12.93
C THR B 275 -5.16 -38.56 -13.52
N LEU B 276 -6.37 -38.10 -13.82
CA LEU B 276 -7.39 -38.90 -14.54
C LEU B 276 -6.81 -39.46 -15.84
N THR B 277 -6.20 -38.59 -16.66
CA THR B 277 -5.78 -38.86 -18.05
C THR B 277 -4.63 -39.87 -18.02
N TYR B 278 -3.70 -39.80 -17.06
CA TYR B 278 -2.47 -40.66 -16.97
C TYR B 278 -2.57 -41.77 -15.91
N THR B 279 -3.69 -41.92 -15.19
CA THR B 279 -3.77 -42.94 -14.11
C THR B 279 -5.04 -43.76 -14.24
N THR B 280 -5.86 -43.40 -15.22
CA THR B 280 -7.23 -43.95 -15.46
C THR B 280 -7.38 -44.18 -16.98
N ASP B 281 -8.33 -45.04 -17.34
CA ASP B 281 -8.72 -45.37 -18.74
C ASP B 281 -10.11 -44.79 -18.94
N SER B 282 -10.32 -43.54 -18.51
CA SER B 282 -11.64 -42.84 -18.51
C SER B 282 -11.81 -42.18 -19.87
N LYS B 283 -12.92 -42.46 -20.54
CA LYS B 283 -13.29 -41.76 -21.79
C LYS B 283 -13.47 -40.28 -21.43
N ASN B 284 -12.87 -39.40 -22.21
CA ASN B 284 -12.87 -37.94 -21.94
C ASN B 284 -12.82 -37.14 -23.25
N GLY B 285 -13.46 -35.98 -23.23
CA GLY B 285 -13.37 -34.94 -24.26
C GLY B 285 -13.29 -33.59 -23.61
N GLY B 286 -12.95 -32.58 -24.41
CA GLY B 286 -12.79 -31.20 -23.94
C GLY B 286 -13.14 -30.24 -25.05
N ILE B 287 -13.77 -29.11 -24.69
CA ILE B 287 -14.08 -28.01 -25.63
C ILE B 287 -13.78 -26.68 -24.94
N LEU B 288 -13.58 -25.63 -25.71
CA LEU B 288 -13.60 -24.22 -25.24
C LEU B 288 -14.99 -23.64 -25.50
N VAL B 289 -15.55 -22.97 -24.48
CA VAL B 289 -16.87 -22.26 -24.55
C VAL B 289 -16.70 -20.80 -24.06
N GLY B 290 -17.76 -20.00 -24.08
CA GLY B 290 -17.75 -18.58 -23.68
C GLY B 290 -17.71 -17.68 -24.89
N THR B 291 -16.94 -18.06 -25.89
CA THR B 291 -16.97 -17.50 -27.26
C THR B 291 -18.38 -17.59 -27.83
N SER B 292 -18.61 -16.90 -28.95
CA SER B 292 -19.88 -16.86 -29.72
C SER B 292 -20.21 -18.24 -30.31
N ALA B 293 -19.20 -19.11 -30.53
CA ALA B 293 -19.37 -20.50 -30.99
C ALA B 293 -18.35 -21.41 -30.30
N PRO B 294 -18.68 -22.69 -30.07
CA PRO B 294 -17.73 -23.61 -29.45
C PRO B 294 -16.47 -23.79 -30.29
N VAL B 295 -15.36 -23.99 -29.59
CA VAL B 295 -14.01 -24.20 -30.14
C VAL B 295 -13.56 -25.60 -29.74
N VAL B 296 -13.02 -26.39 -30.67
CA VAL B 296 -12.34 -27.65 -30.32
C VAL B 296 -10.85 -27.35 -30.35
N LEU B 297 -10.08 -27.82 -29.38
CA LEU B 297 -8.63 -27.54 -29.29
C LEU B 297 -7.93 -28.76 -28.67
N THR B 298 -7.46 -29.67 -29.53
CA THR B 298 -6.79 -30.94 -29.13
C THR B 298 -5.27 -30.73 -29.25
N SER B 299 -4.51 -31.64 -28.65
CA SER B 299 -3.03 -31.73 -28.76
C SER B 299 -2.68 -33.10 -29.35
N ARG B 300 -1.44 -33.27 -29.79
CA ARG B 300 -0.99 -34.60 -30.27
C ARG B 300 -1.03 -35.56 -29.08
N ALA B 301 -1.17 -35.03 -27.85
CA ALA B 301 -1.37 -35.78 -26.57
C ALA B 301 -2.76 -36.44 -26.47
N ASP B 302 -3.78 -35.82 -27.10
CA ASP B 302 -5.15 -36.38 -27.08
C ASP B 302 -5.27 -37.54 -28.06
N SER B 303 -6.08 -38.55 -27.72
CA SER B 303 -6.29 -39.73 -28.60
C SER B 303 -7.31 -39.41 -29.68
N HIS B 304 -7.45 -40.30 -30.65
CA HIS B 304 -8.47 -40.13 -31.71
C HIS B 304 -9.86 -40.10 -31.07
N GLU B 305 -10.10 -41.00 -30.11
CA GLU B 305 -11.41 -41.07 -29.42
C GLU B 305 -11.66 -39.77 -28.65
N THR B 306 -10.63 -39.23 -27.99
CA THR B 306 -10.78 -37.92 -27.30
C THR B 306 -11.18 -36.89 -28.35
N LYS B 307 -10.41 -36.78 -29.43
CA LYS B 307 -10.74 -35.86 -30.56
C LYS B 307 -12.17 -36.07 -31.04
N MET B 308 -12.63 -37.32 -31.15
CA MET B 308 -14.02 -37.68 -31.52
C MET B 308 -14.97 -37.10 -30.50
N ASN B 309 -14.84 -37.54 -29.24
CA ASN B 309 -15.63 -37.07 -28.07
C ASN B 309 -15.70 -35.54 -28.04
N SER B 310 -14.55 -34.89 -28.32
CA SER B 310 -14.40 -33.42 -28.33
C SER B 310 -15.26 -32.83 -29.44
N ILE B 311 -15.05 -33.22 -30.69
CA ILE B 311 -15.96 -32.79 -31.80
C ILE B 311 -17.39 -33.12 -31.35
N ALA B 312 -17.61 -34.34 -30.89
CA ALA B 312 -18.94 -34.81 -30.49
C ALA B 312 -19.59 -33.78 -29.55
N LEU B 313 -18.87 -33.30 -28.54
CA LEU B 313 -19.40 -32.32 -27.52
C LEU B 313 -19.69 -30.98 -28.19
N ALA B 314 -18.69 -30.43 -28.87
CA ALA B 314 -18.74 -29.16 -29.62
C ALA B 314 -19.99 -29.12 -30.50
N ALA B 315 -20.39 -30.28 -31.04
CA ALA B 315 -21.62 -30.44 -31.84
C ALA B 315 -22.84 -30.19 -30.96
N LEU B 316 -23.00 -30.97 -29.89
CA LEU B 316 -24.19 -30.89 -28.98
C LEU B 316 -24.44 -29.44 -28.51
N VAL B 317 -23.39 -28.75 -28.10
CA VAL B 317 -23.38 -27.34 -27.68
C VAL B 317 -23.96 -26.49 -28.82
N ALA B 318 -23.42 -26.63 -30.04
CA ALA B 318 -23.73 -25.75 -31.20
C ALA B 318 -25.17 -25.97 -31.65
N GLY B 319 -25.76 -27.13 -31.32
CA GLY B 319 -27.19 -27.43 -31.53
C GLY B 319 -28.03 -27.12 -30.30
N ASN B 320 -27.74 -26.00 -29.61
CA ASN B 320 -28.43 -25.57 -28.35
C ASN B 320 -28.12 -24.09 -28.06
N VAL C 15 -51.55 -8.44 12.33
CA VAL C 15 -50.12 -8.83 12.55
C VAL C 15 -50.04 -10.35 12.70
N PRO C 16 -49.61 -11.11 11.65
CA PRO C 16 -49.47 -12.55 11.76
C PRO C 16 -48.56 -12.97 12.94
N ARG C 17 -48.89 -14.13 13.54
CA ARG C 17 -48.42 -14.62 14.87
C ARG C 17 -47.15 -15.47 14.73
N GLY C 18 -46.14 -15.13 15.53
CA GLY C 18 -44.80 -15.76 15.52
C GLY C 18 -44.84 -17.13 16.17
N SER C 19 -43.97 -18.03 15.67
CA SER C 19 -43.94 -19.46 16.05
C SER C 19 -42.84 -19.69 17.10
N HIS C 20 -42.35 -18.65 17.78
CA HIS C 20 -41.46 -18.74 18.96
C HIS C 20 -42.30 -18.99 20.23
N MET C 21 -41.63 -19.32 21.33
CA MET C 21 -42.22 -19.50 22.68
C MET C 21 -42.26 -18.13 23.40
N ILE C 22 -41.22 -17.29 23.21
CA ILE C 22 -41.02 -15.97 23.87
C ILE C 22 -41.05 -14.90 22.77
N LYS C 23 -42.00 -13.97 22.86
CA LYS C 23 -42.13 -12.87 21.87
C LYS C 23 -42.35 -11.50 22.53
N SER C 24 -42.10 -11.34 23.82
CA SER C 24 -42.40 -10.07 24.51
C SER C 24 -41.57 -9.93 25.79
N PHE C 25 -41.49 -8.72 26.33
CA PHE C 25 -40.72 -8.44 27.57
C PHE C 25 -41.48 -8.91 28.83
N ASN C 26 -42.81 -9.04 28.81
CA ASN C 26 -43.54 -9.55 30.00
C ASN C 26 -43.25 -11.04 30.06
N GLU C 27 -43.20 -11.72 28.92
CA GLU C 27 -42.80 -13.15 28.89
C GLU C 27 -41.34 -13.25 29.37
N ILE C 28 -40.50 -12.27 29.03
CA ILE C 28 -39.04 -12.26 29.34
C ILE C 28 -38.82 -12.19 30.86
N ILE C 29 -39.62 -11.36 31.53
CA ILE C 29 -39.47 -11.00 32.97
C ILE C 29 -40.08 -12.10 33.83
N MET C 30 -41.12 -12.77 33.35
CA MET C 30 -41.77 -13.90 34.07
C MET C 30 -40.87 -15.15 34.02
N LYS C 31 -40.02 -15.25 33.00
CA LYS C 31 -39.03 -16.33 32.91
C LYS C 31 -37.96 -16.02 33.94
N VAL C 32 -37.48 -14.78 33.97
CA VAL C 32 -36.44 -14.29 34.94
C VAL C 32 -36.88 -14.71 36.35
N LYS C 33 -38.16 -14.46 36.65
CA LYS C 33 -38.84 -14.73 37.94
C LYS C 33 -39.04 -16.21 38.12
N SER C 34 -39.08 -16.99 37.06
CA SER C 34 -39.27 -18.46 37.20
C SER C 34 -37.97 -19.11 37.68
N LYS C 35 -36.92 -18.32 38.00
CA LYS C 35 -35.51 -18.80 38.15
C LYS C 35 -34.75 -18.16 39.34
N GLU C 36 -33.77 -18.90 39.88
CA GLU C 36 -32.86 -18.45 40.96
C GLU C 36 -32.40 -17.03 40.68
N MET C 37 -32.54 -16.16 41.69
CA MET C 37 -32.18 -14.72 41.64
C MET C 37 -30.71 -14.56 41.28
N LYS C 38 -30.38 -13.77 40.28
CA LYS C 38 -28.97 -13.47 39.97
C LYS C 38 -28.56 -12.15 40.65
N LYS C 39 -27.25 -11.89 40.80
CA LYS C 39 -26.70 -10.75 41.58
C LYS C 39 -26.04 -9.75 40.62
N VAL C 40 -26.37 -8.45 40.74
CA VAL C 40 -25.78 -7.34 39.92
C VAL C 40 -24.79 -6.58 40.80
N ALA C 41 -23.54 -6.43 40.38
CA ALA C 41 -22.63 -5.43 40.96
C ALA C 41 -22.94 -4.09 40.30
N VAL C 42 -23.44 -3.10 41.04
CA VAL C 42 -23.62 -1.72 40.48
C VAL C 42 -22.27 -1.01 40.63
N ALA C 43 -21.69 -0.49 39.53
CA ALA C 43 -20.32 0.05 39.58
C ALA C 43 -20.16 1.25 40.51
N VAL C 44 -20.84 2.37 40.25
CA VAL C 44 -20.81 3.50 41.21
C VAL C 44 -22.26 3.69 41.60
N ALA C 45 -22.65 3.13 42.74
CA ALA C 45 -24.09 3.05 43.10
C ALA C 45 -24.73 4.39 43.48
N GLN C 46 -23.99 5.47 43.62
CA GLN C 46 -24.64 6.73 44.04
C GLN C 46 -25.35 7.35 42.84
N ASP C 47 -26.34 6.65 42.27
CA ASP C 47 -27.10 7.15 41.08
C ASP C 47 -28.57 6.81 41.32
N GLU C 48 -29.42 7.81 41.51
CA GLU C 48 -30.84 7.57 41.87
C GLU C 48 -31.57 6.79 40.75
N PRO C 49 -31.61 7.20 39.46
CA PRO C 49 -32.30 6.40 38.44
C PRO C 49 -31.87 4.93 38.38
N VAL C 50 -30.59 4.61 38.68
CA VAL C 50 -30.09 3.21 38.71
C VAL C 50 -30.54 2.54 40.03
N LEU C 51 -30.44 3.25 41.14
CA LEU C 51 -30.96 2.74 42.45
C LEU C 51 -32.48 2.62 42.36
N GLU C 52 -33.21 3.55 41.74
CA GLU C 52 -34.64 3.35 41.41
C GLU C 52 -34.80 1.99 40.71
N ALA C 53 -34.14 1.80 39.57
CA ALA C 53 -34.13 0.52 38.79
C ALA C 53 -33.82 -0.70 39.68
N VAL C 54 -32.85 -0.59 40.58
CA VAL C 54 -32.27 -1.78 41.26
C VAL C 54 -33.22 -2.17 42.39
N ARG C 55 -33.87 -1.18 43.00
CA ARG C 55 -34.95 -1.38 44.00
C ARG C 55 -36.02 -2.30 43.38
N ASP C 56 -36.61 -1.85 42.25
CA ASP C 56 -37.78 -2.48 41.58
C ASP C 56 -37.37 -3.88 41.12
N ALA C 57 -36.14 -4.04 40.66
CA ALA C 57 -35.53 -5.35 40.35
C ALA C 57 -35.64 -6.30 41.54
N LYS C 58 -35.53 -5.80 42.76
CA LYS C 58 -35.52 -6.60 44.01
C LYS C 58 -36.96 -6.84 44.48
N LYS C 59 -37.78 -5.78 44.52
CA LYS C 59 -39.24 -5.88 44.81
C LYS C 59 -39.82 -7.04 44.01
N ASN C 60 -39.60 -7.06 42.69
CA ASN C 60 -40.35 -7.92 41.73
C ASN C 60 -39.54 -9.18 41.37
N GLY C 61 -38.45 -9.45 42.09
CA GLY C 61 -37.80 -10.77 42.09
C GLY C 61 -37.00 -11.03 40.82
N ILE C 62 -36.36 -9.98 40.26
CA ILE C 62 -35.64 -10.00 38.96
C ILE C 62 -34.14 -10.16 39.22
N ALA C 63 -33.58 -9.45 40.21
CA ALA C 63 -32.13 -9.47 40.54
C ALA C 63 -31.83 -8.91 41.93
N ASP C 64 -30.90 -9.57 42.63
CA ASP C 64 -30.18 -9.07 43.84
C ASP C 64 -29.06 -8.12 43.42
N ALA C 65 -28.64 -7.20 44.28
CA ALA C 65 -27.55 -6.26 43.94
C ALA C 65 -26.57 -6.08 45.09
N ILE C 66 -25.29 -5.98 44.73
CA ILE C 66 -24.18 -5.41 45.53
C ILE C 66 -23.98 -3.96 45.06
N LEU C 67 -24.05 -3.00 45.98
CA LEU C 67 -23.92 -1.57 45.62
C LEU C 67 -22.50 -1.15 45.95
N VAL C 68 -21.69 -0.79 44.95
CA VAL C 68 -20.23 -0.53 45.12
C VAL C 68 -19.98 0.94 44.91
N GLY C 69 -19.43 1.62 45.90
CA GLY C 69 -19.30 3.08 45.86
C GLY C 69 -19.33 3.68 47.26
N ASP C 70 -19.71 4.96 47.31
CA ASP C 70 -19.70 5.81 48.52
C ASP C 70 -20.90 5.45 49.41
N HIS C 71 -20.67 4.62 50.42
CA HIS C 71 -21.71 4.03 51.33
C HIS C 71 -22.64 5.16 51.83
N ASP C 72 -22.08 6.30 52.19
CA ASP C 72 -22.86 7.41 52.81
C ASP C 72 -23.95 7.89 51.84
N GLU C 73 -23.63 8.07 50.55
CA GLU C 73 -24.57 8.69 49.58
C GLU C 73 -25.58 7.64 49.10
N ILE C 74 -25.12 6.40 48.91
CA ILE C 74 -25.97 5.22 48.60
C ILE C 74 -27.07 5.15 49.66
N VAL C 75 -26.74 5.27 50.95
CA VAL C 75 -27.71 5.10 52.08
C VAL C 75 -28.65 6.31 52.14
N SER C 76 -28.15 7.47 51.73
CA SER C 76 -28.94 8.73 51.69
C SER C 76 -30.02 8.57 50.63
N ILE C 77 -29.56 8.29 49.41
CA ILE C 77 -30.42 8.15 48.20
C ILE C 77 -31.40 7.00 48.49
N ALA C 78 -30.94 5.93 49.12
CA ALA C 78 -31.79 4.78 49.49
C ALA C 78 -32.97 5.28 50.34
N LEU C 79 -32.70 6.16 51.32
CA LEU C 79 -33.73 6.75 52.21
C LEU C 79 -34.70 7.58 51.38
N LYS C 80 -34.16 8.41 50.48
CA LYS C 80 -34.92 9.32 49.60
C LYS C 80 -35.92 8.53 48.73
N ILE C 81 -35.63 7.29 48.31
CA ILE C 81 -36.44 6.51 47.31
C ILE C 81 -37.20 5.37 48.01
N GLY C 82 -37.19 5.34 49.33
CA GLY C 82 -37.67 4.17 50.10
C GLY C 82 -37.13 2.87 49.55
N MET C 83 -35.80 2.73 49.40
CA MET C 83 -35.08 1.44 49.18
C MET C 83 -34.54 0.98 50.54
N ASP C 84 -34.83 -0.25 50.98
CA ASP C 84 -34.41 -0.79 52.30
C ASP C 84 -33.00 -1.42 52.20
N VAL C 85 -31.97 -0.69 52.63
CA VAL C 85 -30.52 -1.03 52.43
C VAL C 85 -30.17 -2.39 53.05
N ASN C 86 -31.00 -2.91 53.95
CA ASN C 86 -30.80 -4.25 54.53
C ASN C 86 -31.05 -5.32 53.46
N ASP C 87 -31.70 -4.97 52.33
CA ASP C 87 -32.05 -5.92 51.22
C ASP C 87 -30.88 -6.07 50.22
N PHE C 88 -29.67 -5.61 50.58
CA PHE C 88 -28.54 -5.36 49.63
C PHE C 88 -27.20 -5.19 50.37
N GLU C 89 -26.18 -5.98 50.01
CA GLU C 89 -24.77 -5.76 50.40
C GLU C 89 -24.28 -4.45 49.80
N ILE C 90 -23.61 -3.62 50.60
CA ILE C 90 -22.91 -2.40 50.09
C ILE C 90 -21.41 -2.58 50.30
N VAL C 91 -20.61 -2.12 49.34
CA VAL C 91 -19.13 -2.13 49.44
C VAL C 91 -18.69 -0.68 49.32
N ASN C 92 -17.99 -0.17 50.33
CA ASN C 92 -17.60 1.26 50.46
C ASN C 92 -16.32 1.50 49.64
N GLU C 93 -16.46 2.16 48.50
CA GLU C 93 -15.35 2.66 47.66
C GLU C 93 -15.73 4.08 47.29
N PRO C 94 -15.34 5.06 48.11
CA PRO C 94 -15.65 6.46 47.85
C PRO C 94 -14.96 6.90 46.55
N ASN C 95 -13.89 6.19 46.16
CA ASN C 95 -13.10 6.48 44.93
C ASN C 95 -13.80 5.90 43.70
N VAL C 96 -14.31 6.79 42.86
CA VAL C 96 -15.09 6.41 41.66
C VAL C 96 -14.29 5.37 40.87
N LYS C 97 -13.11 5.71 40.34
CA LYS C 97 -12.40 4.82 39.38
C LYS C 97 -12.24 3.43 40.00
N LYS C 98 -11.86 3.39 41.28
CA LYS C 98 -11.65 2.13 42.04
C LYS C 98 -12.98 1.40 42.30
N ALA C 99 -14.10 2.15 42.40
CA ALA C 99 -15.47 1.62 42.64
C ALA C 99 -15.96 0.79 41.44
N ALA C 100 -15.82 1.33 40.22
CA ALA C 100 -16.12 0.64 38.94
C ALA C 100 -15.27 -0.64 38.80
N LEU C 101 -13.98 -0.55 39.06
CA LEU C 101 -13.05 -1.70 39.03
C LEU C 101 -13.48 -2.78 40.01
N LYS C 102 -14.03 -2.40 41.16
CA LYS C 102 -14.33 -3.36 42.26
C LYS C 102 -15.58 -4.13 41.86
N ALA C 103 -16.58 -3.41 41.37
CA ALA C 103 -17.84 -3.98 40.85
C ALA C 103 -17.46 -5.02 39.80
N VAL C 104 -16.54 -4.67 38.90
CA VAL C 104 -16.03 -5.61 37.87
C VAL C 104 -15.29 -6.81 38.48
N GLU C 105 -14.44 -6.62 39.50
CA GLU C 105 -13.63 -7.71 40.13
C GLU C 105 -14.56 -8.69 40.84
N LEU C 106 -15.53 -8.17 41.57
CA LEU C 106 -16.59 -9.00 42.19
C LEU C 106 -17.18 -9.94 41.15
N VAL C 107 -17.35 -9.48 39.91
CA VAL C 107 -18.02 -10.29 38.85
C VAL C 107 -17.06 -11.39 38.41
N SER C 108 -15.84 -11.02 38.05
CA SER C 108 -14.79 -11.92 37.54
C SER C 108 -14.37 -12.97 38.57
N THR C 109 -14.68 -12.78 39.85
CA THR C 109 -14.31 -13.72 40.95
C THR C 109 -15.60 -14.37 41.47
N GLY C 110 -16.61 -14.43 40.62
CA GLY C 110 -17.93 -15.08 40.82
C GLY C 110 -18.57 -14.75 42.16
N LYS C 111 -18.63 -13.49 42.52
CA LYS C 111 -19.36 -13.05 43.74
C LYS C 111 -20.64 -12.31 43.34
N ALA C 112 -20.76 -11.93 42.07
CA ALA C 112 -21.99 -11.44 41.43
C ALA C 112 -21.98 -11.83 39.94
N ASP C 113 -23.12 -11.88 39.30
CA ASP C 113 -23.32 -12.57 38.00
C ASP C 113 -23.22 -11.58 36.82
N MET C 114 -23.45 -10.28 37.02
CA MET C 114 -23.48 -9.24 35.95
C MET C 114 -23.05 -7.89 36.50
N VAL C 115 -22.56 -6.97 35.66
CA VAL C 115 -22.17 -5.58 36.07
C VAL C 115 -23.17 -4.58 35.52
N MET C 116 -23.44 -3.51 36.26
CA MET C 116 -24.24 -2.32 35.84
C MET C 116 -23.39 -1.08 36.00
N LYS C 117 -23.42 -0.15 35.04
CA LYS C 117 -22.80 1.20 35.17
C LYS C 117 -23.72 2.07 36.02
N GLY C 118 -23.14 2.72 37.04
CA GLY C 118 -23.80 3.78 37.82
C GLY C 118 -23.27 5.17 37.46
N LEU C 119 -22.77 5.94 38.45
CA LEU C 119 -22.33 7.36 38.29
C LEU C 119 -20.86 7.37 37.85
N VAL C 120 -20.61 6.83 36.67
CA VAL C 120 -19.28 6.77 36.02
C VAL C 120 -19.51 7.20 34.58
N ASN C 121 -18.53 7.82 33.96
CA ASN C 121 -18.54 8.04 32.49
C ASN C 121 -18.38 6.67 31.78
N THR C 122 -18.94 6.56 30.59
CA THR C 122 -18.98 5.31 29.79
C THR C 122 -17.55 4.76 29.58
N ALA C 123 -16.58 5.61 29.20
CA ALA C 123 -15.19 5.21 28.85
C ALA C 123 -14.48 4.51 30.01
N THR C 124 -14.53 5.13 31.19
CA THR C 124 -13.99 4.65 32.49
C THR C 124 -14.56 3.25 32.81
N PHE C 125 -15.88 3.17 32.98
CA PHE C 125 -16.65 1.92 33.20
C PHE C 125 -16.17 0.82 32.25
N LEU C 126 -15.92 1.17 30.98
CA LEU C 126 -15.60 0.20 29.89
C LEU C 126 -14.14 -0.22 29.99
N ARG C 127 -13.24 0.76 30.22
CA ARG C 127 -11.82 0.47 30.50
C ARG C 127 -11.78 -0.44 31.73
N SER C 128 -12.67 -0.21 32.70
CA SER C 128 -12.87 -1.08 33.89
C SER C 128 -13.24 -2.52 33.47
N VAL C 129 -14.30 -2.71 32.68
CA VAL C 129 -14.83 -4.05 32.29
C VAL C 129 -13.72 -4.81 31.54
N LEU C 130 -12.95 -4.08 30.73
CA LEU C 130 -11.87 -4.63 29.86
C LEU C 130 -10.52 -4.66 30.61
N ASN C 131 -10.51 -4.37 31.91
CA ASN C 131 -9.26 -4.44 32.71
C ASN C 131 -8.57 -5.79 32.47
N LYS C 132 -7.25 -5.76 32.35
CA LYS C 132 -6.41 -6.93 31.97
C LYS C 132 -6.31 -7.89 33.17
N GLU C 133 -6.32 -7.36 34.40
CA GLU C 133 -5.99 -8.12 35.65
C GLU C 133 -7.26 -8.70 36.30
N VAL C 134 -8.30 -7.88 36.45
CA VAL C 134 -9.54 -8.24 37.20
C VAL C 134 -10.76 -8.20 36.27
N GLY C 135 -10.59 -7.76 35.03
CA GLY C 135 -11.68 -7.45 34.09
C GLY C 135 -12.39 -8.69 33.60
N LEU C 136 -13.07 -8.57 32.47
CA LEU C 136 -13.99 -9.62 31.99
C LEU C 136 -13.62 -10.08 30.58
N ARG C 137 -12.36 -9.98 30.17
CA ARG C 137 -11.97 -10.37 28.78
C ARG C 137 -12.07 -11.89 28.65
N THR C 138 -12.50 -12.35 27.47
CA THR C 138 -12.53 -13.77 27.08
C THR C 138 -11.67 -13.99 25.84
N GLY C 139 -11.31 -12.95 25.10
CA GLY C 139 -10.49 -13.08 23.89
C GLY C 139 -11.31 -12.97 22.61
N LYS C 140 -12.55 -13.49 22.59
CA LYS C 140 -13.55 -13.16 21.54
C LYS C 140 -13.94 -11.69 21.73
N THR C 141 -14.53 -11.05 20.73
CA THR C 141 -14.78 -9.59 20.76
C THR C 141 -16.05 -9.33 21.59
N MET C 142 -16.11 -8.21 22.29
CA MET C 142 -17.31 -7.79 23.08
C MET C 142 -18.26 -7.07 22.12
N SER C 143 -19.57 -7.25 22.23
CA SER C 143 -20.57 -6.55 21.36
C SER C 143 -21.83 -6.14 22.14
N HIS C 144 -22.57 -5.13 21.67
CA HIS C 144 -23.87 -4.68 22.27
C HIS C 144 -25.03 -5.37 21.54
N VAL C 145 -25.94 -6.03 22.27
CA VAL C 145 -27.18 -6.58 21.71
C VAL C 145 -28.33 -5.75 22.24
N ALA C 146 -29.16 -5.17 21.38
CA ALA C 146 -30.39 -4.42 21.75
C ALA C 146 -31.60 -5.27 21.44
N VAL C 147 -32.56 -5.44 22.35
CA VAL C 147 -33.80 -6.24 22.08
C VAL C 147 -35.04 -5.33 22.17
N PHE C 148 -35.92 -5.46 21.17
CA PHE C 148 -37.11 -4.59 20.95
C PHE C 148 -38.35 -5.48 20.72
N GLU C 149 -39.50 -4.97 21.15
CA GLU C 149 -40.86 -5.56 20.99
C GLU C 149 -41.70 -4.51 20.26
N THR C 150 -41.85 -4.62 18.95
CA THR C 150 -42.58 -3.65 18.09
C THR C 150 -44.05 -4.03 18.05
N GLU C 151 -44.94 -3.04 17.91
CA GLU C 151 -46.38 -3.28 17.58
C GLU C 151 -46.45 -4.22 16.39
N LYS C 152 -45.79 -3.87 15.30
CA LYS C 152 -46.08 -4.43 13.97
C LYS C 152 -45.56 -5.86 13.81
N PHE C 153 -44.69 -6.38 14.70
CA PHE C 153 -44.15 -7.75 14.55
C PHE C 153 -44.25 -8.56 15.85
N ASP C 154 -44.91 -9.74 15.81
CA ASP C 154 -45.14 -10.60 17.01
C ASP C 154 -43.90 -11.46 17.27
N ARG C 155 -42.76 -10.79 17.40
CA ARG C 155 -41.42 -11.42 17.42
C ARG C 155 -40.44 -10.44 18.07
N LEU C 156 -39.65 -10.88 19.04
CA LEU C 156 -38.58 -10.00 19.55
C LEU C 156 -37.59 -9.81 18.40
N LEU C 157 -37.19 -8.57 18.17
CA LEU C 157 -36.06 -8.24 17.25
C LEU C 157 -34.79 -8.02 18.07
N PHE C 158 -33.67 -8.65 17.67
CA PHE C 158 -32.33 -8.40 18.23
C PHE C 158 -31.49 -7.65 17.19
N LEU C 159 -30.82 -6.58 17.62
CA LEU C 159 -29.99 -5.73 16.73
C LEU C 159 -28.57 -5.73 17.26
N THR C 160 -27.57 -6.05 16.42
CA THR C 160 -26.16 -6.10 16.85
C THR C 160 -25.31 -5.49 15.72
N ASP C 161 -24.11 -4.98 16.01
CA ASP C 161 -23.77 -4.11 17.17
C ASP C 161 -24.25 -2.68 16.90
N VAL C 162 -25.01 -2.11 17.84
CA VAL C 162 -25.60 -0.76 17.66
C VAL C 162 -24.81 0.27 18.47
N ALA C 163 -23.92 -0.16 19.36
CA ALA C 163 -23.26 0.81 20.26
C ALA C 163 -21.73 0.66 20.35
N PHE C 164 -21.18 -0.54 20.22
CA PHE C 164 -19.72 -0.69 20.47
C PHE C 164 -18.90 -0.80 19.19
N ASN C 165 -18.90 -1.98 18.56
CA ASN C 165 -18.07 -2.20 17.34
C ASN C 165 -18.43 -1.14 16.31
N THR C 166 -17.42 -0.47 15.76
CA THR C 166 -17.69 0.67 14.84
C THR C 166 -17.65 0.15 13.41
N TYR C 167 -16.54 -0.44 12.97
CA TYR C 167 -16.36 -0.93 11.58
C TYR C 167 -15.94 -2.39 11.57
N PRO C 168 -16.76 -3.31 12.09
CA PRO C 168 -16.33 -4.70 12.21
C PRO C 168 -16.08 -5.34 10.83
N GLU C 169 -15.01 -6.14 10.72
CA GLU C 169 -14.74 -6.99 9.53
C GLU C 169 -15.11 -8.45 9.90
N LEU C 170 -14.96 -9.37 8.97
CA LEU C 170 -15.51 -10.74 9.10
C LEU C 170 -15.08 -11.38 10.43
N LYS C 171 -13.84 -11.23 10.85
CA LYS C 171 -13.34 -11.84 12.12
C LYS C 171 -14.28 -11.42 13.26
N GLU C 172 -14.57 -10.12 13.40
CA GLU C 172 -15.45 -9.53 14.45
C GLU C 172 -16.92 -9.93 14.26
N LYS C 173 -17.41 -9.97 13.03
CA LYS C 173 -18.87 -10.17 12.74
C LYS C 173 -19.24 -11.58 13.22
N ILE C 174 -18.30 -12.52 13.11
CA ILE C 174 -18.46 -13.94 13.55
C ILE C 174 -18.72 -13.96 15.05
N ASP C 175 -17.89 -13.29 15.86
CA ASP C 175 -18.16 -13.18 17.31
C ASP C 175 -19.42 -12.37 17.56
N ILE C 176 -19.62 -11.19 16.92
CA ILE C 176 -20.89 -10.39 17.07
C ILE C 176 -22.11 -11.31 16.83
N VAL C 177 -22.01 -12.24 15.87
CA VAL C 177 -23.10 -13.20 15.54
C VAL C 177 -23.25 -14.23 16.67
N ASN C 178 -22.18 -14.88 17.10
CA ASN C 178 -22.22 -15.94 18.15
C ASN C 178 -22.79 -15.36 19.46
N ASN C 179 -22.49 -14.11 19.78
CA ASN C 179 -22.94 -13.44 21.03
C ASN C 179 -24.45 -13.21 20.93
N SER C 180 -24.93 -12.63 19.84
CA SER C 180 -26.35 -12.60 19.44
C SER C 180 -27.07 -13.92 19.76
N VAL C 181 -26.50 -15.06 19.35
CA VAL C 181 -27.18 -16.39 19.38
C VAL C 181 -27.32 -16.85 20.83
N LYS C 182 -26.25 -16.69 21.62
CA LYS C 182 -26.20 -16.88 23.09
C LYS C 182 -27.31 -16.10 23.78
N VAL C 183 -27.54 -14.83 23.45
CA VAL C 183 -28.64 -14.05 24.07
C VAL C 183 -29.97 -14.70 23.68
N ALA C 184 -30.22 -14.92 22.38
CA ALA C 184 -31.44 -15.54 21.85
C ALA C 184 -31.67 -16.88 22.58
N HIS C 185 -30.67 -17.75 22.64
CA HIS C 185 -30.79 -19.03 23.39
C HIS C 185 -31.26 -18.79 24.83
N ALA C 186 -30.67 -17.80 25.51
CA ALA C 186 -31.02 -17.48 26.91
C ALA C 186 -32.47 -17.01 27.00
N ILE C 187 -32.93 -16.24 26.03
CA ILE C 187 -34.35 -15.77 25.99
C ILE C 187 -35.23 -17.01 25.85
N GLY C 188 -34.81 -18.01 25.07
CA GLY C 188 -35.65 -19.19 24.82
C GLY C 188 -35.78 -19.51 23.35
N ILE C 189 -35.10 -18.78 22.47
CA ILE C 189 -35.11 -19.12 21.02
C ILE C 189 -33.93 -20.06 20.76
N GLU C 190 -34.20 -21.36 20.56
CA GLU C 190 -33.14 -22.38 20.39
C GLU C 190 -32.58 -22.38 18.97
N ASN C 191 -33.37 -21.90 18.01
CA ASN C 191 -32.89 -21.81 16.60
C ASN C 191 -33.19 -20.45 15.96
N PRO C 192 -32.45 -19.40 16.33
CA PRO C 192 -32.70 -18.03 15.85
C PRO C 192 -32.38 -17.89 14.35
N LYS C 193 -32.96 -16.88 13.72
CA LYS C 193 -32.74 -16.61 12.27
C LYS C 193 -31.98 -15.29 12.10
N VAL C 194 -30.76 -15.34 11.57
CA VAL C 194 -29.92 -14.11 11.53
C VAL C 194 -29.73 -13.65 10.09
N ALA C 195 -29.95 -12.36 9.93
CA ALA C 195 -29.92 -11.64 8.65
C ALA C 195 -28.87 -10.55 8.76
N PRO C 196 -27.73 -10.74 8.02
CA PRO C 196 -26.75 -9.69 7.86
C PRO C 196 -27.43 -8.66 6.95
N ILE C 197 -27.90 -7.57 7.52
CA ILE C 197 -28.58 -6.44 6.83
C ILE C 197 -27.51 -5.74 5.98
N CYS C 198 -27.78 -5.51 4.70
CA CYS C 198 -27.05 -4.56 3.81
C CYS C 198 -28.08 -3.78 3.00
N ALA C 199 -27.68 -3.13 1.91
CA ALA C 199 -28.58 -2.24 1.14
C ALA C 199 -29.46 -3.08 0.23
N VAL C 200 -28.92 -4.22 -0.22
CA VAL C 200 -29.47 -5.07 -1.30
C VAL C 200 -29.51 -6.49 -0.77
N GLU C 201 -30.15 -7.37 -1.53
CA GLU C 201 -30.28 -8.81 -1.18
C GLU C 201 -29.39 -9.66 -2.08
N VAL C 202 -28.42 -9.06 -2.78
CA VAL C 202 -27.59 -9.73 -3.84
C VAL C 202 -26.13 -9.45 -3.53
N ILE C 203 -25.23 -10.30 -4.00
CA ILE C 203 -23.76 -10.07 -3.90
C ILE C 203 -23.40 -8.97 -4.87
N ASN C 204 -22.74 -7.96 -4.34
CA ASN C 204 -22.18 -6.83 -5.12
C ASN C 204 -20.74 -6.65 -4.67
N PRO C 205 -19.75 -6.88 -5.58
CA PRO C 205 -18.33 -6.65 -5.29
C PRO C 205 -17.99 -5.26 -4.74
N LYS C 206 -18.80 -4.24 -5.06
CA LYS C 206 -18.50 -2.83 -4.72
C LYS C 206 -19.03 -2.54 -3.31
N MET C 207 -19.59 -3.55 -2.64
CA MET C 207 -20.28 -3.49 -1.33
C MET C 207 -19.74 -4.58 -0.42
N PRO C 208 -18.66 -4.31 0.34
CA PRO C 208 -18.10 -5.28 1.30
C PRO C 208 -19.07 -6.02 2.22
N SER C 209 -20.08 -5.33 2.77
CA SER C 209 -21.14 -5.88 3.67
C SER C 209 -21.66 -7.24 3.17
N THR C 210 -21.89 -7.31 1.85
CA THR C 210 -22.61 -8.38 1.11
C THR C 210 -21.70 -9.58 0.96
N LEU C 211 -20.43 -9.32 0.67
CA LEU C 211 -19.36 -10.34 0.68
C LEU C 211 -19.29 -10.97 2.08
N ASP C 212 -19.13 -10.14 3.13
CA ASP C 212 -19.12 -10.57 4.56
C ASP C 212 -20.39 -11.41 4.82
N ALA C 213 -21.57 -10.93 4.41
CA ALA C 213 -22.85 -11.65 4.63
C ALA C 213 -22.74 -13.03 3.98
N ALA C 214 -22.25 -13.13 2.75
CA ALA C 214 -22.13 -14.40 2.04
C ALA C 214 -21.29 -15.39 2.86
N MET C 215 -20.20 -14.95 3.48
CA MET C 215 -19.19 -15.89 4.04
C MET C 215 -19.67 -16.41 5.40
N LEU C 216 -20.37 -15.57 6.17
CA LEU C 216 -21.08 -15.95 7.42
C LEU C 216 -22.15 -16.97 7.05
N SER C 217 -22.83 -16.78 5.92
CA SER C 217 -23.95 -17.64 5.54
C SER C 217 -23.40 -19.02 5.22
N LYS C 218 -22.27 -19.12 4.51
CA LYS C 218 -21.68 -20.44 4.25
C LYS C 218 -21.19 -21.05 5.58
N MET C 219 -20.64 -20.24 6.47
CA MET C 219 -20.14 -20.73 7.77
C MET C 219 -21.33 -21.34 8.53
N SER C 220 -22.49 -20.67 8.53
CA SER C 220 -23.71 -21.16 9.20
C SER C 220 -24.03 -22.53 8.62
N ASP C 221 -23.99 -22.63 7.30
CA ASP C 221 -24.40 -23.84 6.55
C ASP C 221 -23.49 -25.02 6.90
N ARG C 222 -22.21 -24.80 7.20
CA ARG C 222 -21.23 -25.90 7.43
C ARG C 222 -21.06 -26.18 8.91
N GLY C 223 -21.87 -25.53 9.74
CA GLY C 223 -21.83 -25.61 11.21
C GLY C 223 -20.53 -25.09 11.78
N GLN C 224 -19.91 -24.05 11.19
CA GLN C 224 -18.81 -23.27 11.82
C GLN C 224 -19.41 -22.25 12.81
N ILE C 225 -20.51 -21.60 12.45
CA ILE C 225 -21.44 -20.88 13.38
C ILE C 225 -22.58 -21.87 13.70
N LYS C 226 -22.92 -22.01 14.97
CA LYS C 226 -23.88 -23.06 15.43
C LYS C 226 -25.13 -22.48 16.10
N GLY C 227 -26.19 -23.29 16.13
CA GLY C 227 -27.40 -22.99 16.90
C GLY C 227 -28.18 -21.86 16.30
N CYS C 228 -28.11 -21.69 14.99
CA CYS C 228 -28.80 -20.60 14.26
C CYS C 228 -28.85 -20.91 12.77
N VAL C 229 -29.54 -20.07 12.01
CA VAL C 229 -29.48 -20.03 10.52
C VAL C 229 -29.08 -18.59 10.17
N VAL C 230 -27.95 -18.46 9.52
CA VAL C 230 -27.46 -17.15 9.01
C VAL C 230 -27.73 -17.20 7.52
N ASP C 231 -28.51 -16.27 6.99
CA ASP C 231 -28.74 -16.09 5.53
C ASP C 231 -28.78 -14.60 5.23
N GLY C 232 -27.78 -14.12 4.49
CA GLY C 232 -27.72 -12.80 3.85
C GLY C 232 -26.78 -12.79 2.64
N PRO C 233 -26.55 -11.62 2.01
CA PRO C 233 -27.14 -10.36 2.44
C PRO C 233 -28.66 -10.35 2.27
N LEU C 234 -29.32 -9.51 3.05
CA LEU C 234 -30.78 -9.24 2.92
C LEU C 234 -30.97 -7.77 3.26
N ALA C 235 -31.80 -7.05 2.51
CA ALA C 235 -32.18 -5.67 2.91
C ALA C 235 -33.14 -5.76 4.09
N LEU C 236 -33.35 -4.66 4.80
CA LEU C 236 -34.09 -4.74 6.08
C LEU C 236 -35.49 -5.21 5.78
N ASP C 237 -36.14 -4.70 4.73
CA ASP C 237 -37.56 -5.03 4.42
C ASP C 237 -37.70 -6.55 4.21
N ILE C 238 -36.79 -7.20 3.47
CA ILE C 238 -36.85 -8.68 3.26
C ILE C 238 -36.53 -9.39 4.57
N ALA C 239 -35.62 -8.84 5.37
CA ALA C 239 -35.30 -9.41 6.69
C ALA C 239 -36.57 -9.63 7.52
N LEU C 240 -37.47 -8.64 7.72
CA LEU C 240 -38.61 -8.80 8.68
C LEU C 240 -39.92 -9.16 7.99
N SER C 241 -40.30 -8.46 6.92
CA SER C 241 -41.62 -8.61 6.23
C SER C 241 -41.64 -9.90 5.38
N GLU C 242 -42.65 -10.74 5.52
CA GLU C 242 -42.89 -11.91 4.62
C GLU C 242 -43.45 -11.39 3.29
N GLU C 243 -44.27 -10.34 3.36
CA GLU C 243 -44.92 -9.69 2.19
C GLU C 243 -43.80 -9.16 1.28
N ALA C 244 -42.77 -8.49 1.85
CA ALA C 244 -41.60 -7.95 1.12
C ALA C 244 -40.73 -9.08 0.55
N ALA C 245 -40.46 -10.11 1.35
CA ALA C 245 -39.74 -11.34 0.91
C ALA C 245 -40.42 -11.89 -0.34
N HIS C 246 -41.74 -11.92 -0.29
CA HIS C 246 -42.59 -12.58 -1.31
C HIS C 246 -42.52 -11.79 -2.63
N HIS C 247 -42.86 -10.49 -2.60
CA HIS C 247 -42.86 -9.59 -3.79
C HIS C 247 -41.45 -9.45 -4.39
N LYS C 248 -40.38 -9.84 -3.66
CA LYS C 248 -38.97 -9.72 -4.12
C LYS C 248 -38.42 -11.11 -4.47
N GLY C 249 -39.27 -12.12 -4.53
CA GLY C 249 -38.88 -13.49 -4.91
C GLY C 249 -37.78 -14.09 -4.03
N VAL C 250 -37.63 -13.65 -2.78
CA VAL C 250 -36.55 -14.14 -1.87
C VAL C 250 -37.14 -15.14 -0.89
N THR C 251 -36.46 -16.26 -0.81
CA THR C 251 -36.94 -17.56 -0.35
C THR C 251 -35.90 -18.00 0.68
N GLY C 252 -36.26 -18.85 1.62
CA GLY C 252 -35.31 -19.52 2.53
C GLY C 252 -35.78 -19.38 3.95
N GLU C 253 -34.98 -19.86 4.89
CA GLU C 253 -35.40 -19.98 6.30
C GLU C 253 -35.35 -18.63 7.03
N VAL C 254 -34.74 -17.58 6.49
CA VAL C 254 -34.55 -16.30 7.23
C VAL C 254 -35.40 -15.19 6.64
N ALA C 255 -35.52 -15.09 5.31
CA ALA C 255 -36.35 -14.06 4.67
C ALA C 255 -37.76 -14.06 5.31
N GLY C 256 -38.18 -12.88 5.81
CA GLY C 256 -39.49 -12.61 6.43
C GLY C 256 -39.57 -13.03 7.89
N LYS C 257 -38.57 -13.73 8.45
CA LYS C 257 -38.64 -14.37 9.80
C LYS C 257 -37.37 -14.06 10.63
N ALA C 258 -36.60 -13.04 10.27
CA ALA C 258 -35.31 -12.71 10.90
C ALA C 258 -35.48 -12.34 12.38
N ASP C 259 -34.84 -13.10 13.26
CA ASP C 259 -34.81 -12.82 14.71
C ASP C 259 -33.65 -11.87 15.01
N ILE C 260 -32.51 -12.04 14.34
CA ILE C 260 -31.27 -11.25 14.63
C ILE C 260 -30.86 -10.49 13.38
N PHE C 261 -30.61 -9.20 13.56
CA PHE C 261 -30.31 -8.22 12.51
C PHE C 261 -28.88 -7.76 12.72
N LEU C 262 -27.94 -8.37 12.00
CA LEU C 262 -26.51 -8.05 12.13
C LEU C 262 -26.26 -6.83 11.25
N MET C 263 -25.75 -5.76 11.83
CA MET C 263 -25.53 -4.50 11.08
C MET C 263 -24.14 -4.52 10.46
N PRO C 264 -23.99 -3.80 9.33
CA PRO C 264 -22.72 -3.71 8.63
C PRO C 264 -21.79 -2.74 9.35
N ASN C 265 -22.33 -1.89 10.24
CA ASN C 265 -21.50 -0.93 11.01
C ASN C 265 -22.36 -0.12 11.98
N ILE C 266 -21.71 0.56 12.94
CA ILE C 266 -22.28 1.45 14.00
C ILE C 266 -23.23 2.53 13.44
N GLU C 267 -22.94 3.16 12.30
CA GLU C 267 -23.83 4.18 11.68
C GLU C 267 -25.18 3.52 11.40
N THR C 268 -25.16 2.38 10.72
CA THR C 268 -26.38 1.64 10.31
C THR C 268 -27.12 1.19 11.58
N GLY C 269 -26.44 0.49 12.49
CA GLY C 269 -26.98 0.12 13.81
C GLY C 269 -27.54 1.30 14.59
N ASN C 270 -26.75 2.34 14.83
CA ASN C 270 -27.20 3.51 15.61
C ASN C 270 -28.47 4.09 14.99
N VAL C 271 -28.47 4.37 13.70
CA VAL C 271 -29.62 5.05 13.04
C VAL C 271 -30.83 4.13 13.14
N MET C 272 -30.66 2.83 12.93
CA MET C 272 -31.83 1.92 12.99
C MET C 272 -32.46 2.11 14.37
N TYR C 273 -31.58 2.21 15.36
CA TYR C 273 -31.91 2.13 16.80
C TYR C 273 -32.55 3.43 17.24
N LYS C 274 -31.94 4.55 16.89
CA LYS C 274 -32.46 5.90 17.23
C LYS C 274 -33.83 6.09 16.58
N THR C 275 -34.03 5.49 15.40
CA THR C 275 -35.29 5.58 14.64
C THR C 275 -36.37 4.84 15.44
N LEU C 276 -36.13 3.58 15.79
CA LEU C 276 -37.07 2.78 16.61
C LEU C 276 -37.45 3.52 17.90
N THR C 277 -36.52 4.22 18.56
CA THR C 277 -36.79 4.82 19.90
C THR C 277 -37.57 6.13 19.72
N TYR C 278 -37.27 6.96 18.71
CA TYR C 278 -37.89 8.31 18.61
C TYR C 278 -39.09 8.33 17.68
N THR C 279 -39.42 7.21 17.02
CA THR C 279 -40.54 7.16 16.03
C THR C 279 -41.54 6.04 16.35
N THR C 280 -41.31 5.22 17.35
CA THR C 280 -42.31 4.20 17.81
C THR C 280 -42.43 4.37 19.33
N ASP C 281 -43.26 3.54 19.97
CA ASP C 281 -43.24 3.36 21.45
C ASP C 281 -42.88 1.93 21.78
N SER C 282 -41.88 1.35 21.11
CA SER C 282 -41.53 -0.10 21.18
C SER C 282 -40.75 -0.39 22.46
N LYS C 283 -41.18 -1.35 23.28
CA LYS C 283 -40.44 -1.77 24.51
C LYS C 283 -39.07 -2.29 24.09
N ASN C 284 -38.01 -1.91 24.81
CA ASN C 284 -36.62 -2.19 24.38
C ASN C 284 -35.68 -2.31 25.59
N GLY C 285 -34.62 -3.09 25.39
CA GLY C 285 -33.59 -3.33 26.41
C GLY C 285 -32.30 -3.70 25.72
N GLY C 286 -31.16 -3.57 26.41
CA GLY C 286 -29.83 -3.73 25.81
C GLY C 286 -28.84 -4.25 26.82
N ILE C 287 -27.96 -5.18 26.42
CA ILE C 287 -26.75 -5.54 27.19
C ILE C 287 -25.54 -5.58 26.26
N LEU C 288 -24.35 -5.56 26.86
CA LEU C 288 -23.06 -5.95 26.25
C LEU C 288 -22.73 -7.40 26.58
N VAL C 289 -22.24 -8.16 25.60
CA VAL C 289 -21.90 -9.59 25.79
C VAL C 289 -20.59 -9.92 25.07
N GLY C 290 -20.12 -11.15 25.24
CA GLY C 290 -18.83 -11.58 24.65
C GLY C 290 -17.73 -11.49 25.67
N THR C 291 -18.00 -10.78 26.76
CA THR C 291 -17.22 -10.79 28.02
C THR C 291 -17.56 -12.10 28.73
N SER C 292 -16.98 -12.34 29.92
CA SER C 292 -17.13 -13.60 30.70
C SER C 292 -18.45 -13.55 31.48
N ALA C 293 -19.18 -12.44 31.36
CA ALA C 293 -20.40 -12.16 32.14
C ALA C 293 -21.07 -10.95 31.54
N PRO C 294 -22.40 -10.86 31.61
CA PRO C 294 -23.12 -9.83 30.87
C PRO C 294 -22.94 -8.46 31.53
N VAL C 295 -22.97 -7.41 30.72
CA VAL C 295 -22.81 -6.01 31.20
C VAL C 295 -24.01 -5.17 30.83
N VAL C 296 -24.67 -4.58 31.81
CA VAL C 296 -25.75 -3.60 31.58
C VAL C 296 -25.07 -2.26 31.47
N LEU C 297 -25.21 -1.55 30.38
CA LEU C 297 -24.59 -0.21 30.27
C LEU C 297 -25.69 0.82 30.07
N THR C 298 -26.49 1.08 31.08
CA THR C 298 -27.71 1.90 30.94
C THR C 298 -27.35 3.39 30.79
N SER C 299 -28.32 4.25 30.54
CA SER C 299 -28.08 5.66 30.14
C SER C 299 -29.12 6.58 30.77
N ARG C 300 -28.80 7.86 30.88
CA ARG C 300 -29.74 8.88 31.44
C ARG C 300 -30.94 8.98 30.48
N ALA C 301 -30.78 8.63 29.20
CA ALA C 301 -31.82 8.71 28.14
C ALA C 301 -32.80 7.53 28.21
N ASP C 302 -32.37 6.36 28.67
CA ASP C 302 -33.21 5.15 28.75
C ASP C 302 -34.28 5.37 29.83
N SER C 303 -35.48 4.84 29.64
CA SER C 303 -36.59 4.91 30.63
C SER C 303 -36.25 4.03 31.81
N HIS C 304 -37.04 4.17 32.89
CA HIS C 304 -37.06 3.19 34.00
C HIS C 304 -37.42 1.79 33.46
N GLU C 305 -38.34 1.68 32.50
CA GLU C 305 -38.78 0.39 31.89
C GLU C 305 -37.59 -0.23 31.16
N THR C 306 -36.75 0.58 30.53
CA THR C 306 -35.63 0.10 29.69
C THR C 306 -34.50 -0.36 30.61
N LYS C 307 -34.24 0.39 31.67
CA LYS C 307 -33.33 -0.07 32.74
C LYS C 307 -33.74 -1.49 33.19
N MET C 308 -35.04 -1.74 33.37
CA MET C 308 -35.55 -2.98 34.01
C MET C 308 -35.36 -4.14 33.04
N ASN C 309 -35.76 -3.91 31.78
CA ASN C 309 -35.67 -4.93 30.69
C ASN C 309 -34.21 -5.33 30.55
N SER C 310 -33.33 -4.34 30.51
CA SER C 310 -31.88 -4.56 30.40
C SER C 310 -31.40 -5.52 31.52
N ILE C 311 -31.80 -5.25 32.76
CA ILE C 311 -31.43 -6.13 33.90
C ILE C 311 -31.91 -7.53 33.58
N ALA C 312 -33.17 -7.64 33.19
CA ALA C 312 -33.86 -8.92 32.95
C ALA C 312 -33.14 -9.70 31.83
N LEU C 313 -32.64 -9.02 30.79
CA LEU C 313 -31.85 -9.68 29.72
C LEU C 313 -30.60 -10.29 30.33
N ALA C 314 -29.80 -9.48 31.03
CA ALA C 314 -28.53 -9.95 31.66
C ALA C 314 -28.84 -11.16 32.52
N ALA C 315 -29.91 -11.02 33.30
CA ALA C 315 -30.30 -12.00 34.33
C ALA C 315 -30.54 -13.34 33.65
N LEU C 316 -30.91 -13.30 32.37
CA LEU C 316 -31.16 -14.51 31.55
C LEU C 316 -29.85 -15.00 30.96
N VAL C 317 -29.04 -14.12 30.36
CA VAL C 317 -27.76 -14.54 29.76
C VAL C 317 -26.99 -15.34 30.81
N ALA C 318 -26.93 -14.80 32.04
CA ALA C 318 -26.25 -15.37 33.25
C ALA C 318 -26.91 -16.67 33.72
N GLY C 319 -28.24 -16.70 33.79
CA GLY C 319 -29.08 -17.89 34.03
C GLY C 319 -28.67 -19.12 33.23
N ASN C 320 -28.25 -19.00 31.95
CA ASN C 320 -27.68 -20.11 31.11
C ASN C 320 -26.29 -20.54 31.64
N MET D 21 -43.97 25.46 5.69
CA MET D 21 -45.14 25.95 4.89
C MET D 21 -46.06 24.74 4.60
N ILE D 22 -45.53 23.66 4.00
CA ILE D 22 -46.27 22.41 3.63
C ILE D 22 -45.76 21.27 4.52
N LYS D 23 -46.66 20.58 5.21
CA LYS D 23 -46.34 19.74 6.39
C LYS D 23 -46.88 18.32 6.21
N SER D 24 -47.59 18.04 5.12
CA SER D 24 -48.26 16.74 4.88
C SER D 24 -48.34 16.38 3.38
N PHE D 25 -48.57 15.10 3.06
CA PHE D 25 -48.70 14.63 1.66
C PHE D 25 -50.05 15.06 1.06
N ASN D 26 -51.09 15.21 1.89
CA ASN D 26 -52.39 15.84 1.50
C ASN D 26 -52.18 17.26 0.95
N GLU D 27 -51.44 18.09 1.68
CA GLU D 27 -51.04 19.45 1.24
C GLU D 27 -50.20 19.36 -0.04
N ILE D 28 -49.18 18.49 -0.11
CA ILE D 28 -48.36 18.34 -1.35
C ILE D 28 -49.34 18.14 -2.53
N ILE D 29 -50.33 17.26 -2.34
CA ILE D 29 -51.28 16.82 -3.39
C ILE D 29 -52.29 17.93 -3.68
N MET D 30 -52.64 18.79 -2.71
CA MET D 30 -53.51 19.97 -2.98
C MET D 30 -52.76 20.98 -3.87
N LYS D 31 -51.48 21.27 -3.60
CA LYS D 31 -50.72 22.22 -4.46
C LYS D 31 -50.53 21.59 -5.84
N VAL D 32 -50.54 20.25 -5.99
CA VAL D 32 -50.27 19.62 -7.31
C VAL D 32 -51.52 19.80 -8.17
N LYS D 33 -52.70 19.47 -7.64
CA LYS D 33 -54.03 19.70 -8.25
C LYS D 33 -54.24 21.21 -8.52
N SER D 34 -53.78 22.06 -7.61
CA SER D 34 -53.77 23.55 -7.73
C SER D 34 -53.23 24.01 -9.09
N LYS D 35 -52.12 23.42 -9.59
CA LYS D 35 -51.43 23.89 -10.81
C LYS D 35 -51.65 22.88 -11.93
N GLU D 36 -51.09 23.13 -13.11
CA GLU D 36 -51.43 22.39 -14.37
C GLU D 36 -50.90 20.94 -14.36
N MET D 37 -51.74 19.96 -14.72
CA MET D 37 -51.39 18.52 -14.83
C MET D 37 -50.14 18.36 -15.69
N LYS D 38 -49.23 17.54 -15.21
CA LYS D 38 -47.98 17.16 -15.89
C LYS D 38 -48.11 15.68 -16.27
N LYS D 39 -47.23 15.18 -17.15
CA LYS D 39 -47.32 13.80 -17.70
C LYS D 39 -46.17 12.97 -17.17
N VAL D 40 -46.49 11.84 -16.55
CA VAL D 40 -45.57 10.68 -16.35
C VAL D 40 -45.34 10.06 -17.73
N ALA D 41 -44.12 9.57 -17.96
CA ALA D 41 -43.84 8.75 -19.16
C ALA D 41 -43.39 7.41 -18.58
N VAL D 42 -44.30 6.45 -18.38
CA VAL D 42 -43.97 5.13 -17.74
C VAL D 42 -43.01 4.34 -18.63
N ALA D 43 -41.90 3.84 -18.08
CA ALA D 43 -40.86 3.17 -18.90
C ALA D 43 -41.33 1.88 -19.57
N VAL D 44 -41.93 0.95 -18.83
CA VAL D 44 -42.53 -0.25 -19.48
C VAL D 44 -43.86 -0.38 -18.77
N ALA D 45 -44.96 0.01 -19.41
CA ALA D 45 -46.26 0.07 -18.71
C ALA D 45 -46.91 -1.30 -18.51
N GLN D 46 -46.23 -2.41 -18.80
CA GLN D 46 -46.90 -3.70 -18.52
C GLN D 46 -46.69 -4.07 -17.04
N ASP D 47 -47.16 -3.21 -16.13
CA ASP D 47 -47.00 -3.45 -14.68
C ASP D 47 -48.32 -3.07 -13.99
N GLU D 48 -48.98 -4.04 -13.34
CA GLU D 48 -50.31 -3.81 -12.70
C GLU D 48 -50.20 -2.75 -11.62
N PRO D 49 -49.18 -2.85 -10.72
CA PRO D 49 -49.05 -1.92 -9.60
C PRO D 49 -48.77 -0.50 -10.11
N VAL D 50 -47.92 -0.37 -11.15
CA VAL D 50 -47.56 0.96 -11.70
C VAL D 50 -48.83 1.56 -12.32
N LEU D 51 -49.52 0.82 -13.20
CA LEU D 51 -50.78 1.25 -13.85
C LEU D 51 -51.88 1.49 -12.80
N GLU D 52 -51.93 0.72 -11.70
CA GLU D 52 -52.94 0.93 -10.63
C GLU D 52 -52.73 2.34 -10.05
N ALA D 53 -51.47 2.79 -9.93
CA ALA D 53 -51.06 4.10 -9.37
C ALA D 53 -51.27 5.20 -10.41
N VAL D 54 -50.96 4.93 -11.68
CA VAL D 54 -51.10 5.90 -12.82
C VAL D 54 -52.59 6.18 -13.04
N ARG D 55 -53.43 5.15 -12.88
CA ARG D 55 -54.92 5.21 -12.90
C ARG D 55 -55.42 6.12 -11.77
N ASP D 56 -54.98 5.95 -10.52
CA ASP D 56 -55.47 6.79 -9.38
C ASP D 56 -54.93 8.22 -9.47
N ALA D 57 -53.79 8.42 -10.12
CA ALA D 57 -53.23 9.76 -10.41
C ALA D 57 -54.14 10.48 -11.40
N LYS D 58 -54.66 9.80 -12.42
CA LYS D 58 -55.53 10.45 -13.44
C LYS D 58 -56.86 10.81 -12.79
N LYS D 59 -57.49 9.82 -12.13
CA LYS D 59 -58.75 9.97 -11.35
C LYS D 59 -58.64 11.22 -10.48
N ASN D 60 -57.67 11.26 -9.56
CA ASN D 60 -57.55 12.39 -8.60
C ASN D 60 -56.98 13.63 -9.28
N GLY D 61 -56.56 13.56 -10.54
CA GLY D 61 -56.04 14.73 -11.26
C GLY D 61 -54.74 15.26 -10.67
N ILE D 62 -53.83 14.35 -10.36
CA ILE D 62 -52.46 14.61 -9.88
C ILE D 62 -51.55 14.62 -11.11
N ALA D 63 -51.87 13.85 -12.13
CA ALA D 63 -51.07 13.82 -13.38
C ALA D 63 -51.72 12.98 -14.48
N ASP D 64 -51.44 13.36 -15.73
CA ASP D 64 -51.63 12.50 -16.94
C ASP D 64 -50.44 11.54 -17.04
N ALA D 65 -50.35 10.82 -18.16
CA ALA D 65 -49.38 9.74 -18.38
C ALA D 65 -49.41 9.31 -19.84
N ILE D 66 -48.23 9.00 -20.36
CA ILE D 66 -47.98 8.26 -21.62
C ILE D 66 -47.46 6.89 -21.22
N LEU D 67 -48.07 5.84 -21.70
CA LEU D 67 -47.61 4.49 -21.31
C LEU D 67 -46.78 3.94 -22.46
N VAL D 68 -45.51 3.65 -22.25
CA VAL D 68 -44.59 3.11 -23.28
C VAL D 68 -44.32 1.65 -22.96
N GLY D 69 -44.69 0.70 -23.82
CA GLY D 69 -44.56 -0.75 -23.56
C GLY D 69 -45.27 -1.60 -24.60
N ASP D 70 -45.46 -2.89 -24.32
CA ASP D 70 -46.23 -3.85 -25.16
C ASP D 70 -47.72 -3.49 -25.08
N HIS D 71 -48.25 -2.88 -26.15
CA HIS D 71 -49.63 -2.34 -26.26
C HIS D 71 -50.64 -3.40 -25.80
N ASP D 72 -50.55 -4.60 -26.38
CA ASP D 72 -51.53 -5.68 -26.15
C ASP D 72 -51.55 -6.00 -24.66
N GLU D 73 -50.38 -6.27 -24.07
CA GLU D 73 -50.18 -6.61 -22.64
C GLU D 73 -50.69 -5.46 -21.76
N ILE D 74 -50.51 -4.20 -22.18
CA ILE D 74 -50.91 -2.97 -21.43
C ILE D 74 -52.43 -2.97 -21.26
N VAL D 75 -53.16 -3.24 -22.33
CA VAL D 75 -54.64 -3.07 -22.40
C VAL D 75 -55.31 -4.15 -21.55
N SER D 76 -54.89 -5.41 -21.62
CA SER D 76 -55.53 -6.51 -20.83
C SER D 76 -55.33 -6.27 -19.33
N ILE D 77 -54.25 -5.56 -18.97
CA ILE D 77 -54.00 -5.13 -17.57
C ILE D 77 -54.92 -3.93 -17.28
N ALA D 78 -55.00 -2.99 -18.21
CA ALA D 78 -55.93 -1.84 -18.11
C ALA D 78 -57.36 -2.37 -18.02
N LEU D 79 -57.65 -3.53 -18.61
CA LEU D 79 -58.97 -4.19 -18.51
C LEU D 79 -59.14 -4.74 -17.08
N LYS D 80 -58.12 -5.44 -16.56
CA LYS D 80 -58.14 -6.21 -15.30
C LYS D 80 -58.44 -5.26 -14.14
N ILE D 81 -57.73 -4.15 -14.09
CA ILE D 81 -57.97 -2.98 -13.18
C ILE D 81 -58.93 -2.07 -13.93
N GLY D 82 -59.64 -1.18 -13.28
CA GLY D 82 -60.69 -0.45 -14.02
C GLY D 82 -60.12 0.71 -14.80
N MET D 83 -59.02 0.52 -15.53
CA MET D 83 -58.31 1.66 -16.20
C MET D 83 -58.94 1.86 -17.57
N ASP D 84 -59.49 3.04 -17.82
CA ASP D 84 -59.98 3.37 -19.18
C ASP D 84 -58.80 3.87 -20.02
N VAL D 85 -58.33 3.01 -20.90
CA VAL D 85 -57.16 3.24 -21.79
C VAL D 85 -57.30 4.53 -22.61
N ASN D 86 -58.52 5.06 -22.79
CA ASN D 86 -58.79 6.27 -23.63
C ASN D 86 -58.29 7.53 -22.94
N ASP D 87 -58.05 7.46 -21.63
CA ASP D 87 -57.65 8.63 -20.80
C ASP D 87 -56.13 8.78 -20.83
N PHE D 88 -55.42 7.86 -21.48
CA PHE D 88 -53.94 7.86 -21.60
C PHE D 88 -53.59 7.74 -23.08
N GLU D 89 -52.38 8.14 -23.43
CA GLU D 89 -51.76 7.80 -24.72
C GLU D 89 -50.91 6.54 -24.49
N ILE D 90 -50.92 5.62 -25.44
CA ILE D 90 -50.05 4.42 -25.39
C ILE D 90 -49.12 4.49 -26.59
N VAL D 91 -47.82 4.57 -26.34
CA VAL D 91 -46.79 4.35 -27.39
C VAL D 91 -46.39 2.87 -27.38
N ASN D 92 -46.71 2.18 -28.47
CA ASN D 92 -46.43 0.73 -28.62
C ASN D 92 -44.93 0.55 -28.81
N GLU D 93 -44.25 -0.07 -27.85
CA GLU D 93 -42.87 -0.61 -28.04
C GLU D 93 -42.72 -1.93 -27.30
N PRO D 94 -42.78 -3.05 -28.04
CA PRO D 94 -42.59 -4.40 -27.49
C PRO D 94 -41.24 -4.69 -26.82
N ASN D 95 -40.15 -4.10 -27.35
CA ASN D 95 -38.75 -4.28 -26.86
C ASN D 95 -38.53 -3.50 -25.55
N VAL D 96 -38.33 -4.23 -24.44
CA VAL D 96 -38.22 -3.63 -23.08
C VAL D 96 -37.15 -2.54 -23.07
N LYS D 97 -35.93 -2.84 -23.51
CA LYS D 97 -34.79 -1.86 -23.52
C LYS D 97 -35.18 -0.59 -24.31
N LYS D 98 -35.94 -0.71 -25.41
CA LYS D 98 -36.27 0.43 -26.31
C LYS D 98 -37.42 1.22 -25.67
N ALA D 99 -38.33 0.51 -24.99
CA ALA D 99 -39.46 1.13 -24.25
C ALA D 99 -38.88 2.01 -23.14
N ALA D 100 -37.80 1.57 -22.52
CA ALA D 100 -37.17 2.33 -21.42
C ALA D 100 -36.60 3.61 -22.04
N LEU D 101 -36.05 3.54 -23.26
CA LEU D 101 -35.44 4.73 -23.92
C LEU D 101 -36.54 5.67 -24.38
N LYS D 102 -37.56 5.17 -25.08
CA LYS D 102 -38.63 6.04 -25.63
C LYS D 102 -39.26 6.82 -24.47
N ALA D 103 -39.44 6.21 -23.31
CA ALA D 103 -40.04 6.86 -22.13
C ALA D 103 -39.21 8.08 -21.80
N VAL D 104 -37.90 7.91 -21.79
CA VAL D 104 -36.94 8.99 -21.40
C VAL D 104 -36.91 10.05 -22.52
N GLU D 105 -36.82 9.66 -23.80
CA GLU D 105 -36.89 10.57 -25.00
C GLU D 105 -38.10 11.52 -24.88
N LEU D 106 -39.24 11.01 -24.40
CA LEU D 106 -40.49 11.80 -24.30
C LEU D 106 -40.29 12.91 -23.26
N VAL D 107 -39.52 12.61 -22.20
CA VAL D 107 -39.19 13.58 -21.12
C VAL D 107 -38.11 14.50 -21.68
N SER D 108 -36.97 13.94 -22.15
CA SER D 108 -35.81 14.72 -22.64
C SER D 108 -36.27 15.77 -23.66
N THR D 109 -37.21 15.43 -24.56
CA THR D 109 -37.74 16.27 -25.67
C THR D 109 -39.07 16.97 -25.27
N GLY D 110 -39.44 16.99 -23.99
CA GLY D 110 -40.45 17.91 -23.43
C GLY D 110 -41.90 17.54 -23.73
N LYS D 111 -42.17 16.32 -24.19
CA LYS D 111 -43.55 15.78 -24.38
C LYS D 111 -44.10 15.22 -23.06
N ALA D 112 -43.23 15.02 -22.06
CA ALA D 112 -43.57 14.62 -20.68
C ALA D 112 -42.67 15.35 -19.66
N ASP D 113 -42.93 15.16 -18.37
CA ASP D 113 -42.29 15.96 -17.31
C ASP D 113 -41.57 15.07 -16.31
N MET D 114 -41.81 13.75 -16.34
CA MET D 114 -41.13 12.76 -15.47
C MET D 114 -41.09 11.43 -16.18
N VAL D 115 -40.13 10.58 -15.84
CA VAL D 115 -40.16 9.13 -16.11
C VAL D 115 -40.58 8.41 -14.83
N MET D 116 -41.29 7.29 -14.94
CA MET D 116 -41.59 6.33 -13.85
C MET D 116 -41.08 4.95 -14.30
N LYS D 117 -40.92 3.98 -13.42
CA LYS D 117 -40.25 2.70 -13.77
C LYS D 117 -41.30 1.59 -13.76
N GLY D 118 -41.34 0.81 -14.87
CA GLY D 118 -42.31 -0.28 -15.10
C GLY D 118 -41.63 -1.63 -14.97
N LEU D 119 -41.87 -2.54 -15.93
CA LEU D 119 -41.27 -3.90 -15.92
C LEU D 119 -39.84 -3.85 -16.47
N VAL D 120 -38.92 -3.16 -15.81
CA VAL D 120 -37.46 -3.16 -16.13
C VAL D 120 -36.69 -3.40 -14.84
N ASN D 121 -35.57 -4.11 -14.93
CA ASN D 121 -34.56 -4.12 -13.85
C ASN D 121 -34.06 -2.68 -13.71
N THR D 122 -33.64 -2.33 -12.50
CA THR D 122 -33.18 -0.97 -12.13
C THR D 122 -32.00 -0.53 -13.02
N ALA D 123 -31.09 -1.46 -13.32
CA ALA D 123 -29.85 -1.24 -14.09
C ALA D 123 -30.20 -0.70 -15.46
N THR D 124 -31.13 -1.36 -16.14
CA THR D 124 -31.58 -1.01 -17.51
C THR D 124 -32.38 0.31 -17.48
N PHE D 125 -33.12 0.58 -16.41
CA PHE D 125 -33.83 1.87 -16.31
C PHE D 125 -32.86 3.03 -16.07
N LEU D 126 -31.96 2.90 -15.10
CA LEU D 126 -31.06 4.01 -14.75
C LEU D 126 -30.12 4.33 -15.92
N ARG D 127 -29.62 3.31 -16.61
CA ARG D 127 -28.73 3.53 -17.77
C ARG D 127 -29.49 4.33 -18.82
N SER D 128 -30.77 4.03 -19.00
CA SER D 128 -31.61 4.76 -19.99
C SER D 128 -31.79 6.23 -19.57
N VAL D 129 -31.98 6.48 -18.28
CA VAL D 129 -32.16 7.88 -17.78
C VAL D 129 -30.81 8.58 -17.88
N LEU D 130 -29.74 7.81 -17.76
CA LEU D 130 -28.36 8.37 -17.78
C LEU D 130 -27.82 8.35 -19.22
N ASN D 131 -28.69 8.14 -20.21
CA ASN D 131 -28.28 8.06 -21.63
C ASN D 131 -27.59 9.34 -22.04
N LYS D 132 -26.63 9.25 -22.97
CA LYS D 132 -25.81 10.42 -23.42
C LYS D 132 -26.61 11.20 -24.49
N GLU D 133 -27.16 10.54 -25.51
CA GLU D 133 -27.88 11.22 -26.63
C GLU D 133 -29.21 11.81 -26.15
N VAL D 134 -30.07 11.01 -25.51
CA VAL D 134 -31.52 11.31 -25.28
C VAL D 134 -31.84 11.33 -23.77
N GLY D 135 -30.85 11.21 -22.90
CA GLY D 135 -31.05 11.04 -21.44
C GLY D 135 -31.36 12.34 -20.73
N LEU D 136 -31.56 12.27 -19.41
CA LEU D 136 -31.79 13.43 -18.49
C LEU D 136 -30.48 13.78 -17.80
N ARG D 137 -29.35 13.36 -18.38
CA ARG D 137 -27.97 13.64 -17.89
C ARG D 137 -27.79 15.14 -17.79
N THR D 138 -26.79 15.55 -17.02
CA THR D 138 -26.71 16.89 -16.42
C THR D 138 -25.30 17.08 -15.86
N GLY D 139 -25.01 18.25 -15.29
CA GLY D 139 -23.80 18.45 -14.49
C GLY D 139 -23.84 17.61 -13.23
N LYS D 140 -24.92 17.77 -12.44
CA LYS D 140 -25.07 17.29 -11.04
C LYS D 140 -25.03 15.76 -10.97
N THR D 141 -24.48 15.25 -9.87
CA THR D 141 -24.73 13.88 -9.37
C THR D 141 -26.24 13.68 -9.24
N MET D 142 -26.73 12.54 -9.71
CA MET D 142 -28.09 12.07 -9.41
C MET D 142 -28.11 11.71 -7.93
N SER D 143 -29.11 12.16 -7.19
CA SER D 143 -29.37 11.67 -5.83
C SER D 143 -30.86 11.40 -5.69
N HIS D 144 -31.19 10.36 -4.91
CA HIS D 144 -32.56 10.05 -4.42
C HIS D 144 -32.88 10.98 -3.23
N VAL D 145 -34.12 11.46 -3.14
CA VAL D 145 -34.75 12.14 -1.96
C VAL D 145 -35.99 11.35 -1.52
N ALA D 146 -35.98 10.69 -0.37
CA ALA D 146 -37.21 10.15 0.27
C ALA D 146 -37.87 11.28 1.06
N VAL D 147 -39.17 11.18 1.34
CA VAL D 147 -39.89 12.21 2.16
C VAL D 147 -40.93 11.54 3.05
N PHE D 148 -40.90 11.77 4.36
CA PHE D 148 -41.85 11.12 5.31
C PHE D 148 -42.68 12.16 6.06
N GLU D 149 -43.94 11.77 6.32
CA GLU D 149 -44.94 12.42 7.19
C GLU D 149 -45.19 11.38 8.30
N THR D 150 -44.49 11.51 9.44
CA THR D 150 -44.61 10.61 10.62
C THR D 150 -45.60 11.23 11.62
N GLU D 151 -46.11 10.37 12.51
CA GLU D 151 -47.09 10.68 13.60
C GLU D 151 -46.40 11.55 14.66
N LYS D 152 -45.18 11.17 15.09
CA LYS D 152 -44.46 11.75 16.26
C LYS D 152 -43.93 13.15 15.95
N PHE D 153 -43.87 13.54 14.66
CA PHE D 153 -43.17 14.75 14.19
C PHE D 153 -44.11 15.50 13.26
N ASP D 154 -44.13 16.82 13.41
CA ASP D 154 -45.14 17.72 12.83
C ASP D 154 -44.71 18.14 11.42
N ARG D 155 -43.41 18.13 11.14
CA ARG D 155 -42.82 18.50 9.83
C ARG D 155 -42.53 17.24 9.01
N LEU D 156 -42.47 17.38 7.70
CA LEU D 156 -41.83 16.41 6.79
C LEU D 156 -40.36 16.28 7.16
N LEU D 157 -39.91 15.04 7.37
CA LEU D 157 -38.50 14.59 7.38
C LEU D 157 -38.17 14.16 5.97
N PHE D 158 -37.14 14.76 5.34
CA PHE D 158 -36.55 14.34 4.04
C PHE D 158 -35.28 13.53 4.29
N LEU D 159 -35.14 12.35 3.68
CA LEU D 159 -33.93 11.50 3.78
C LEU D 159 -33.23 11.46 2.41
N THR D 160 -31.90 11.64 2.40
CA THR D 160 -31.08 11.53 1.16
C THR D 160 -29.79 10.80 1.59
N ASP D 161 -29.04 10.17 0.66
CA ASP D 161 -29.49 9.17 -0.35
C ASP D 161 -29.71 7.80 0.29
N VAL D 162 -30.93 7.27 0.20
CA VAL D 162 -31.32 5.97 0.82
C VAL D 162 -31.39 4.89 -0.27
N ALA D 163 -31.15 5.26 -1.53
CA ALA D 163 -31.54 4.44 -2.72
C ALA D 163 -30.45 4.40 -3.79
N PHE D 164 -29.92 5.53 -4.28
CA PHE D 164 -29.05 5.55 -5.50
C PHE D 164 -27.55 5.56 -5.12
N ASN D 165 -27.03 6.64 -4.57
CA ASN D 165 -25.58 6.80 -4.27
C ASN D 165 -25.11 5.83 -3.18
N THR D 166 -24.08 5.04 -3.45
CA THR D 166 -23.65 3.93 -2.55
C THR D 166 -22.70 4.45 -1.46
N TYR D 167 -21.44 4.75 -1.78
CA TYR D 167 -20.45 5.24 -0.78
C TYR D 167 -20.00 6.62 -1.19
N PRO D 168 -20.88 7.63 -1.14
CA PRO D 168 -20.52 8.98 -1.53
C PRO D 168 -19.41 9.48 -0.60
N GLU D 169 -18.63 10.43 -1.13
CA GLU D 169 -17.58 11.12 -0.35
C GLU D 169 -17.99 12.59 -0.39
N LEU D 170 -17.06 13.51 -0.14
CA LEU D 170 -17.42 14.96 -0.01
C LEU D 170 -18.05 15.52 -1.29
N LYS D 171 -17.48 15.26 -2.45
CA LYS D 171 -17.97 15.90 -3.70
C LYS D 171 -19.41 15.50 -4.00
N GLU D 172 -19.73 14.22 -3.90
CA GLU D 172 -21.12 13.73 -4.16
C GLU D 172 -22.05 14.26 -3.08
N LYS D 173 -21.59 14.28 -1.82
CA LYS D 173 -22.43 14.72 -0.69
C LYS D 173 -22.83 16.18 -0.88
N ILE D 174 -21.92 17.00 -1.43
CA ILE D 174 -22.28 18.41 -1.75
C ILE D 174 -23.46 18.41 -2.73
N ASP D 175 -23.37 17.64 -3.81
CA ASP D 175 -24.51 17.55 -4.77
C ASP D 175 -25.76 16.95 -4.10
N ILE D 176 -25.57 15.95 -3.24
CA ILE D 176 -26.72 15.29 -2.56
C ILE D 176 -27.44 16.33 -1.73
N VAL D 177 -26.69 17.24 -1.11
CA VAL D 177 -27.26 18.33 -0.27
C VAL D 177 -28.00 19.33 -1.18
N ASN D 178 -27.34 19.87 -2.22
CA ASN D 178 -27.92 20.91 -3.14
C ASN D 178 -29.24 20.44 -3.73
N ASN D 179 -29.22 19.26 -4.36
CA ASN D 179 -30.40 18.51 -4.86
C ASN D 179 -31.48 18.51 -3.77
N SER D 180 -31.08 18.18 -2.55
CA SER D 180 -31.95 17.95 -1.38
C SER D 180 -32.71 19.23 -1.04
N VAL D 181 -31.97 20.35 -0.91
CA VAL D 181 -32.54 21.66 -0.49
C VAL D 181 -33.43 22.22 -1.62
N LYS D 182 -33.17 21.88 -2.88
CA LYS D 182 -33.96 22.32 -4.08
C LYS D 182 -35.40 21.80 -4.00
N VAL D 183 -35.55 20.56 -3.54
CA VAL D 183 -36.84 19.86 -3.30
C VAL D 183 -37.54 20.52 -2.12
N ALA D 184 -36.84 20.73 -1.02
CA ALA D 184 -37.36 21.43 0.17
C ALA D 184 -37.91 22.81 -0.22
N HIS D 185 -37.22 23.52 -1.13
CA HIS D 185 -37.58 24.88 -1.63
C HIS D 185 -38.95 24.80 -2.33
N ALA D 186 -39.17 23.73 -3.09
CA ALA D 186 -40.43 23.53 -3.85
C ALA D 186 -41.56 23.20 -2.89
N ILE D 187 -41.25 22.62 -1.73
CA ILE D 187 -42.25 22.31 -0.67
C ILE D 187 -42.61 23.61 0.07
N GLY D 188 -41.79 24.65 -0.01
CA GLY D 188 -42.11 25.95 0.60
C GLY D 188 -41.32 26.19 1.88
N ILE D 189 -40.39 25.28 2.21
CA ILE D 189 -39.35 25.45 3.25
C ILE D 189 -38.24 26.32 2.66
N GLU D 190 -38.16 27.58 3.04
CA GLU D 190 -37.29 28.59 2.38
C GLU D 190 -35.84 28.39 2.81
N ASN D 191 -35.63 28.07 4.09
CA ASN D 191 -34.27 27.90 4.69
C ASN D 191 -34.14 26.56 5.41
N PRO D 192 -34.09 25.42 4.69
CA PRO D 192 -34.11 24.11 5.34
C PRO D 192 -32.82 23.82 6.12
N LYS D 193 -32.95 22.93 7.10
CA LYS D 193 -31.95 22.66 8.15
C LYS D 193 -31.37 21.27 7.92
N VAL D 194 -30.17 21.19 7.33
CA VAL D 194 -29.52 19.92 6.87
C VAL D 194 -28.59 19.37 7.95
N ALA D 195 -28.86 18.16 8.41
CA ALA D 195 -28.02 17.46 9.41
C ALA D 195 -27.32 16.31 8.72
N PRO D 196 -25.99 16.38 8.57
CA PRO D 196 -25.18 15.19 8.26
C PRO D 196 -25.18 14.14 9.39
N ILE D 197 -25.91 13.05 9.19
CA ILE D 197 -26.13 12.00 10.24
C ILE D 197 -24.93 11.06 10.32
N CYS D 198 -24.53 10.79 11.58
CA CYS D 198 -23.43 9.90 12.03
C CYS D 198 -23.84 9.18 13.33
N ALA D 199 -22.99 8.29 13.84
CA ALA D 199 -23.24 7.55 15.09
C ALA D 199 -23.17 8.50 16.29
N VAL D 200 -22.22 9.43 16.31
CA VAL D 200 -21.93 10.32 17.47
C VAL D 200 -22.14 11.78 17.03
N GLU D 201 -22.39 12.68 18.00
CA GLU D 201 -22.68 14.12 17.77
C GLU D 201 -21.37 14.95 17.77
N VAL D 202 -20.20 14.29 17.76
CA VAL D 202 -18.86 14.95 17.84
C VAL D 202 -17.94 14.37 16.77
N ILE D 203 -16.91 15.14 16.44
CA ILE D 203 -15.80 14.75 15.53
C ILE D 203 -15.19 13.48 16.08
N ASN D 204 -14.61 12.66 15.22
CA ASN D 204 -13.75 11.50 15.59
C ASN D 204 -12.97 11.09 14.33
N PRO D 205 -11.62 11.16 14.31
CA PRO D 205 -10.85 10.92 13.09
C PRO D 205 -11.05 9.51 12.50
N LYS D 206 -11.42 8.55 13.35
CA LYS D 206 -11.67 7.12 13.01
C LYS D 206 -13.12 6.88 12.48
N MET D 207 -13.97 7.90 12.49
CA MET D 207 -15.30 7.88 11.80
C MET D 207 -15.28 8.89 10.65
N PRO D 208 -14.88 8.49 9.42
CA PRO D 208 -14.87 9.39 8.26
C PRO D 208 -16.14 10.23 8.02
N SER D 209 -17.33 9.71 8.36
CA SER D 209 -18.62 10.43 8.14
C SER D 209 -18.63 11.76 8.91
N THR D 210 -17.98 11.84 10.08
CA THR D 210 -17.92 13.08 10.90
C THR D 210 -16.99 14.10 10.23
N LEU D 211 -15.87 13.64 9.65
CA LEU D 211 -14.92 14.53 8.91
C LEU D 211 -15.76 15.25 7.84
N ASP D 212 -16.39 14.47 6.94
CA ASP D 212 -17.27 14.98 5.87
C ASP D 212 -18.31 15.92 6.47
N ALA D 213 -18.80 15.62 7.68
CA ALA D 213 -19.93 16.32 8.32
C ALA D 213 -19.56 17.78 8.59
N ALA D 214 -18.42 18.02 9.25
CA ALA D 214 -17.94 19.38 9.58
C ALA D 214 -17.42 20.06 8.31
N MET D 215 -16.77 19.31 7.43
CA MET D 215 -16.45 19.73 6.04
C MET D 215 -17.65 20.55 5.51
N LEU D 216 -18.83 19.92 5.53
CA LEU D 216 -20.04 20.39 4.85
C LEU D 216 -20.58 21.57 5.64
N SER D 217 -20.43 21.50 6.95
CA SER D 217 -20.92 22.55 7.86
C SER D 217 -20.10 23.82 7.66
N LYS D 218 -18.83 23.68 7.30
CA LYS D 218 -17.96 24.85 7.03
C LYS D 218 -18.43 25.52 5.72
N MET D 219 -18.69 24.71 4.69
CA MET D 219 -19.17 25.18 3.38
C MET D 219 -20.46 25.99 3.53
N SER D 220 -21.42 25.51 4.33
CA SER D 220 -22.59 26.32 4.74
C SER D 220 -22.08 27.62 5.37
N ASP D 221 -21.31 27.54 6.45
CA ASP D 221 -20.79 28.74 7.16
C ASP D 221 -20.18 29.70 6.15
N ARG D 222 -19.29 29.23 5.27
CA ARG D 222 -18.63 30.07 4.22
C ARG D 222 -19.62 30.47 3.09
N GLY D 223 -20.84 29.95 3.07
CA GLY D 223 -21.87 30.32 2.07
C GLY D 223 -21.64 29.63 0.74
N GLN D 224 -20.80 28.58 0.68
CA GLN D 224 -20.49 27.83 -0.56
C GLN D 224 -21.69 26.96 -0.96
N ILE D 225 -22.29 26.25 0.00
CA ILE D 225 -23.61 25.57 -0.13
C ILE D 225 -24.65 26.58 0.33
N LYS D 226 -25.52 27.08 -0.56
CA LYS D 226 -26.44 28.19 -0.18
C LYS D 226 -27.88 27.73 -0.08
N GLY D 227 -28.72 28.53 0.57
CA GLY D 227 -30.18 28.34 0.66
C GLY D 227 -30.56 27.33 1.71
N CYS D 228 -29.80 27.26 2.79
CA CYS D 228 -29.96 26.23 3.84
C CYS D 228 -28.92 26.50 4.92
N VAL D 229 -29.02 25.79 6.05
CA VAL D 229 -27.97 25.72 7.10
C VAL D 229 -27.52 24.27 7.29
N VAL D 230 -26.22 24.01 7.39
CA VAL D 230 -25.67 22.62 7.51
C VAL D 230 -24.82 22.51 8.76
N ASP D 231 -25.23 21.65 9.70
CA ASP D 231 -24.51 21.48 11.00
C ASP D 231 -24.42 19.99 11.32
N GLY D 232 -23.19 19.48 11.43
CA GLY D 232 -22.95 18.09 11.82
C GLY D 232 -21.49 17.86 12.17
N PRO D 233 -21.14 16.66 12.68
CA PRO D 233 -22.08 15.54 12.77
C PRO D 233 -23.21 15.76 13.79
N LEU D 234 -24.30 15.04 13.63
CA LEU D 234 -25.38 14.90 14.64
C LEU D 234 -25.82 13.44 14.58
N ALA D 235 -25.97 12.80 15.73
CA ALA D 235 -26.63 11.49 15.87
C ALA D 235 -28.07 11.67 15.41
N LEU D 236 -28.71 10.62 14.93
CA LEU D 236 -30.09 10.78 14.41
C LEU D 236 -31.01 11.48 15.45
N ASP D 237 -30.89 11.11 16.75
CA ASP D 237 -31.75 11.56 17.88
C ASP D 237 -31.61 13.09 18.08
N ILE D 238 -30.40 13.62 18.26
CA ILE D 238 -30.06 15.09 18.29
C ILE D 238 -30.77 15.86 17.14
N ALA D 239 -30.75 15.33 15.92
CA ALA D 239 -31.33 16.01 14.75
C ALA D 239 -32.86 16.06 14.86
N LEU D 240 -33.50 14.94 15.28
CA LEU D 240 -34.98 14.73 15.33
C LEU D 240 -35.59 15.57 16.45
N SER D 241 -35.11 15.29 17.66
CA SER D 241 -35.78 15.65 18.92
C SER D 241 -35.12 16.88 19.50
N GLU D 242 -35.94 17.91 19.83
CA GLU D 242 -35.56 19.02 20.74
C GLU D 242 -35.11 18.44 22.09
N GLU D 243 -35.85 17.49 22.66
CA GLU D 243 -35.51 16.83 23.96
C GLU D 243 -34.08 16.28 23.90
N ALA D 244 -33.83 15.34 22.97
CA ALA D 244 -32.53 14.64 22.80
C ALA D 244 -31.38 15.63 22.63
N ALA D 245 -31.54 16.67 21.78
CA ALA D 245 -30.52 17.72 21.55
C ALA D 245 -30.35 18.60 22.80
N HIS D 246 -31.42 18.84 23.53
CA HIS D 246 -31.39 19.61 24.80
C HIS D 246 -30.61 18.81 25.84
N HIS D 247 -31.01 17.55 26.07
CA HIS D 247 -30.38 16.58 27.00
C HIS D 247 -28.85 16.49 26.76
N LYS D 248 -28.34 16.34 25.54
CA LYS D 248 -26.87 16.21 25.27
C LYS D 248 -26.26 17.61 25.09
N GLY D 249 -27.09 18.63 25.32
CA GLY D 249 -26.74 20.06 25.32
C GLY D 249 -26.12 20.47 24.01
N VAL D 250 -26.79 20.14 22.89
CA VAL D 250 -26.38 20.55 21.51
C VAL D 250 -27.30 21.66 21.02
N THR D 251 -26.71 22.75 20.55
CA THR D 251 -27.42 23.98 20.10
C THR D 251 -26.91 24.32 18.70
N GLY D 252 -27.29 25.49 18.15
CA GLY D 252 -27.18 25.79 16.71
C GLY D 252 -28.57 25.86 16.09
N GLU D 253 -28.66 26.10 14.79
CA GLU D 253 -29.99 26.24 14.11
C GLU D 253 -30.53 24.86 13.69
N VAL D 254 -29.73 23.80 13.75
CA VAL D 254 -30.08 22.50 13.13
C VAL D 254 -30.45 21.48 14.21
N ALA D 255 -29.68 21.37 15.29
CA ALA D 255 -29.96 20.32 16.30
C ALA D 255 -31.41 20.44 16.80
N GLY D 256 -32.17 19.35 16.71
CA GLY D 256 -33.54 19.28 17.23
C GLY D 256 -34.56 19.72 16.20
N LYS D 257 -34.17 20.37 15.10
CA LYS D 257 -35.17 20.88 14.11
C LYS D 257 -34.76 20.50 12.67
N ALA D 258 -34.03 19.41 12.49
CA ALA D 258 -33.48 18.99 11.18
C ALA D 258 -34.62 18.61 10.22
N ASP D 259 -34.59 19.19 9.01
CA ASP D 259 -35.52 18.86 7.91
C ASP D 259 -34.93 17.79 6.98
N ILE D 260 -33.68 17.99 6.57
CA ILE D 260 -33.00 17.03 5.66
C ILE D 260 -32.01 16.23 6.48
N PHE D 261 -32.05 14.90 6.34
CA PHE D 261 -31.16 13.92 6.99
C PHE D 261 -30.27 13.37 5.87
N LEU D 262 -29.10 13.99 5.72
CA LEU D 262 -28.02 13.51 4.80
C LEU D 262 -27.38 12.29 5.45
N MET D 263 -27.54 11.13 4.82
CA MET D 263 -27.05 9.82 5.30
C MET D 263 -25.62 9.66 4.83
N PRO D 264 -24.80 8.94 5.63
CA PRO D 264 -23.40 8.68 5.32
C PRO D 264 -23.21 7.73 4.13
N ASN D 265 -24.03 6.70 4.02
CA ASN D 265 -23.97 5.72 2.90
C ASN D 265 -25.36 5.14 2.67
N ILE D 266 -25.57 4.53 1.52
CA ILE D 266 -26.83 3.81 1.16
C ILE D 266 -27.20 2.82 2.26
N GLU D 267 -26.24 2.21 2.96
CA GLU D 267 -26.60 1.08 3.86
C GLU D 267 -27.40 1.67 5.01
N THR D 268 -26.79 2.62 5.69
CA THR D 268 -27.41 3.43 6.77
C THR D 268 -28.80 3.96 6.37
N GLY D 269 -28.87 4.72 5.27
CA GLY D 269 -30.10 5.38 4.79
C GLY D 269 -31.21 4.43 4.34
N ASN D 270 -30.88 3.29 3.73
CA ASN D 270 -31.86 2.25 3.31
C ASN D 270 -32.50 1.68 4.59
N VAL D 271 -31.69 1.46 5.62
CA VAL D 271 -32.09 0.82 6.89
C VAL D 271 -32.95 1.82 7.66
N MET D 272 -32.61 3.11 7.68
CA MET D 272 -33.53 4.10 8.30
C MET D 272 -34.86 4.08 7.55
N TYR D 273 -34.76 4.06 6.21
CA TYR D 273 -35.89 4.15 5.26
C TYR D 273 -36.82 2.95 5.48
N LYS D 274 -36.27 1.75 5.49
CA LYS D 274 -37.10 0.52 5.53
C LYS D 274 -37.54 0.30 6.98
N THR D 275 -36.75 0.67 7.98
CA THR D 275 -37.20 0.68 9.40
C THR D 275 -38.44 1.56 9.54
N LEU D 276 -38.35 2.83 9.11
CA LEU D 276 -39.46 3.80 9.23
C LEU D 276 -40.75 3.29 8.58
N THR D 277 -40.70 2.62 7.43
CA THR D 277 -41.93 2.27 6.66
C THR D 277 -42.54 0.95 7.18
N TYR D 278 -41.76 -0.03 7.61
CA TYR D 278 -42.26 -1.36 8.03
C TYR D 278 -42.57 -1.39 9.53
N THR D 279 -42.37 -0.29 10.26
CA THR D 279 -42.41 -0.22 11.75
C THR D 279 -43.35 0.93 12.17
N THR D 280 -43.92 1.68 11.22
CA THR D 280 -44.74 2.88 11.51
C THR D 280 -45.83 3.03 10.46
N ASP D 281 -46.86 3.78 10.82
CA ASP D 281 -47.97 4.17 9.93
C ASP D 281 -47.59 5.51 9.28
N SER D 282 -46.31 5.71 8.96
CA SER D 282 -45.82 6.89 8.20
C SER D 282 -46.31 6.76 6.77
N LYS D 283 -46.48 7.85 6.05
CA LYS D 283 -46.68 7.79 4.59
C LYS D 283 -45.48 8.49 3.98
N ASN D 284 -45.02 8.01 2.84
CA ASN D 284 -43.71 8.41 2.30
C ASN D 284 -43.86 8.57 0.80
N GLY D 285 -42.77 8.90 0.13
CA GLY D 285 -42.66 8.99 -1.33
C GLY D 285 -41.25 9.40 -1.69
N GLY D 286 -40.85 9.24 -2.94
CA GLY D 286 -39.47 9.48 -3.33
C GLY D 286 -39.34 9.70 -4.81
N ILE D 287 -38.30 10.40 -5.19
CA ILE D 287 -37.98 10.72 -6.61
C ILE D 287 -36.46 10.75 -6.67
N LEU D 288 -35.89 10.70 -7.87
CA LEU D 288 -34.46 10.94 -8.15
C LEU D 288 -34.34 12.34 -8.67
N VAL D 289 -33.34 13.08 -8.23
CA VAL D 289 -33.08 14.48 -8.70
C VAL D 289 -31.60 14.57 -9.11
N GLY D 290 -31.17 15.78 -9.47
CA GLY D 290 -29.89 15.97 -10.18
C GLY D 290 -30.12 15.93 -11.68
N THR D 291 -30.93 14.99 -12.16
CA THR D 291 -31.32 14.89 -13.59
C THR D 291 -32.08 16.14 -14.04
N SER D 292 -32.18 16.33 -15.36
CA SER D 292 -32.91 17.43 -16.06
C SER D 292 -34.41 17.43 -15.70
N ALA D 293 -34.91 16.28 -15.24
CA ALA D 293 -36.33 16.05 -14.87
C ALA D 293 -36.45 14.99 -13.78
N PRO D 294 -37.46 15.11 -12.88
CA PRO D 294 -37.61 14.21 -11.75
C PRO D 294 -37.74 12.80 -12.30
N VAL D 295 -37.34 11.80 -11.55
CA VAL D 295 -37.53 10.37 -11.92
C VAL D 295 -38.22 9.65 -10.76
N VAL D 296 -39.06 8.66 -11.03
CA VAL D 296 -39.74 7.88 -9.97
C VAL D 296 -39.27 6.43 -10.07
N LEU D 297 -38.11 6.10 -9.48
CA LEU D 297 -37.58 4.71 -9.39
C LEU D 297 -38.51 3.97 -8.43
N THR D 298 -39.48 3.24 -8.95
CA THR D 298 -40.49 2.47 -8.17
C THR D 298 -39.85 1.20 -7.67
N SER D 299 -40.36 0.63 -6.56
CA SER D 299 -40.00 -0.73 -6.08
C SER D 299 -41.15 -1.76 -6.21
N ARG D 300 -40.73 -3.01 -6.32
CA ARG D 300 -41.58 -4.23 -6.25
C ARG D 300 -42.44 -4.16 -4.95
N ALA D 301 -41.85 -3.73 -3.83
CA ALA D 301 -42.44 -3.82 -2.47
C ALA D 301 -43.03 -2.47 -2.00
N ASP D 302 -42.75 -1.36 -2.67
CA ASP D 302 -43.49 -0.08 -2.45
C ASP D 302 -44.99 -0.42 -2.40
N SER D 303 -45.75 0.24 -1.51
CA SER D 303 -47.23 0.22 -1.46
C SER D 303 -47.83 1.10 -2.56
N HIS D 304 -49.15 0.99 -2.74
CA HIS D 304 -49.92 1.79 -3.71
C HIS D 304 -49.70 3.27 -3.35
N GLU D 305 -49.90 3.63 -2.09
CA GLU D 305 -49.89 5.04 -1.67
C GLU D 305 -48.50 5.64 -1.86
N THR D 306 -47.43 4.88 -1.66
CA THR D 306 -46.03 5.38 -1.81
C THR D 306 -45.79 5.74 -3.30
N LYS D 307 -46.21 4.87 -4.22
CA LYS D 307 -46.12 5.09 -5.68
C LYS D 307 -46.86 6.37 -6.04
N MET D 308 -48.05 6.54 -5.45
CA MET D 308 -48.91 7.72 -5.67
C MET D 308 -48.16 8.96 -5.20
N ASN D 309 -47.82 8.99 -3.91
CA ASN D 309 -47.16 10.17 -3.29
C ASN D 309 -45.91 10.52 -4.09
N SER D 310 -45.22 9.49 -4.59
CA SER D 310 -43.96 9.59 -5.38
C SER D 310 -44.22 10.29 -6.70
N ILE D 311 -45.30 9.93 -7.38
CA ILE D 311 -45.73 10.65 -8.61
C ILE D 311 -46.00 12.10 -8.21
N ALA D 312 -46.69 12.30 -7.09
CA ALA D 312 -47.13 13.62 -6.59
C ALA D 312 -45.92 14.52 -6.41
N LEU D 313 -44.87 14.00 -5.76
CA LEU D 313 -43.58 14.72 -5.56
C LEU D 313 -42.99 15.09 -6.92
N ALA D 314 -42.86 14.11 -7.82
CA ALA D 314 -42.28 14.36 -9.16
C ALA D 314 -43.08 15.49 -9.84
N ALA D 315 -44.41 15.45 -9.80
CA ALA D 315 -45.26 16.53 -10.34
C ALA D 315 -44.91 17.83 -9.62
N LEU D 316 -44.89 17.86 -8.27
CA LEU D 316 -44.68 19.13 -7.52
C LEU D 316 -43.37 19.78 -7.99
N VAL D 317 -42.29 18.99 -8.07
CA VAL D 317 -40.92 19.45 -8.41
C VAL D 317 -40.90 19.93 -9.85
N ALA D 318 -41.56 19.24 -10.77
CA ALA D 318 -41.51 19.63 -12.20
C ALA D 318 -42.31 20.92 -12.43
N GLY D 319 -43.11 21.33 -11.43
CA GLY D 319 -43.74 22.67 -11.35
C GLY D 319 -42.75 23.77 -10.95
N ASN D 320 -41.47 23.42 -10.67
CA ASN D 320 -40.36 24.35 -10.30
C ASN D 320 -39.14 24.08 -11.19
N MET E 21 -8.93 43.13 26.95
CA MET E 21 -8.78 44.60 27.21
C MET E 21 -7.33 45.04 26.96
N ILE E 22 -6.35 44.14 27.09
CA ILE E 22 -4.90 44.46 26.93
C ILE E 22 -4.53 44.45 25.44
N LYS E 23 -3.93 45.53 24.94
CA LYS E 23 -3.67 45.75 23.49
C LYS E 23 -2.23 46.20 23.21
N SER E 24 -1.30 46.07 24.18
CA SER E 24 0.12 46.51 24.09
C SER E 24 0.97 45.88 25.20
N PHE E 25 2.28 45.86 24.99
CA PHE E 25 3.25 45.34 25.99
C PHE E 25 3.40 46.33 27.15
N ASN E 26 3.10 47.62 26.95
CA ASN E 26 3.08 48.61 28.06
C ASN E 26 1.93 48.27 28.99
N GLU E 27 0.77 47.91 28.42
CA GLU E 27 -0.39 47.44 29.20
C GLU E 27 -0.03 46.10 29.89
N ILE E 28 0.68 45.19 29.21
CA ILE E 28 1.07 43.88 29.83
C ILE E 28 1.93 44.18 31.05
N ILE E 29 2.89 45.11 30.93
CA ILE E 29 3.86 45.36 32.04
C ILE E 29 3.15 46.02 33.22
N MET E 30 2.27 46.98 32.94
CA MET E 30 1.57 47.71 34.03
C MET E 30 0.76 46.70 34.84
N LYS E 31 0.13 45.74 34.17
CA LYS E 31 -0.66 44.69 34.88
C LYS E 31 0.26 43.86 35.77
N VAL E 32 1.41 43.44 35.25
CA VAL E 32 2.33 42.56 36.02
C VAL E 32 2.77 43.33 37.26
N LYS E 33 3.16 44.59 37.08
CA LYS E 33 3.65 45.46 38.19
C LYS E 33 2.59 45.57 39.29
N SER E 34 1.30 45.57 38.93
CA SER E 34 0.15 45.81 39.84
C SER E 34 -0.26 44.54 40.60
N LYS E 35 0.34 43.39 40.27
CA LYS E 35 0.03 42.07 40.88
C LYS E 35 1.26 41.61 41.67
N GLU E 36 1.13 40.57 42.49
CA GLU E 36 2.24 40.04 43.32
C GLU E 36 3.42 39.66 42.43
N MET E 37 4.60 40.25 42.67
CA MET E 37 5.85 39.95 41.91
C MET E 37 6.01 38.44 41.89
N LYS E 38 6.50 37.87 40.78
CA LYS E 38 6.64 36.41 40.58
C LYS E 38 8.13 36.10 40.42
N LYS E 39 8.54 34.86 40.71
CA LYS E 39 9.97 34.49 40.68
C LYS E 39 10.31 33.64 39.44
N VAL E 40 11.47 33.90 38.83
CA VAL E 40 11.93 33.11 37.66
C VAL E 40 13.18 32.35 38.09
N ALA E 41 13.25 31.06 37.79
CA ALA E 41 14.50 30.33 38.06
C ALA E 41 15.29 30.34 36.75
N VAL E 42 16.53 30.81 36.77
CA VAL E 42 17.38 30.84 35.54
C VAL E 42 18.24 29.58 35.48
N ALA E 43 18.16 28.80 34.40
CA ALA E 43 18.81 27.46 34.35
C ALA E 43 20.32 27.44 34.45
N VAL E 44 21.07 28.18 33.65
CA VAL E 44 22.55 28.27 33.82
C VAL E 44 22.69 29.77 33.64
N ALA E 45 22.69 30.51 34.73
CA ALA E 45 22.47 31.98 34.61
C ALA E 45 23.72 32.76 34.27
N GLN E 46 24.85 32.11 34.00
CA GLN E 46 26.05 32.85 33.57
C GLN E 46 25.86 33.26 32.12
N ASP E 47 24.78 34.00 31.83
CA ASP E 47 24.50 34.50 30.47
C ASP E 47 24.29 36.01 30.62
N GLU E 48 25.17 36.83 30.06
CA GLU E 48 25.12 38.30 30.26
C GLU E 48 23.81 38.92 29.74
N PRO E 49 23.29 38.61 28.52
CA PRO E 49 22.13 39.34 28.01
C PRO E 49 20.86 38.95 28.76
N VAL E 50 20.85 37.72 29.31
CA VAL E 50 19.77 37.14 30.17
C VAL E 50 19.75 37.95 31.46
N LEU E 51 20.89 37.96 32.15
CA LEU E 51 21.06 38.59 33.48
C LEU E 51 20.73 40.09 33.38
N GLU E 52 21.11 40.74 32.27
CA GLU E 52 20.73 42.14 31.93
C GLU E 52 19.20 42.28 32.00
N ALA E 53 18.45 41.36 31.35
CA ALA E 53 16.97 41.29 31.29
C ALA E 53 16.35 41.04 32.67
N VAL E 54 16.88 40.07 33.40
CA VAL E 54 16.50 39.73 34.81
C VAL E 54 16.65 40.95 35.75
N ARG E 55 17.84 41.55 35.76
CA ARG E 55 18.17 42.81 36.46
C ARG E 55 17.08 43.85 36.21
N ASP E 56 16.78 44.18 34.96
CA ASP E 56 15.80 45.24 34.61
C ASP E 56 14.42 44.76 35.00
N ALA E 57 14.18 43.45 34.99
CA ALA E 57 12.92 42.82 35.49
C ALA E 57 12.69 43.20 36.96
N LYS E 58 13.77 43.20 37.76
CA LYS E 58 13.77 43.45 39.24
C LYS E 58 13.67 44.94 39.54
N LYS E 59 14.45 45.76 38.84
CA LYS E 59 14.43 47.24 38.95
C LYS E 59 13.05 47.77 38.53
N ASN E 60 12.25 47.07 37.73
CA ASN E 60 10.93 47.59 37.30
C ASN E 60 9.79 46.88 38.02
N GLY E 61 10.09 45.92 38.90
CA GLY E 61 9.07 45.13 39.64
C GLY E 61 8.36 44.14 38.75
N ILE E 62 8.93 43.80 37.59
CA ILE E 62 8.34 42.80 36.67
C ILE E 62 8.56 41.38 37.24
N ALA E 63 9.67 41.09 37.91
CA ALA E 63 9.90 39.77 38.54
C ALA E 63 11.12 39.77 39.47
N ASP E 64 11.15 38.77 40.36
CA ASP E 64 12.33 38.52 41.22
C ASP E 64 13.00 37.31 40.58
N ALA E 65 14.16 36.86 41.06
CA ALA E 65 14.75 35.68 40.39
C ALA E 65 15.71 34.87 41.26
N ILE E 66 15.90 33.60 40.91
CA ILE E 66 16.93 32.75 41.57
C ILE E 66 17.92 32.41 40.45
N LEU E 67 19.21 32.67 40.66
CA LEU E 67 20.21 32.44 39.59
C LEU E 67 20.95 31.13 39.88
N VAL E 68 20.62 30.07 39.14
CA VAL E 68 21.21 28.72 39.38
C VAL E 68 22.36 28.49 38.41
N GLY E 69 23.59 28.36 38.88
CA GLY E 69 24.77 28.29 37.99
C GLY E 69 26.10 28.47 38.69
N ASP E 70 27.13 28.77 37.92
CA ASP E 70 28.49 29.00 38.42
C ASP E 70 28.50 30.35 39.16
N HIS E 71 28.52 30.31 40.51
CA HIS E 71 28.51 31.52 41.38
C HIS E 71 29.54 32.54 40.90
N ASP E 72 30.81 32.11 40.79
CA ASP E 72 31.93 33.00 40.39
C ASP E 72 31.62 33.64 39.03
N GLU E 73 31.14 32.87 38.05
CA GLU E 73 30.89 33.39 36.68
C GLU E 73 29.68 34.32 36.77
N ILE E 74 28.66 33.96 37.52
CA ILE E 74 27.43 34.80 37.63
C ILE E 74 27.84 36.17 38.19
N VAL E 75 28.72 36.20 39.18
CA VAL E 75 29.16 37.40 39.95
C VAL E 75 30.06 38.30 39.09
N SER E 76 31.01 37.75 38.31
CA SER E 76 31.79 38.53 37.28
C SER E 76 30.81 39.39 36.49
N ILE E 77 29.75 38.78 36.01
CA ILE E 77 28.79 39.40 35.06
C ILE E 77 27.93 40.43 35.81
N ALA E 78 27.42 40.06 36.98
CA ALA E 78 26.71 40.95 37.92
C ALA E 78 27.48 42.26 38.01
N LEU E 79 28.80 42.16 38.24
CA LEU E 79 29.74 43.31 38.31
C LEU E 79 29.71 44.13 37.01
N LYS E 80 29.97 43.50 35.85
CA LYS E 80 30.02 44.17 34.52
C LYS E 80 28.73 44.99 34.27
N ILE E 81 27.59 44.49 34.74
CA ILE E 81 26.21 44.90 34.31
C ILE E 81 25.67 45.97 35.26
N GLY E 82 26.18 45.99 36.49
CA GLY E 82 25.63 46.80 37.59
C GLY E 82 24.51 46.06 38.28
N MET E 83 24.63 44.74 38.43
CA MET E 83 23.59 43.93 39.11
C MET E 83 24.00 43.78 40.57
N ASP E 84 23.12 44.14 41.50
CA ASP E 84 23.31 44.00 42.98
C ASP E 84 22.91 42.58 43.37
N VAL E 85 23.88 41.72 43.64
CA VAL E 85 23.67 40.27 43.90
C VAL E 85 22.90 40.06 45.23
N ASN E 86 22.73 41.10 46.04
CA ASN E 86 21.97 40.98 47.32
C ASN E 86 20.47 41.12 47.07
N ASP E 87 20.06 41.41 45.83
CA ASP E 87 18.64 41.56 45.40
C ASP E 87 18.17 40.20 44.85
N PHE E 88 19.07 39.28 44.56
CA PHE E 88 18.76 37.94 43.99
C PHE E 88 19.13 36.88 45.02
N GLU E 89 18.63 35.67 44.82
CA GLU E 89 19.21 34.43 45.39
C GLU E 89 20.14 33.83 44.32
N ILE E 90 21.13 33.06 44.72
CA ILE E 90 22.01 32.35 43.74
C ILE E 90 22.26 30.96 44.28
N VAL E 91 21.77 29.92 43.62
CA VAL E 91 22.25 28.53 43.88
C VAL E 91 23.52 28.32 43.04
N ASN E 92 24.63 28.05 43.70
CA ASN E 92 25.91 27.77 43.00
C ASN E 92 25.91 26.30 42.57
N GLU E 93 25.59 26.06 41.30
CA GLU E 93 25.85 24.77 40.64
C GLU E 93 26.63 25.01 39.35
N PRO E 94 27.94 24.73 39.31
CA PRO E 94 28.75 25.01 38.12
C PRO E 94 28.54 23.91 37.06
N ASN E 95 28.19 22.69 37.46
CA ASN E 95 27.79 21.67 36.45
C ASN E 95 26.58 22.19 35.67
N VAL E 96 26.64 22.23 34.35
CA VAL E 96 25.61 22.90 33.51
C VAL E 96 24.30 22.10 33.55
N LYS E 97 24.38 20.80 33.25
CA LYS E 97 23.20 19.91 33.18
C LYS E 97 22.51 19.84 34.53
N LYS E 98 23.25 19.89 35.64
CA LYS E 98 22.68 19.80 37.02
C LYS E 98 22.03 21.13 37.40
N ALA E 99 22.72 22.24 37.15
CA ALA E 99 22.16 23.60 37.27
C ALA E 99 20.81 23.63 36.55
N ALA E 100 20.75 23.30 35.26
CA ALA E 100 19.51 23.31 34.45
C ALA E 100 18.41 22.57 35.20
N LEU E 101 18.71 21.41 35.77
CA LEU E 101 17.72 20.54 36.46
C LEU E 101 17.32 21.16 37.79
N LYS E 102 18.28 21.61 38.60
CA LYS E 102 17.94 22.31 39.86
C LYS E 102 16.93 23.42 39.53
N ALA E 103 17.15 24.19 38.47
CA ALA E 103 16.33 25.35 38.06
C ALA E 103 14.86 24.93 37.91
N VAL E 104 14.67 23.77 37.28
CA VAL E 104 13.34 23.21 36.99
C VAL E 104 12.73 22.76 38.34
N GLU E 105 13.46 21.95 39.12
CA GLU E 105 13.04 21.45 40.46
C GLU E 105 12.61 22.62 41.37
N LEU E 106 13.16 23.80 41.22
CA LEU E 106 12.73 24.94 42.08
C LEU E 106 11.30 25.33 41.68
N VAL E 107 11.00 25.30 40.39
CA VAL E 107 9.66 25.70 39.85
C VAL E 107 8.64 24.60 40.17
N SER E 108 9.00 23.35 39.86
CA SER E 108 8.14 22.14 40.08
C SER E 108 7.85 21.90 41.57
N THR E 109 8.64 22.47 42.49
CA THR E 109 8.37 22.35 43.95
C THR E 109 7.78 23.66 44.48
N GLY E 110 7.54 24.66 43.63
CA GLY E 110 6.79 25.87 44.01
C GLY E 110 7.69 26.97 44.54
N LYS E 111 9.01 26.74 44.60
CA LYS E 111 10.02 27.74 45.03
C LYS E 111 10.14 28.85 43.98
N ALA E 112 9.77 28.59 42.72
CA ALA E 112 9.74 29.59 41.64
C ALA E 112 8.50 29.34 40.78
N ASP E 113 8.11 30.35 40.01
CA ASP E 113 6.83 30.42 39.25
C ASP E 113 7.07 30.01 37.78
N MET E 114 8.28 30.27 37.23
CA MET E 114 8.67 30.00 35.82
C MET E 114 10.16 29.66 35.69
N VAL E 115 10.60 29.26 34.49
CA VAL E 115 12.03 28.95 34.15
C VAL E 115 12.46 29.82 32.96
N MET E 116 13.66 30.42 33.03
CA MET E 116 14.39 30.99 31.87
C MET E 116 15.56 30.07 31.53
N LYS E 117 15.68 29.71 30.26
CA LYS E 117 16.92 29.11 29.72
C LYS E 117 18.01 30.17 29.71
N GLY E 118 19.17 29.89 30.30
CA GLY E 118 20.39 30.71 30.20
C GLY E 118 21.41 30.05 29.30
N LEU E 119 22.61 29.76 29.84
CA LEU E 119 23.86 29.40 29.10
C LEU E 119 23.95 27.89 28.83
N VAL E 120 22.83 27.32 28.36
CA VAL E 120 22.61 25.89 28.00
C VAL E 120 22.12 25.89 26.57
N ASN E 121 22.41 24.81 25.86
CA ASN E 121 21.77 24.52 24.56
C ASN E 121 20.28 24.18 24.83
N THR E 122 19.43 24.39 23.82
CA THR E 122 17.96 24.19 23.85
C THR E 122 17.59 22.72 24.11
N ALA E 123 18.06 21.78 23.28
CA ALA E 123 17.89 20.31 23.49
C ALA E 123 18.01 19.97 25.00
N THR E 124 19.06 20.44 25.69
CA THR E 124 19.38 20.03 27.07
C THR E 124 18.43 20.72 28.04
N PHE E 125 18.09 21.97 27.77
CA PHE E 125 17.16 22.77 28.62
C PHE E 125 15.74 22.19 28.56
N LEU E 126 15.34 21.70 27.38
CA LEU E 126 14.00 21.08 27.20
C LEU E 126 13.99 19.73 27.90
N ARG E 127 14.98 18.87 27.68
CA ARG E 127 15.06 17.53 28.34
C ARG E 127 14.95 17.77 29.85
N SER E 128 15.59 18.82 30.34
CA SER E 128 15.49 19.25 31.75
C SER E 128 14.04 19.67 32.12
N VAL E 129 13.41 20.60 31.37
CA VAL E 129 11.99 21.01 31.59
C VAL E 129 11.07 19.77 31.58
N LEU E 130 11.34 18.81 30.67
CA LEU E 130 10.48 17.62 30.40
C LEU E 130 10.98 16.43 31.20
N ASN E 131 11.79 16.65 32.24
CA ASN E 131 12.13 15.57 33.19
C ASN E 131 10.82 14.98 33.72
N LYS E 132 10.75 13.65 33.84
CA LYS E 132 9.53 12.97 34.35
C LYS E 132 9.64 12.93 35.87
N GLU E 133 10.86 12.93 36.41
CA GLU E 133 11.13 12.86 37.88
C GLU E 133 10.81 14.23 38.49
N VAL E 134 11.39 15.28 37.93
CA VAL E 134 11.55 16.61 38.58
C VAL E 134 10.79 17.72 37.83
N GLY E 135 10.46 17.46 36.56
CA GLY E 135 10.14 18.49 35.55
C GLY E 135 8.71 18.98 35.62
N LEU E 136 8.21 19.51 34.49
CA LEU E 136 6.91 20.21 34.41
C LEU E 136 5.97 19.52 33.42
N ARG E 137 6.24 18.27 33.04
CA ARG E 137 5.30 17.45 32.22
C ARG E 137 3.90 17.53 32.87
N THR E 138 2.88 18.01 32.15
CA THR E 138 1.45 17.87 32.51
C THR E 138 0.86 16.78 31.62
N GLY E 139 -0.44 16.54 31.66
CA GLY E 139 -1.12 15.74 30.62
C GLY E 139 -0.86 16.22 29.19
N LYS E 140 -1.15 17.51 28.93
CA LYS E 140 -1.33 18.11 27.58
C LYS E 140 0.02 18.23 26.82
N THR E 141 -0.04 18.38 25.50
CA THR E 141 1.10 18.79 24.62
C THR E 141 1.62 20.16 25.09
N MET E 142 2.95 20.27 25.19
CA MET E 142 3.66 21.56 25.39
C MET E 142 3.63 22.32 24.06
N SER E 143 3.35 23.63 24.05
CA SER E 143 3.29 24.48 22.83
C SER E 143 3.99 25.82 23.03
N HIS E 144 4.51 26.45 21.97
CA HIS E 144 5.11 27.82 22.02
C HIS E 144 4.12 28.88 21.53
N VAL E 145 4.08 30.04 22.20
CA VAL E 145 3.17 31.16 21.86
C VAL E 145 3.97 32.42 21.63
N ALA E 146 4.21 32.86 20.40
CA ALA E 146 4.77 34.22 20.14
C ALA E 146 3.64 35.24 20.33
N VAL E 147 3.89 36.44 20.87
CA VAL E 147 2.89 37.55 20.93
C VAL E 147 3.46 38.83 20.35
N PHE E 148 2.86 39.40 19.31
CA PHE E 148 3.39 40.62 18.62
C PHE E 148 2.49 41.83 18.88
N GLU E 149 3.09 43.00 18.81
CA GLU E 149 2.39 44.31 18.92
C GLU E 149 2.81 45.05 17.66
N THR E 150 1.98 45.01 16.62
CA THR E 150 2.25 45.53 15.26
C THR E 150 1.74 46.97 15.16
N GLU E 151 2.42 47.86 14.44
CA GLU E 151 1.98 49.27 14.36
C GLU E 151 0.74 49.38 13.47
N LYS E 152 0.62 48.54 12.44
CA LYS E 152 -0.53 48.54 11.48
C LYS E 152 -1.84 48.02 12.09
N PHE E 153 -1.85 47.47 13.31
CA PHE E 153 -3.03 46.83 13.96
C PHE E 153 -3.02 47.04 15.48
N ASP E 154 -4.08 47.62 16.06
CA ASP E 154 -4.16 48.07 17.48
C ASP E 154 -4.30 46.91 18.46
N ARG E 155 -4.60 45.69 18.02
CA ARG E 155 -4.73 44.56 18.96
C ARG E 155 -3.42 43.75 18.98
N LEU E 156 -3.29 42.91 20.00
CA LEU E 156 -2.20 41.91 20.15
C LEU E 156 -2.47 40.67 19.28
N LEU E 157 -1.50 40.28 18.45
CA LEU E 157 -1.53 39.05 17.61
C LEU E 157 -0.81 37.93 18.37
N PHE E 158 -1.44 36.78 18.56
CA PHE E 158 -0.73 35.59 19.11
C PHE E 158 -0.49 34.58 17.98
N LEU E 159 0.75 34.15 17.79
CA LEU E 159 1.08 33.07 16.83
C LEU E 159 1.45 31.82 17.61
N THR E 160 0.77 30.71 17.36
CA THR E 160 1.13 29.36 17.86
C THR E 160 1.08 28.43 16.67
N ASP E 161 1.91 27.37 16.59
CA ASP E 161 3.16 27.20 17.32
C ASP E 161 4.26 27.41 16.29
N VAL E 162 5.04 28.49 16.41
CA VAL E 162 6.11 28.88 15.44
C VAL E 162 7.45 28.24 15.81
N ALA E 163 7.59 27.50 16.91
CA ALA E 163 8.93 27.22 17.51
C ALA E 163 9.10 25.74 17.94
N PHE E 164 8.10 25.13 18.56
CA PHE E 164 8.26 23.78 19.18
C PHE E 164 7.62 22.69 18.32
N ASN E 165 6.30 22.60 18.31
CA ASN E 165 5.58 21.52 17.59
C ASN E 165 5.85 21.73 16.10
N THR E 166 6.29 20.65 15.44
CA THR E 166 6.73 20.61 14.01
C THR E 166 5.54 20.41 13.07
N TYR E 167 4.92 19.22 13.09
CA TYR E 167 3.79 18.83 12.19
C TYR E 167 2.66 18.28 13.05
N PRO E 168 2.00 19.11 13.87
CA PRO E 168 0.98 18.61 14.79
C PRO E 168 -0.29 18.22 14.02
N GLU E 169 -0.82 17.03 14.30
CA GLU E 169 -2.14 16.54 13.85
C GLU E 169 -3.23 17.24 14.67
N LEU E 170 -4.48 17.01 14.29
CA LEU E 170 -5.68 17.55 14.98
C LEU E 170 -5.49 17.39 16.50
N LYS E 171 -4.96 16.24 16.96
CA LYS E 171 -4.95 15.89 18.40
C LYS E 171 -4.08 16.90 19.16
N GLU E 172 -2.93 17.25 18.58
CA GLU E 172 -1.97 18.20 19.18
C GLU E 172 -2.42 19.63 18.84
N LYS E 173 -3.19 19.81 17.76
CA LYS E 173 -3.73 21.14 17.36
C LYS E 173 -4.75 21.58 18.43
N ILE E 174 -5.56 20.64 18.93
CA ILE E 174 -6.52 20.89 20.05
C ILE E 174 -5.70 21.47 21.21
N ASP E 175 -4.61 20.82 21.60
CA ASP E 175 -3.77 21.28 22.75
C ASP E 175 -3.24 22.67 22.41
N ILE E 176 -2.58 22.82 21.27
CA ILE E 176 -1.92 24.09 20.84
C ILE E 176 -2.90 25.23 21.05
N VAL E 177 -4.15 25.06 20.58
CA VAL E 177 -5.27 26.03 20.70
C VAL E 177 -5.52 26.35 22.18
N ASN E 178 -5.92 25.38 22.99
CA ASN E 178 -6.23 25.56 24.44
C ASN E 178 -5.07 26.32 25.13
N ASN E 179 -3.84 25.85 24.93
CA ASN E 179 -2.61 26.40 25.56
C ASN E 179 -2.62 27.91 25.25
N SER E 180 -2.66 28.27 23.97
CA SER E 180 -2.71 29.68 23.46
C SER E 180 -3.90 30.43 24.08
N VAL E 181 -5.03 29.76 24.23
CA VAL E 181 -6.27 30.37 24.76
C VAL E 181 -5.96 30.77 26.20
N LYS E 182 -5.45 29.83 27.02
CA LYS E 182 -5.13 30.02 28.47
C LYS E 182 -4.17 31.21 28.61
N VAL E 183 -3.22 31.39 27.68
CA VAL E 183 -2.37 32.62 27.63
C VAL E 183 -3.28 33.82 27.37
N ALA E 184 -4.10 33.75 26.34
CA ALA E 184 -4.95 34.87 25.88
C ALA E 184 -5.81 35.39 27.06
N HIS E 185 -6.37 34.42 27.82
CA HIS E 185 -7.16 34.60 29.07
C HIS E 185 -6.35 35.38 30.11
N ALA E 186 -5.12 34.97 30.38
CA ALA E 186 -4.13 35.70 31.23
C ALA E 186 -3.93 37.17 30.81
N ILE E 187 -3.95 37.50 29.52
CA ILE E 187 -3.71 38.90 29.05
C ILE E 187 -5.05 39.66 29.11
N GLY E 188 -6.15 39.00 29.47
CA GLY E 188 -7.44 39.66 29.75
C GLY E 188 -8.41 39.60 28.57
N ILE E 189 -8.11 38.79 27.55
CA ILE E 189 -9.02 38.46 26.41
C ILE E 189 -9.92 37.31 26.88
N GLU E 190 -11.20 37.61 27.16
CA GLU E 190 -12.23 36.69 27.74
C GLU E 190 -12.53 35.56 26.73
N ASN E 191 -12.52 35.94 25.43
CA ASN E 191 -13.08 35.16 24.30
C ASN E 191 -12.24 35.45 23.07
N PRO E 192 -11.02 34.87 23.01
CA PRO E 192 -10.15 35.09 21.87
C PRO E 192 -10.77 34.47 20.61
N LYS E 193 -10.44 35.11 19.48
CA LYS E 193 -10.80 34.70 18.11
C LYS E 193 -9.65 33.88 17.54
N VAL E 194 -9.84 32.58 17.36
CA VAL E 194 -8.79 31.69 16.82
C VAL E 194 -9.06 31.50 15.32
N ALA E 195 -8.07 31.79 14.49
CA ALA E 195 -8.08 31.56 13.04
C ALA E 195 -7.05 30.47 12.78
N PRO E 196 -7.45 29.18 12.62
CA PRO E 196 -6.61 28.21 11.95
C PRO E 196 -6.20 28.81 10.60
N ILE E 197 -4.91 29.08 10.38
CA ILE E 197 -4.47 29.78 9.14
C ILE E 197 -4.13 28.71 8.11
N CYS E 198 -4.72 28.85 6.92
CA CYS E 198 -4.37 28.06 5.72
C CYS E 198 -4.11 29.05 4.60
N ALA E 199 -3.84 28.59 3.38
CA ALA E 199 -3.54 29.43 2.21
C ALA E 199 -4.83 30.00 1.62
N VAL E 200 -5.98 29.51 2.10
CA VAL E 200 -7.31 29.73 1.44
C VAL E 200 -8.39 29.76 2.51
N GLU E 201 -9.39 30.63 2.32
CA GLU E 201 -10.55 30.77 3.26
C GLU E 201 -11.58 29.65 3.01
N VAL E 202 -11.26 28.62 2.25
CA VAL E 202 -12.31 27.63 1.86
C VAL E 202 -11.76 26.21 2.04
N ILE E 203 -12.68 25.29 2.30
CA ILE E 203 -12.35 23.87 2.51
C ILE E 203 -11.60 23.35 1.29
N ASN E 204 -10.84 22.28 1.45
CA ASN E 204 -10.19 21.60 0.31
C ASN E 204 -9.67 20.25 0.78
N PRO E 205 -10.19 19.15 0.19
CA PRO E 205 -9.74 17.81 0.53
C PRO E 205 -8.23 17.59 0.33
N LYS E 206 -7.61 18.36 -0.58
CA LYS E 206 -6.20 18.19 -1.04
C LYS E 206 -5.24 19.04 -0.20
N MET E 207 -5.80 19.88 0.69
CA MET E 207 -5.07 20.77 1.62
C MET E 207 -5.47 20.34 3.03
N PRO E 208 -4.85 19.27 3.60
CA PRO E 208 -5.27 18.70 4.87
C PRO E 208 -5.36 19.69 6.05
N SER E 209 -4.75 20.87 5.91
CA SER E 209 -4.79 21.95 6.94
C SER E 209 -6.22 22.49 7.05
N THR E 210 -6.92 22.65 5.93
CA THR E 210 -8.32 23.16 5.89
C THR E 210 -9.28 22.17 6.56
N LEU E 211 -8.98 20.86 6.50
CA LEU E 211 -9.78 19.78 7.15
C LEU E 211 -9.64 19.92 8.66
N ASP E 212 -8.40 19.94 9.15
CA ASP E 212 -8.12 20.19 10.58
C ASP E 212 -8.83 21.48 10.99
N ALA E 213 -8.82 22.53 10.18
CA ALA E 213 -9.46 23.82 10.51
C ALA E 213 -10.97 23.60 10.74
N ALA E 214 -11.65 22.89 9.84
CA ALA E 214 -13.11 22.68 9.96
C ALA E 214 -13.41 21.80 11.18
N MET E 215 -12.66 20.72 11.39
CA MET E 215 -12.85 19.80 12.56
C MET E 215 -12.71 20.56 13.89
N LEU E 216 -11.72 21.46 14.01
CA LEU E 216 -11.53 22.37 15.19
C LEU E 216 -12.64 23.43 15.30
N SER E 217 -13.18 23.93 14.19
CA SER E 217 -14.29 24.93 14.18
C SER E 217 -15.58 24.27 14.64
N LYS E 218 -15.65 22.94 14.58
CA LYS E 218 -16.84 22.16 15.00
C LYS E 218 -16.71 21.79 16.47
N MET E 219 -15.48 21.63 16.94
CA MET E 219 -15.19 21.45 18.36
C MET E 219 -15.45 22.78 19.07
N SER E 220 -15.24 23.89 18.39
CA SER E 220 -15.62 25.20 18.95
C SER E 220 -17.14 25.27 19.00
N ASP E 221 -17.86 24.87 17.95
CA ASP E 221 -19.35 25.02 17.92
C ASP E 221 -19.96 24.17 19.04
N ARG E 222 -19.64 22.87 19.05
CA ARG E 222 -20.05 21.87 20.06
C ARG E 222 -19.75 22.37 21.49
N GLY E 223 -18.61 23.05 21.71
CA GLY E 223 -18.17 23.50 23.04
C GLY E 223 -17.07 22.63 23.61
N GLN E 224 -16.44 21.77 22.78
CA GLN E 224 -15.31 20.90 23.16
C GLN E 224 -14.03 21.75 23.21
N ILE E 225 -14.04 22.94 22.62
CA ILE E 225 -12.99 23.98 22.83
C ILE E 225 -13.72 25.13 23.50
N LYS E 226 -13.47 25.37 24.79
CA LYS E 226 -14.19 26.38 25.62
C LYS E 226 -13.38 27.67 25.67
N GLY E 227 -14.04 28.79 25.95
CA GLY E 227 -13.39 30.07 26.31
C GLY E 227 -12.93 30.83 25.10
N CYS E 228 -13.34 30.37 23.92
CA CYS E 228 -12.90 30.99 22.66
C CYS E 228 -13.87 30.61 21.54
N VAL E 229 -13.58 31.15 20.36
CA VAL E 229 -14.28 30.89 19.08
C VAL E 229 -13.19 30.50 18.08
N VAL E 230 -13.22 29.26 17.63
CA VAL E 230 -12.35 28.75 16.54
C VAL E 230 -13.16 28.85 15.25
N ASP E 231 -12.65 29.55 14.25
CA ASP E 231 -13.29 29.61 12.91
C ASP E 231 -12.17 29.55 11.86
N GLY E 232 -12.07 28.41 11.16
CA GLY E 232 -11.12 28.23 10.05
C GLY E 232 -11.66 27.21 9.03
N PRO E 233 -11.09 27.15 7.82
CA PRO E 233 -9.87 27.90 7.49
C PRO E 233 -10.10 29.38 7.12
N LEU E 234 -9.21 30.27 7.56
CA LEU E 234 -9.10 31.66 7.05
C LEU E 234 -7.69 31.83 6.50
N ALA E 235 -7.48 32.62 5.44
CA ALA E 235 -6.12 32.98 4.94
C ALA E 235 -5.64 34.21 5.71
N LEU E 236 -4.33 34.39 5.84
CA LEU E 236 -3.77 35.36 6.81
C LEU E 236 -4.49 36.71 6.65
N ASP E 237 -4.67 37.18 5.41
CA ASP E 237 -5.25 38.52 5.15
C ASP E 237 -6.67 38.58 5.73
N ILE E 238 -7.46 37.51 5.56
CA ILE E 238 -8.89 37.42 6.01
C ILE E 238 -8.92 37.41 7.53
N ALA E 239 -8.05 36.66 8.20
CA ALA E 239 -8.02 36.55 9.69
C ALA E 239 -7.71 37.92 10.29
N LEU E 240 -6.90 38.71 9.57
CA LEU E 240 -6.11 39.89 10.03
C LEU E 240 -6.84 41.18 9.68
N SER E 241 -7.32 41.34 8.43
CA SER E 241 -7.98 42.56 7.92
C SER E 241 -9.49 42.41 7.86
N GLU E 242 -10.21 43.44 8.32
CA GLU E 242 -11.69 43.59 8.19
C GLU E 242 -12.05 43.97 6.75
N GLU E 243 -11.29 44.89 6.15
CA GLU E 243 -11.41 45.30 4.71
C GLU E 243 -11.30 44.04 3.83
N ALA E 244 -10.36 43.15 4.15
CA ALA E 244 -10.02 41.95 3.35
C ALA E 244 -11.13 40.89 3.47
N ALA E 245 -11.64 40.67 4.68
CA ALA E 245 -12.74 39.71 4.98
C ALA E 245 -14.04 40.15 4.29
N HIS E 246 -14.30 41.46 4.34
CA HIS E 246 -15.47 42.12 3.73
C HIS E 246 -15.41 41.87 2.23
N HIS E 247 -14.30 42.23 1.55
CA HIS E 247 -14.20 42.13 0.07
C HIS E 247 -14.44 40.67 -0.37
N LYS E 248 -13.75 39.68 0.22
CA LYS E 248 -13.88 38.24 -0.12
C LYS E 248 -15.15 37.67 0.52
N GLY E 249 -15.91 38.56 1.16
CA GLY E 249 -17.26 38.32 1.70
C GLY E 249 -17.30 37.18 2.70
N VAL E 250 -16.54 37.25 3.80
CA VAL E 250 -16.49 36.14 4.81
C VAL E 250 -17.09 36.63 6.11
N THR E 251 -18.12 35.94 6.56
CA THR E 251 -18.96 36.33 7.72
C THR E 251 -18.62 35.46 8.93
N GLY E 252 -18.87 35.97 10.13
CA GLY E 252 -18.69 35.23 11.38
C GLY E 252 -17.97 36.08 12.38
N GLU E 253 -17.47 35.45 13.44
CA GLU E 253 -16.98 36.20 14.63
C GLU E 253 -15.47 36.37 14.60
N VAL E 254 -14.76 35.62 13.75
CA VAL E 254 -13.26 35.57 13.70
C VAL E 254 -12.76 36.45 12.55
N ALA E 255 -13.24 36.25 11.32
CA ALA E 255 -12.71 36.98 10.15
C ALA E 255 -12.66 38.47 10.49
N GLY E 256 -11.50 39.10 10.28
CA GLY E 256 -11.32 40.53 10.55
C GLY E 256 -10.75 40.82 11.92
N LYS E 257 -10.93 39.97 12.94
CA LYS E 257 -10.55 40.29 14.34
C LYS E 257 -9.91 39.08 15.05
N ALA E 258 -9.22 38.21 14.31
CA ALA E 258 -8.45 37.08 14.87
C ALA E 258 -7.43 37.58 15.89
N ASP E 259 -7.51 37.07 17.10
CA ASP E 259 -6.57 37.32 18.22
C ASP E 259 -5.43 36.30 18.06
N ILE E 260 -5.78 35.03 17.91
CA ILE E 260 -4.82 33.89 17.89
C ILE E 260 -4.78 33.31 16.47
N PHE E 261 -3.61 33.30 15.84
CA PHE E 261 -3.38 32.73 14.49
C PHE E 261 -2.68 31.37 14.66
N LEU E 262 -3.46 30.31 14.63
CA LEU E 262 -2.98 28.91 14.70
C LEU E 262 -2.34 28.53 13.36
N MET E 263 -1.07 28.13 13.41
CA MET E 263 -0.29 27.81 12.19
C MET E 263 -0.43 26.32 11.92
N PRO E 264 -0.50 25.91 10.63
CA PRO E 264 -0.72 24.52 10.27
C PRO E 264 0.52 23.69 10.62
N ASN E 265 1.69 24.30 10.54
CA ASN E 265 2.98 23.60 10.74
C ASN E 265 4.05 24.64 11.06
N ILE E 266 5.10 24.20 11.73
CA ILE E 266 6.21 25.05 12.20
C ILE E 266 6.80 25.85 11.04
N GLU E 267 6.64 25.45 9.78
CA GLU E 267 7.37 26.10 8.65
C GLU E 267 6.66 27.40 8.30
N THR E 268 5.34 27.33 8.18
CA THR E 268 4.45 28.49 8.10
C THR E 268 4.70 29.39 9.30
N GLY E 269 4.70 28.80 10.49
CA GLY E 269 4.94 29.51 11.75
C GLY E 269 6.28 30.24 11.80
N ASN E 270 7.38 29.49 11.80
CA ASN E 270 8.78 30.01 11.79
C ASN E 270 8.88 31.13 10.75
N VAL E 271 8.41 30.88 9.52
CA VAL E 271 8.59 31.87 8.43
C VAL E 271 7.78 33.12 8.78
N MET E 272 6.56 32.99 9.27
CA MET E 272 5.76 34.18 9.70
C MET E 272 6.46 34.93 10.84
N TYR E 273 6.90 34.23 11.87
CA TYR E 273 7.53 34.82 13.08
C TYR E 273 8.79 35.58 12.64
N LYS E 274 9.69 34.87 11.95
CA LYS E 274 10.96 35.44 11.44
C LYS E 274 10.63 36.64 10.56
N THR E 275 9.65 36.54 9.68
CA THR E 275 9.31 37.64 8.75
C THR E 275 8.94 38.90 9.55
N LEU E 276 8.16 38.77 10.63
CA LEU E 276 7.76 39.94 11.47
C LEU E 276 9.04 40.52 12.12
N THR E 277 9.88 39.68 12.72
CA THR E 277 11.04 40.20 13.47
C THR E 277 12.06 40.84 12.50
N TYR E 278 12.25 40.35 11.28
CA TYR E 278 13.40 40.75 10.42
C TYR E 278 13.01 41.92 9.50
N THR E 279 11.71 42.18 9.24
CA THR E 279 11.23 43.27 8.32
C THR E 279 10.57 44.44 9.06
N THR E 280 9.94 44.19 10.21
CA THR E 280 9.21 45.23 11.01
C THR E 280 9.97 45.57 12.29
N ASP E 281 9.51 46.64 12.94
CA ASP E 281 10.03 47.11 14.24
C ASP E 281 9.06 46.72 15.35
N SER E 282 8.22 45.70 15.09
CA SER E 282 7.20 45.15 16.02
C SER E 282 7.84 44.74 17.36
N LYS E 283 7.32 45.26 18.47
CA LYS E 283 7.57 44.74 19.84
C LYS E 283 7.06 43.31 19.86
N ASN E 284 7.74 42.39 20.54
CA ASN E 284 7.27 40.98 20.65
C ASN E 284 7.85 40.28 21.86
N GLY E 285 7.18 39.22 22.30
CA GLY E 285 7.72 38.27 23.29
C GLY E 285 7.23 36.87 22.99
N GLY E 286 7.78 35.87 23.66
CA GLY E 286 7.36 34.47 23.46
C GLY E 286 7.56 33.68 24.72
N ILE E 287 6.68 32.72 24.99
CA ILE E 287 6.83 31.73 26.10
C ILE E 287 6.44 30.35 25.57
N LEU E 288 6.78 29.30 26.33
CA LEU E 288 6.38 27.90 26.11
C LEU E 288 5.40 27.54 27.23
N VAL E 289 4.31 26.84 26.90
CA VAL E 289 3.11 26.69 27.77
C VAL E 289 2.61 25.26 27.59
N GLY E 290 1.69 24.83 28.46
CA GLY E 290 1.20 23.44 28.54
C GLY E 290 2.10 22.57 29.40
N THR E 291 3.24 23.09 29.83
CA THR E 291 3.96 22.62 31.03
C THR E 291 3.15 23.06 32.26
N SER E 292 3.51 22.53 33.43
CA SER E 292 2.89 22.87 34.75
C SER E 292 3.22 24.31 35.18
N ALA E 293 4.17 25.00 34.51
CA ALA E 293 4.53 26.44 34.70
C ALA E 293 5.15 27.01 33.43
N PRO E 294 5.07 28.34 33.19
CA PRO E 294 5.52 28.95 31.96
C PRO E 294 7.02 28.75 31.83
N VAL E 295 7.51 28.70 30.60
CA VAL E 295 8.95 28.46 30.31
C VAL E 295 9.41 29.58 29.37
N VAL E 296 10.37 30.42 29.76
CA VAL E 296 10.89 31.52 28.91
C VAL E 296 12.12 30.98 28.20
N LEU E 297 12.17 31.08 26.88
CA LEU E 297 13.27 30.48 26.10
C LEU E 297 13.69 31.44 24.98
N THR E 298 14.74 32.22 25.24
CA THR E 298 15.19 33.31 24.33
C THR E 298 16.48 32.89 23.66
N SER E 299 16.88 33.70 22.69
CA SER E 299 18.05 33.51 21.81
C SER E 299 18.83 34.83 21.63
N ARG E 300 20.01 34.77 21.05
CA ARG E 300 20.75 35.97 20.59
C ARG E 300 19.77 36.91 19.85
N ALA E 301 19.02 36.37 18.89
CA ALA E 301 18.11 37.15 18.01
C ALA E 301 17.20 38.06 18.83
N ASP E 302 16.78 37.62 20.00
CA ASP E 302 15.82 38.37 20.84
C ASP E 302 16.57 39.57 21.41
N SER E 303 16.07 40.77 21.22
CA SER E 303 16.57 42.01 21.87
C SER E 303 16.38 41.95 23.38
N HIS E 304 17.10 42.80 24.11
CA HIS E 304 16.84 43.11 25.55
C HIS E 304 15.34 43.29 25.79
N GLU E 305 14.70 44.17 25.01
CA GLU E 305 13.25 44.48 25.16
C GLU E 305 12.35 43.23 24.91
N THR E 306 12.78 42.31 24.05
CA THR E 306 12.02 41.07 23.74
C THR E 306 12.16 40.07 24.90
N LYS E 307 13.31 40.04 25.56
CA LYS E 307 13.55 39.19 26.75
C LYS E 307 12.69 39.69 27.91
N MET E 308 12.57 40.99 28.05
CA MET E 308 11.72 41.63 29.08
C MET E 308 10.27 41.23 28.83
N ASN E 309 9.79 41.47 27.61
CA ASN E 309 8.41 41.16 27.19
C ASN E 309 8.15 39.68 27.47
N SER E 310 9.10 38.78 27.18
CA SER E 310 8.95 37.32 27.38
C SER E 310 8.83 36.95 28.88
N ILE E 311 9.61 37.59 29.76
CA ILE E 311 9.48 37.45 31.25
C ILE E 311 8.11 37.97 31.70
N ALA E 312 7.66 39.13 31.21
CA ALA E 312 6.35 39.72 31.57
C ALA E 312 5.16 38.79 31.18
N LEU E 313 5.07 38.29 29.94
CA LEU E 313 4.12 37.21 29.56
C LEU E 313 4.18 36.06 30.58
N ALA E 314 5.38 35.63 30.97
CA ALA E 314 5.51 34.47 31.87
C ALA E 314 4.88 34.84 33.22
N ALA E 315 5.08 36.07 33.68
CA ALA E 315 4.51 36.55 34.97
C ALA E 315 3.00 36.43 34.88
N LEU E 316 2.43 37.00 33.82
CA LEU E 316 0.95 37.06 33.64
C LEU E 316 0.34 35.67 33.66
N VAL E 317 0.93 34.69 32.99
CA VAL E 317 0.41 33.28 32.92
C VAL E 317 0.53 32.68 34.31
N ALA E 318 1.63 32.94 35.01
CA ALA E 318 1.72 32.45 36.41
C ALA E 318 0.70 33.21 37.29
N GLY E 319 0.39 34.46 36.93
CA GLY E 319 -0.56 35.28 37.69
C GLY E 319 -1.98 34.73 37.68
N ASN E 320 -2.46 34.24 36.53
CA ASN E 320 -3.81 33.62 36.46
C ASN E 320 -3.68 32.15 36.88
N LYS E 321 -3.37 31.90 38.15
CA LYS E 321 -3.15 30.51 38.66
C LYS E 321 -2.14 29.77 37.77
N SER F 19 29.95 47.51 -11.73
CA SER F 19 28.53 47.73 -12.10
C SER F 19 27.68 47.86 -10.84
N HIS F 20 26.37 47.98 -11.00
CA HIS F 20 25.39 48.11 -9.90
C HIS F 20 24.24 47.14 -10.15
N MET F 21 24.20 46.00 -9.44
CA MET F 21 22.99 45.12 -9.30
C MET F 21 21.76 46.01 -8.98
N ILE F 22 20.59 45.72 -9.58
CA ILE F 22 19.33 46.50 -9.36
C ILE F 22 18.75 46.08 -8.01
N LYS F 23 18.29 47.06 -7.23
CA LYS F 23 17.91 46.88 -5.82
C LYS F 23 16.51 47.43 -5.56
N SER F 24 15.88 48.11 -6.52
CA SER F 24 14.65 48.94 -6.30
C SER F 24 13.67 48.84 -7.49
N PHE F 25 12.39 49.06 -7.21
CA PHE F 25 11.34 49.16 -8.26
C PHE F 25 11.54 50.40 -9.12
N ASN F 26 12.22 51.45 -8.63
CA ASN F 26 12.59 52.62 -9.46
C ASN F 26 13.50 52.15 -10.60
N GLU F 27 14.55 51.42 -10.26
CA GLU F 27 15.57 50.95 -11.24
C GLU F 27 14.90 50.01 -12.23
N ILE F 28 13.97 49.17 -11.75
CA ILE F 28 13.18 48.23 -12.60
C ILE F 28 12.38 49.05 -13.60
N ILE F 29 11.74 50.11 -13.12
CA ILE F 29 10.86 50.96 -13.97
C ILE F 29 11.73 51.71 -14.98
N MET F 30 12.81 52.38 -14.57
CA MET F 30 13.76 53.03 -15.53
C MET F 30 14.29 51.95 -16.49
N LYS F 31 14.45 50.70 -16.08
CA LYS F 31 14.94 49.69 -17.05
C LYS F 31 13.86 49.47 -18.12
N VAL F 32 12.60 49.31 -17.72
CA VAL F 32 11.48 49.13 -18.68
C VAL F 32 11.44 50.33 -19.62
N LYS F 33 11.29 51.54 -19.09
CA LYS F 33 11.25 52.83 -19.85
C LYS F 33 12.34 52.88 -20.94
N SER F 34 13.48 52.22 -20.74
CA SER F 34 14.70 52.39 -21.57
C SER F 34 14.82 51.29 -22.62
N LYS F 35 13.77 50.50 -22.79
CA LYS F 35 13.74 49.29 -23.65
C LYS F 35 12.56 49.40 -24.64
N GLU F 36 12.51 48.55 -25.68
CA GLU F 36 11.38 48.48 -26.63
C GLU F 36 10.10 48.41 -25.78
N MET F 37 9.14 49.27 -26.06
CA MET F 37 7.82 49.24 -25.39
C MET F 37 7.24 47.85 -25.60
N LYS F 38 6.59 47.27 -24.61
CA LYS F 38 5.91 45.96 -24.78
C LYS F 38 4.40 46.20 -24.66
N LYS F 39 3.57 45.24 -25.09
CA LYS F 39 2.10 45.42 -25.13
C LYS F 39 1.42 44.49 -24.14
N VAL F 40 0.51 45.06 -23.33
CA VAL F 40 -0.38 44.28 -22.40
C VAL F 40 -1.70 44.01 -23.11
N ALA F 41 -2.12 42.75 -23.19
CA ALA F 41 -3.50 42.35 -23.52
C ALA F 41 -4.29 42.22 -22.21
N VAL F 42 -5.17 43.19 -21.96
CA VAL F 42 -6.02 43.24 -20.74
C VAL F 42 -7.24 42.32 -20.93
N ALA F 43 -7.51 41.43 -19.97
CA ALA F 43 -8.50 40.33 -20.10
C ALA F 43 -9.94 40.88 -20.12
N VAL F 44 -10.42 41.55 -19.09
CA VAL F 44 -11.77 42.16 -19.23
C VAL F 44 -11.62 43.63 -18.86
N ALA F 45 -11.32 44.42 -19.85
CA ALA F 45 -10.74 45.78 -19.71
C ALA F 45 -11.69 46.74 -19.01
N GLN F 46 -12.96 46.39 -18.77
CA GLN F 46 -13.89 47.32 -18.09
C GLN F 46 -13.79 47.07 -16.58
N ASP F 47 -12.58 47.30 -16.06
CA ASP F 47 -12.19 47.22 -14.63
C ASP F 47 -11.40 48.50 -14.36
N GLU F 48 -12.03 49.40 -13.61
CA GLU F 48 -11.61 50.81 -13.50
C GLU F 48 -10.22 50.87 -12.90
N PRO F 49 -9.91 50.10 -11.83
CA PRO F 49 -8.58 50.11 -11.23
C PRO F 49 -7.47 49.66 -12.19
N VAL F 50 -7.82 48.83 -13.17
CA VAL F 50 -6.85 48.24 -14.15
C VAL F 50 -6.65 49.26 -15.27
N LEU F 51 -7.73 49.87 -15.74
CA LEU F 51 -7.68 50.98 -16.72
C LEU F 51 -6.81 52.14 -16.20
N GLU F 52 -6.98 52.58 -14.96
CA GLU F 52 -6.09 53.58 -14.33
C GLU F 52 -4.64 53.11 -14.49
N ALA F 53 -4.34 51.84 -14.21
CA ALA F 53 -2.97 51.25 -14.29
C ALA F 53 -2.44 51.29 -15.72
N VAL F 54 -3.29 50.97 -16.69
CA VAL F 54 -2.93 50.91 -18.13
C VAL F 54 -2.68 52.33 -18.64
N ARG F 55 -3.51 53.29 -18.22
CA ARG F 55 -3.35 54.74 -18.55
C ARG F 55 -1.94 55.19 -18.18
N ASP F 56 -1.59 55.15 -16.89
CA ASP F 56 -0.28 55.65 -16.39
C ASP F 56 0.85 54.83 -17.02
N ALA F 57 0.61 53.56 -17.32
CA ALA F 57 1.61 52.69 -17.95
C ALA F 57 1.93 53.21 -19.35
N LYS F 58 0.94 53.74 -20.06
CA LYS F 58 1.11 54.30 -21.43
C LYS F 58 1.75 55.69 -21.31
N LYS F 59 1.18 56.53 -20.44
CA LYS F 59 1.63 57.92 -20.19
C LYS F 59 3.15 57.92 -19.97
N ASN F 60 3.67 56.91 -19.26
CA ASN F 60 5.03 56.94 -18.65
C ASN F 60 5.94 55.95 -19.37
N GLY F 61 5.50 55.37 -20.49
CA GLY F 61 6.38 54.65 -21.43
C GLY F 61 6.60 53.19 -21.06
N ILE F 62 5.84 52.66 -20.10
CA ILE F 62 6.09 51.32 -19.49
C ILE F 62 5.56 50.22 -20.44
N ALA F 63 4.33 50.39 -20.94
CA ALA F 63 3.65 49.45 -21.86
C ALA F 63 2.49 50.11 -22.61
N ASP F 64 2.25 49.69 -23.86
CA ASP F 64 0.97 49.87 -24.62
C ASP F 64 -0.01 48.75 -24.18
N ALA F 65 -1.26 48.83 -24.64
CA ALA F 65 -2.30 47.85 -24.27
C ALA F 65 -3.33 47.62 -25.39
N ILE F 66 -3.81 46.37 -25.44
CA ILE F 66 -5.05 45.97 -26.14
C ILE F 66 -6.10 45.76 -25.05
N LEU F 67 -7.16 46.57 -25.06
CA LEU F 67 -8.32 46.49 -24.15
C LEU F 67 -9.38 45.58 -24.78
N VAL F 68 -9.57 44.40 -24.19
CA VAL F 68 -10.41 43.28 -24.72
C VAL F 68 -11.61 43.20 -23.81
N GLY F 69 -12.83 43.29 -24.34
CA GLY F 69 -14.09 43.26 -23.56
C GLY F 69 -15.18 44.19 -24.10
N ASP F 70 -15.89 44.88 -23.22
CA ASP F 70 -17.10 45.63 -23.61
C ASP F 70 -16.65 47.02 -24.11
N HIS F 71 -16.53 47.17 -25.43
CA HIS F 71 -16.09 48.42 -26.07
C HIS F 71 -16.81 49.63 -25.44
N ASP F 72 -18.11 49.56 -25.18
CA ASP F 72 -18.89 50.72 -24.68
C ASP F 72 -18.52 51.02 -23.24
N GLU F 73 -18.64 50.01 -22.40
CA GLU F 73 -18.33 50.12 -20.97
C GLU F 73 -16.89 50.59 -20.85
N ILE F 74 -15.97 50.06 -21.69
CA ILE F 74 -14.52 50.43 -21.68
C ILE F 74 -14.41 51.94 -21.90
N VAL F 75 -15.00 52.46 -22.97
CA VAL F 75 -14.97 53.90 -23.34
C VAL F 75 -15.62 54.75 -22.24
N SER F 76 -16.73 54.28 -21.69
CA SER F 76 -17.51 55.05 -20.69
C SER F 76 -16.68 55.21 -19.40
N ILE F 77 -15.86 54.21 -19.06
CA ILE F 77 -14.89 54.24 -17.93
C ILE F 77 -13.73 55.17 -18.30
N ALA F 78 -13.24 55.08 -19.54
CA ALA F 78 -12.06 55.79 -20.07
C ALA F 78 -12.26 57.31 -19.99
N LEU F 79 -13.43 57.82 -20.40
CA LEU F 79 -13.81 59.25 -20.36
C LEU F 79 -13.83 59.71 -18.91
N LYS F 80 -14.53 58.96 -18.06
CA LYS F 80 -14.61 59.27 -16.60
C LYS F 80 -13.17 59.41 -16.06
N ILE F 81 -12.25 58.54 -16.47
CA ILE F 81 -10.87 58.34 -15.92
C ILE F 81 -9.85 59.24 -16.62
N GLY F 82 -10.26 60.00 -17.64
CA GLY F 82 -9.37 60.86 -18.45
C GLY F 82 -8.39 60.04 -19.29
N MET F 83 -8.74 58.81 -19.63
CA MET F 83 -7.92 57.92 -20.48
C MET F 83 -8.29 58.15 -21.94
N ASP F 84 -7.37 58.70 -22.74
CA ASP F 84 -7.60 58.94 -24.18
C ASP F 84 -7.57 57.60 -24.92
N VAL F 85 -8.70 57.23 -25.52
CA VAL F 85 -8.95 55.90 -26.18
C VAL F 85 -8.03 55.75 -27.39
N ASN F 86 -7.70 56.83 -28.08
CA ASN F 86 -6.94 56.74 -29.36
C ASN F 86 -5.49 56.29 -29.09
N ASP F 87 -5.06 56.25 -27.83
CA ASP F 87 -3.75 55.69 -27.43
C ASP F 87 -3.81 54.15 -27.37
N PHE F 88 -4.97 53.51 -27.51
CA PHE F 88 -5.16 52.07 -27.20
C PHE F 88 -5.90 51.34 -28.31
N GLU F 89 -5.47 50.13 -28.67
CA GLU F 89 -6.23 49.23 -29.56
C GLU F 89 -7.28 48.54 -28.68
N ILE F 90 -8.55 48.60 -29.07
CA ILE F 90 -9.71 48.03 -28.31
C ILE F 90 -10.31 46.91 -29.13
N VAL F 91 -10.56 45.79 -28.51
CA VAL F 91 -11.14 44.61 -29.19
C VAL F 91 -12.46 44.42 -28.44
N ASN F 92 -13.59 44.28 -29.17
CA ASN F 92 -14.95 44.28 -28.58
C ASN F 92 -15.41 42.84 -28.39
N GLU F 93 -15.43 42.39 -27.15
CA GLU F 93 -16.00 41.08 -26.77
C GLU F 93 -16.82 41.26 -25.49
N PRO F 94 -18.14 41.51 -25.63
CA PRO F 94 -19.06 41.57 -24.48
C PRO F 94 -19.02 40.32 -23.59
N ASN F 95 -18.97 39.14 -24.20
CA ASN F 95 -18.94 37.84 -23.48
C ASN F 95 -17.62 37.74 -22.69
N VAL F 96 -17.72 37.86 -21.37
CA VAL F 96 -16.59 37.89 -20.40
C VAL F 96 -15.75 36.62 -20.57
N LYS F 97 -16.33 35.44 -20.86
CA LYS F 97 -15.48 34.23 -21.04
C LYS F 97 -14.62 34.43 -22.30
N LYS F 98 -15.23 34.76 -23.44
CA LYS F 98 -14.52 34.88 -24.73
C LYS F 98 -13.49 36.02 -24.68
N ALA F 99 -13.82 37.09 -23.96
CA ALA F 99 -12.95 38.25 -23.70
C ALA F 99 -11.65 37.77 -23.08
N ALA F 100 -11.71 36.87 -22.10
CA ALA F 100 -10.51 36.37 -21.41
C ALA F 100 -9.70 35.56 -22.44
N LEU F 101 -10.37 34.70 -23.21
CA LEU F 101 -9.72 33.82 -24.22
C LEU F 101 -9.08 34.65 -25.34
N LYS F 102 -9.75 35.73 -25.79
CA LYS F 102 -9.23 36.56 -26.90
C LYS F 102 -7.93 37.22 -26.45
N ALA F 103 -7.94 37.76 -25.23
CA ALA F 103 -6.77 38.43 -24.62
C ALA F 103 -5.61 37.44 -24.65
N VAL F 104 -5.84 36.21 -24.19
CA VAL F 104 -4.83 35.12 -24.21
C VAL F 104 -4.45 34.81 -25.66
N GLU F 105 -5.43 34.63 -26.56
CA GLU F 105 -5.18 34.31 -27.99
C GLU F 105 -4.34 35.43 -28.65
N LEU F 106 -4.53 36.69 -28.27
CA LEU F 106 -3.78 37.83 -28.85
C LEU F 106 -2.29 37.69 -28.52
N VAL F 107 -1.96 37.11 -27.35
CA VAL F 107 -0.57 36.88 -26.87
C VAL F 107 0.00 35.61 -27.52
N SER F 108 -0.75 34.49 -27.51
CA SER F 108 -0.28 33.16 -27.98
C SER F 108 0.04 33.21 -29.48
N THR F 109 -0.59 34.13 -30.22
CA THR F 109 -0.36 34.38 -31.68
C THR F 109 0.40 35.71 -31.84
N GLY F 110 1.19 36.05 -30.82
CA GLY F 110 2.25 37.08 -30.84
C GLY F 110 1.77 38.41 -31.37
N LYS F 111 0.64 38.92 -30.88
CA LYS F 111 0.14 40.30 -31.18
C LYS F 111 0.16 41.15 -29.90
N ALA F 112 0.54 40.55 -28.79
CA ALA F 112 0.78 41.23 -27.49
C ALA F 112 1.83 40.40 -26.74
N ASP F 113 2.55 41.00 -25.80
CA ASP F 113 3.71 40.33 -25.15
C ASP F 113 3.30 39.70 -23.83
N MET F 114 2.25 40.20 -23.17
CA MET F 114 1.78 39.63 -21.89
C MET F 114 0.27 39.87 -21.71
N VAL F 115 -0.36 39.03 -20.90
CA VAL F 115 -1.79 39.09 -20.45
C VAL F 115 -1.85 39.67 -19.03
N MET F 116 -2.62 40.74 -18.83
CA MET F 116 -3.16 41.17 -17.51
C MET F 116 -4.59 40.64 -17.36
N LYS F 117 -5.02 40.36 -16.13
CA LYS F 117 -6.43 40.04 -15.78
C LYS F 117 -7.17 41.33 -15.35
N GLY F 118 -8.36 41.55 -15.90
CA GLY F 118 -9.28 42.59 -15.44
C GLY F 118 -10.43 41.97 -14.64
N LEU F 119 -11.65 42.15 -15.14
CA LEU F 119 -12.92 41.86 -14.42
C LEU F 119 -13.24 40.41 -14.66
N VAL F 120 -12.47 39.49 -14.09
CA VAL F 120 -12.75 38.04 -14.24
C VAL F 120 -12.25 37.38 -12.98
N ASN F 121 -13.02 36.45 -12.43
CA ASN F 121 -12.51 35.64 -11.30
C ASN F 121 -11.26 34.91 -11.77
N THR F 122 -10.33 34.74 -10.85
CA THR F 122 -9.01 34.13 -11.06
C THR F 122 -9.16 32.75 -11.72
N ALA F 123 -10.17 32.00 -11.28
CA ALA F 123 -10.57 30.68 -11.81
C ALA F 123 -10.62 30.71 -13.34
N THR F 124 -11.50 31.54 -13.88
CA THR F 124 -11.79 31.66 -15.34
C THR F 124 -10.55 32.13 -16.09
N PHE F 125 -9.95 33.23 -15.66
CA PHE F 125 -8.72 33.78 -16.26
C PHE F 125 -7.71 32.64 -16.47
N LEU F 126 -7.48 31.84 -15.43
CA LEU F 126 -6.42 30.76 -15.45
C LEU F 126 -6.84 29.59 -16.36
N ARG F 127 -8.12 29.19 -16.34
CA ARG F 127 -8.67 28.19 -17.30
C ARG F 127 -8.35 28.67 -18.72
N SER F 128 -8.43 30.00 -18.96
CA SER F 128 -8.19 30.64 -20.29
C SER F 128 -6.71 30.57 -20.59
N VAL F 129 -5.89 30.97 -19.62
CA VAL F 129 -4.40 31.06 -19.72
C VAL F 129 -3.84 29.66 -20.03
N LEU F 130 -4.38 28.61 -19.39
CA LEU F 130 -3.97 27.19 -19.59
C LEU F 130 -4.84 26.49 -20.67
N ASN F 131 -5.61 27.20 -21.49
CA ASN F 131 -6.38 26.57 -22.60
C ASN F 131 -5.42 25.82 -23.55
N LYS F 132 -5.76 24.59 -23.95
CA LYS F 132 -4.86 23.79 -24.85
C LYS F 132 -4.80 24.39 -26.26
N GLU F 133 -5.90 24.91 -26.80
CA GLU F 133 -5.94 25.40 -28.21
C GLU F 133 -5.22 26.77 -28.32
N VAL F 134 -5.56 27.80 -27.51
CA VAL F 134 -5.15 29.22 -27.79
C VAL F 134 -4.23 29.77 -26.71
N GLY F 135 -3.80 28.92 -25.77
CA GLY F 135 -3.20 29.35 -24.50
C GLY F 135 -1.68 29.40 -24.52
N LEU F 136 -1.11 29.57 -23.32
CA LEU F 136 0.30 29.91 -23.06
C LEU F 136 0.99 28.74 -22.34
N ARG F 137 0.30 27.62 -22.25
CA ARG F 137 0.83 26.36 -21.66
C ARG F 137 2.13 25.98 -22.39
N THR F 138 3.20 25.72 -21.66
CA THR F 138 4.41 24.97 -22.14
C THR F 138 4.45 23.58 -21.48
N GLY F 139 5.54 22.84 -21.71
CA GLY F 139 5.77 21.56 -21.02
C GLY F 139 5.88 21.75 -19.51
N LYS F 140 6.34 22.91 -19.07
CA LYS F 140 6.81 23.19 -17.70
C LYS F 140 5.68 23.66 -16.78
N THR F 141 5.90 23.50 -15.47
CA THR F 141 5.06 24.00 -14.37
C THR F 141 4.99 25.52 -14.38
N MET F 142 3.80 26.11 -14.40
CA MET F 142 3.60 27.57 -14.18
C MET F 142 3.82 27.89 -12.70
N SER F 143 4.34 29.07 -12.38
CA SER F 143 4.62 29.47 -10.98
C SER F 143 4.45 30.99 -10.84
N HIS F 144 4.00 31.43 -9.67
CA HIS F 144 3.95 32.86 -9.30
C HIS F 144 5.32 33.25 -8.77
N VAL F 145 5.87 34.38 -9.21
CA VAL F 145 7.03 35.08 -8.57
C VAL F 145 6.55 36.41 -7.99
N ALA F 146 6.81 36.65 -6.69
CA ALA F 146 6.54 37.92 -6.00
C ALA F 146 7.88 38.58 -5.69
N VAL F 147 8.03 39.90 -5.93
CA VAL F 147 9.29 40.67 -5.69
C VAL F 147 9.01 41.76 -4.67
N PHE F 148 9.96 42.01 -3.77
CA PHE F 148 9.80 42.94 -2.63
C PHE F 148 11.02 43.86 -2.50
N GLU F 149 10.75 45.11 -2.11
CA GLU F 149 11.75 46.14 -1.79
C GLU F 149 11.51 46.59 -0.34
N THR F 150 12.10 45.89 0.62
CA THR F 150 11.87 46.14 2.07
C THR F 150 12.72 47.33 2.52
N GLU F 151 12.29 48.04 3.58
CA GLU F 151 13.05 49.14 4.26
C GLU F 151 14.33 48.56 4.87
N LYS F 152 14.30 47.33 5.37
CA LYS F 152 15.37 46.76 6.23
C LYS F 152 16.37 45.92 5.41
N PHE F 153 16.18 45.69 4.11
CA PHE F 153 17.20 44.98 3.30
C PHE F 153 17.48 45.76 2.02
N ASP F 154 18.76 45.80 1.63
CA ASP F 154 19.25 46.57 0.47
C ASP F 154 18.75 45.89 -0.81
N ARG F 155 18.87 44.58 -0.94
CA ARG F 155 18.53 43.83 -2.20
C ARG F 155 17.01 43.70 -2.39
N LEU F 156 16.58 43.30 -3.59
CA LEU F 156 15.22 42.82 -3.89
C LEU F 156 15.11 41.38 -3.36
N LEU F 157 13.98 41.04 -2.75
CA LEU F 157 13.64 39.66 -2.36
C LEU F 157 12.65 39.08 -3.37
N PHE F 158 12.93 37.89 -3.93
CA PHE F 158 12.01 37.12 -4.82
C PHE F 158 11.43 35.94 -4.01
N LEU F 159 10.10 35.76 -3.99
CA LEU F 159 9.39 34.65 -3.30
C LEU F 159 8.58 33.88 -4.34
N THR F 160 8.83 32.58 -4.43
CA THR F 160 8.09 31.55 -5.22
C THR F 160 7.85 30.39 -4.25
N ASP F 161 6.73 29.66 -4.38
CA ASP F 161 5.53 30.08 -5.09
C ASP F 161 4.44 30.38 -4.04
N VAL F 162 4.01 31.63 -4.00
CA VAL F 162 3.14 32.10 -2.88
C VAL F 162 1.67 31.87 -3.24
N ALA F 163 1.34 31.45 -4.46
CA ALA F 163 -0.02 31.63 -5.04
C ALA F 163 -0.52 30.38 -5.74
N PHE F 164 0.14 29.95 -6.80
CA PHE F 164 -0.41 28.96 -7.75
C PHE F 164 -0.11 27.56 -7.19
N ASN F 165 1.16 27.20 -7.04
CA ASN F 165 1.61 25.82 -6.78
C ASN F 165 1.42 25.47 -5.30
N THR F 166 0.67 24.39 -5.05
CA THR F 166 0.10 24.08 -3.71
C THR F 166 1.14 23.28 -2.94
N TYR F 167 1.32 21.99 -3.29
CA TYR F 167 2.26 21.11 -2.57
C TYR F 167 3.25 20.54 -3.57
N PRO F 168 4.10 21.38 -4.20
CA PRO F 168 5.08 20.91 -5.17
C PRO F 168 6.06 19.93 -4.51
N GLU F 169 6.46 18.91 -5.27
CA GLU F 169 7.49 17.92 -4.86
C GLU F 169 8.76 18.36 -5.59
N LEU F 170 9.82 17.57 -5.57
CA LEU F 170 11.09 17.96 -6.22
C LEU F 170 10.84 18.43 -7.66
N LYS F 171 10.21 17.59 -8.48
CA LYS F 171 10.06 17.80 -9.96
C LYS F 171 9.56 19.23 -10.22
N GLU F 172 8.50 19.69 -9.55
CA GLU F 172 7.96 21.05 -9.84
C GLU F 172 8.82 22.09 -9.12
N LYS F 173 9.42 21.78 -7.98
CA LYS F 173 10.38 22.70 -7.30
C LYS F 173 11.51 23.04 -8.25
N ILE F 174 12.02 22.08 -9.03
CA ILE F 174 13.09 22.36 -10.05
C ILE F 174 12.58 23.45 -11.00
N ASP F 175 11.35 23.30 -11.51
CA ASP F 175 10.66 24.28 -12.39
C ASP F 175 10.39 25.58 -11.62
N ILE F 176 9.91 25.53 -10.37
CA ILE F 176 9.60 26.74 -9.55
C ILE F 176 10.83 27.64 -9.52
N VAL F 177 12.02 27.01 -9.38
CA VAL F 177 13.35 27.67 -9.30
C VAL F 177 13.68 28.26 -10.68
N ASN F 178 13.79 27.42 -11.72
CA ASN F 178 14.17 27.81 -13.11
C ASN F 178 13.36 29.02 -13.60
N ASN F 179 12.05 29.00 -13.37
CA ASN F 179 11.16 30.14 -13.66
C ASN F 179 11.67 31.40 -12.94
N SER F 180 11.90 31.30 -11.63
CA SER F 180 12.18 32.50 -10.79
C SER F 180 13.57 33.03 -11.13
N VAL F 181 14.51 32.15 -11.52
CA VAL F 181 15.88 32.59 -11.90
C VAL F 181 15.75 33.37 -13.21
N LYS F 182 14.85 32.96 -14.11
CA LYS F 182 14.55 33.69 -15.38
C LYS F 182 14.03 35.10 -15.09
N VAL F 183 13.25 35.26 -14.03
CA VAL F 183 12.71 36.60 -13.68
C VAL F 183 13.89 37.46 -13.17
N ALA F 184 14.59 36.98 -12.15
CA ALA F 184 15.81 37.64 -11.59
C ALA F 184 16.76 37.97 -12.75
N HIS F 185 17.06 37.01 -13.64
CA HIS F 185 17.92 37.25 -14.83
C HIS F 185 17.49 38.53 -15.53
N ALA F 186 16.19 38.81 -15.66
CA ALA F 186 15.67 39.93 -16.46
C ALA F 186 15.58 41.21 -15.63
N ILE F 187 15.73 41.16 -14.32
CA ILE F 187 15.93 42.38 -13.49
C ILE F 187 17.45 42.71 -13.55
N GLY F 188 18.23 41.82 -14.19
CA GLY F 188 19.70 41.89 -14.30
C GLY F 188 20.41 41.42 -13.02
N ILE F 189 19.90 40.41 -12.33
CA ILE F 189 20.66 39.62 -11.31
C ILE F 189 21.24 38.43 -12.05
N GLU F 190 22.48 38.53 -12.55
CA GLU F 190 23.10 37.53 -13.46
C GLU F 190 23.25 36.16 -12.77
N ASN F 191 23.53 36.13 -11.46
CA ASN F 191 23.72 34.87 -10.71
C ASN F 191 22.98 34.89 -9.37
N PRO F 192 21.63 34.82 -9.32
CA PRO F 192 20.87 34.81 -8.07
C PRO F 192 21.18 33.71 -7.06
N LYS F 193 21.18 34.10 -5.79
CA LYS F 193 21.34 33.22 -4.63
C LYS F 193 19.98 32.62 -4.23
N VAL F 194 19.74 31.36 -4.55
CA VAL F 194 18.44 30.72 -4.24
C VAL F 194 18.54 29.98 -2.91
N ALA F 195 17.62 30.21 -1.96
CA ALA F 195 17.56 29.51 -0.66
C ALA F 195 16.20 28.85 -0.50
N PRO F 196 16.14 27.49 -0.54
CA PRO F 196 15.00 26.72 0.00
C PRO F 196 14.76 26.99 1.49
N ILE F 197 13.65 27.69 1.79
CA ILE F 197 13.27 28.13 3.15
C ILE F 197 12.51 26.99 3.80
N CYS F 198 12.95 26.58 4.98
CA CYS F 198 12.35 25.48 5.78
C CYS F 198 12.29 26.01 7.24
N ALA F 199 11.98 25.15 8.20
CA ALA F 199 11.88 25.56 9.61
C ALA F 199 13.27 25.70 10.20
N VAL F 200 14.26 25.02 9.60
CA VAL F 200 15.64 24.81 10.15
C VAL F 200 16.64 24.72 9.00
N GLU F 201 17.93 24.86 9.29
CA GLU F 201 19.02 24.95 8.27
C GLU F 201 19.79 23.63 8.23
N VAL F 202 19.21 22.56 8.79
CA VAL F 202 19.85 21.21 8.85
C VAL F 202 18.90 20.20 8.21
N ILE F 203 19.50 19.13 7.67
CA ILE F 203 18.74 17.94 7.19
C ILE F 203 18.08 17.33 8.42
N ASN F 204 16.83 16.93 8.26
CA ASN F 204 15.96 16.31 9.29
C ASN F 204 14.95 15.45 8.55
N PRO F 205 15.05 14.10 8.58
CA PRO F 205 14.33 13.24 7.63
C PRO F 205 12.83 13.18 7.93
N LYS F 206 12.43 13.70 9.10
CA LYS F 206 11.01 13.97 9.49
C LYS F 206 10.51 15.30 8.87
N MET F 207 11.37 16.08 8.22
CA MET F 207 10.97 17.32 7.48
C MET F 207 11.28 17.17 6.00
N PRO F 208 10.31 16.73 5.16
CA PRO F 208 10.52 16.60 3.73
C PRO F 208 11.13 17.86 3.08
N SER F 209 10.69 19.06 3.46
CA SER F 209 11.20 20.34 2.90
C SER F 209 12.74 20.37 2.88
N THR F 210 13.40 19.84 3.92
CA THR F 210 14.89 19.75 4.02
C THR F 210 15.47 18.73 3.01
N LEU F 211 14.82 17.60 2.78
CA LEU F 211 15.27 16.63 1.74
C LEU F 211 15.17 17.24 0.33
N ASP F 212 14.01 17.77 -0.06
CA ASP F 212 13.79 18.52 -1.34
C ASP F 212 14.94 19.54 -1.49
N ALA F 213 15.33 20.25 -0.42
CA ALA F 213 16.28 21.38 -0.49
C ALA F 213 17.68 20.84 -0.64
N ALA F 214 17.97 19.66 -0.08
CA ALA F 214 19.27 18.96 -0.17
C ALA F 214 19.59 18.58 -1.62
N MET F 215 18.56 18.11 -2.35
CA MET F 215 18.65 17.62 -3.74
C MET F 215 18.63 18.74 -4.79
N LEU F 216 17.97 19.87 -4.49
CA LEU F 216 17.98 21.12 -5.31
C LEU F 216 19.37 21.74 -5.26
N SER F 217 20.04 21.70 -4.09
CA SER F 217 21.41 22.22 -3.85
C SER F 217 22.44 21.30 -4.52
N LYS F 218 22.23 19.99 -4.54
CA LYS F 218 23.16 19.13 -5.28
C LYS F 218 23.04 19.49 -6.76
N MET F 219 21.83 19.57 -7.30
CA MET F 219 21.64 19.76 -8.76
C MET F 219 22.30 21.07 -9.18
N SER F 220 22.29 22.06 -8.31
CA SER F 220 22.92 23.39 -8.54
C SER F 220 24.42 23.19 -8.58
N ASP F 221 24.93 22.32 -7.71
CA ASP F 221 26.36 21.92 -7.65
C ASP F 221 26.71 21.17 -8.95
N ARG F 222 25.90 20.25 -9.45
CA ARG F 222 26.29 19.43 -10.63
C ARG F 222 25.96 20.17 -11.92
N GLY F 223 25.51 21.41 -11.84
CA GLY F 223 25.09 22.18 -13.04
C GLY F 223 23.82 21.66 -13.69
N GLN F 224 23.28 20.54 -13.21
CA GLN F 224 21.87 20.09 -13.44
C GLN F 224 20.90 21.28 -13.33
N ILE F 225 21.15 22.27 -12.47
CA ILE F 225 20.35 23.54 -12.47
C ILE F 225 21.34 24.67 -12.66
N LYS F 226 21.11 25.54 -13.63
CA LYS F 226 22.07 26.55 -14.15
C LYS F 226 21.61 27.98 -13.86
N GLY F 227 22.52 28.95 -13.92
CA GLY F 227 22.18 30.38 -13.90
C GLY F 227 21.98 30.95 -12.50
N CYS F 228 22.47 30.25 -11.48
CA CYS F 228 22.22 30.58 -10.06
C CYS F 228 22.98 29.60 -9.17
N VAL F 229 23.19 30.00 -7.92
CA VAL F 229 23.65 29.10 -6.83
C VAL F 229 22.43 28.72 -6.00
N VAL F 230 22.26 27.43 -5.71
CA VAL F 230 21.15 26.95 -4.85
C VAL F 230 21.77 26.30 -3.61
N ASP F 231 21.42 26.79 -2.43
CA ASP F 231 21.87 26.26 -1.12
C ASP F 231 20.69 26.35 -0.14
N GLY F 232 20.17 25.19 0.24
CA GLY F 232 19.33 24.96 1.43
C GLY F 232 19.59 23.55 1.97
N PRO F 233 18.93 23.13 3.05
CA PRO F 233 17.88 23.94 3.68
C PRO F 233 18.47 25.13 4.43
N LEU F 234 17.63 26.13 4.66
CA LEU F 234 18.02 27.41 5.29
C LEU F 234 16.76 27.97 5.94
N ALA F 235 16.82 28.23 7.24
CA ALA F 235 15.79 28.99 7.96
C ALA F 235 15.80 30.43 7.44
N LEU F 236 14.63 31.11 7.51
CA LEU F 236 14.43 32.46 6.89
C LEU F 236 15.49 33.43 7.43
N ASP F 237 15.67 33.51 8.75
CA ASP F 237 16.66 34.43 9.38
C ASP F 237 18.00 34.24 8.65
N ILE F 238 18.45 32.98 8.51
CA ILE F 238 19.79 32.62 7.94
C ILE F 238 19.86 33.13 6.50
N ALA F 239 18.93 32.69 5.67
CA ALA F 239 18.87 33.06 4.24
C ALA F 239 18.94 34.59 4.06
N LEU F 240 18.19 35.33 4.88
CA LEU F 240 17.91 36.79 4.81
C LEU F 240 19.07 37.61 5.41
N SER F 241 19.70 37.15 6.52
CA SER F 241 20.57 37.95 7.44
C SER F 241 22.01 37.44 7.49
N GLU F 242 22.96 38.30 7.13
CA GLU F 242 24.43 38.06 7.25
C GLU F 242 24.76 37.78 8.72
N GLU F 243 24.08 38.44 9.68
CA GLU F 243 24.37 38.36 11.14
C GLU F 243 23.84 37.04 11.73
N ALA F 244 22.57 36.73 11.51
CA ALA F 244 21.98 35.42 11.86
C ALA F 244 22.80 34.32 11.19
N ALA F 245 23.23 34.55 9.96
CA ALA F 245 24.01 33.55 9.21
C ALA F 245 25.34 33.29 9.93
N HIS F 246 26.03 34.35 10.35
CA HIS F 246 27.31 34.26 11.09
C HIS F 246 27.12 33.43 12.38
N HIS F 247 26.27 33.91 13.30
CA HIS F 247 26.04 33.34 14.65
C HIS F 247 25.78 31.83 14.63
N LYS F 248 25.08 31.33 13.63
CA LYS F 248 24.73 29.89 13.56
C LYS F 248 25.78 29.18 12.72
N GLY F 249 26.85 29.88 12.36
CA GLY F 249 28.00 29.34 11.61
C GLY F 249 27.57 28.65 10.34
N VAL F 250 26.83 29.36 9.50
CA VAL F 250 26.36 28.84 8.20
C VAL F 250 27.17 29.58 7.14
N THR F 251 28.06 28.87 6.46
CA THR F 251 28.88 29.38 5.33
C THR F 251 28.21 28.99 4.01
N GLY F 252 28.76 29.45 2.88
CA GLY F 252 28.24 29.21 1.51
C GLY F 252 28.11 30.53 0.81
N GLU F 253 27.62 30.58 -0.42
CA GLU F 253 27.51 31.84 -1.19
C GLU F 253 26.10 32.45 -1.04
N VAL F 254 25.18 31.70 -0.41
CA VAL F 254 23.72 32.02 -0.29
C VAL F 254 23.46 32.64 1.08
N ALA F 255 23.82 31.96 2.17
CA ALA F 255 23.45 32.30 3.57
C ALA F 255 23.82 33.76 3.91
N GLY F 256 22.84 34.59 4.19
CA GLY F 256 23.05 36.02 4.46
C GLY F 256 22.69 36.87 3.27
N LYS F 257 22.74 36.29 2.08
CA LYS F 257 22.78 37.03 0.79
C LYS F 257 21.66 36.55 -0.14
N ALA F 258 20.59 35.93 0.35
CA ALA F 258 19.60 35.24 -0.50
C ALA F 258 18.84 36.27 -1.34
N ASP F 259 18.69 35.99 -2.65
CA ASP F 259 17.90 36.78 -3.63
C ASP F 259 16.52 36.12 -3.80
N ILE F 260 16.52 34.80 -3.98
CA ILE F 260 15.30 33.98 -4.24
C ILE F 260 15.03 33.06 -3.04
N PHE F 261 13.80 33.08 -2.57
CA PHE F 261 13.30 32.38 -1.36
C PHE F 261 12.33 31.33 -1.86
N LEU F 262 12.74 30.07 -1.93
CA LEU F 262 11.85 28.98 -2.44
C LEU F 262 11.01 28.47 -1.25
N MET F 263 9.71 28.81 -1.24
CA MET F 263 8.77 28.34 -0.21
C MET F 263 8.53 26.84 -0.44
N PRO F 264 8.43 26.07 0.65
CA PRO F 264 8.27 24.62 0.56
C PRO F 264 6.85 24.22 0.18
N ASN F 265 5.85 25.05 0.51
CA ASN F 265 4.43 24.80 0.19
C ASN F 265 3.67 26.13 0.15
N ILE F 266 2.46 26.13 -0.38
CA ILE F 266 1.66 27.36 -0.62
C ILE F 266 1.35 28.06 0.71
N GLU F 267 1.15 27.30 1.80
CA GLU F 267 0.64 27.86 3.07
C GLU F 267 1.72 28.75 3.68
N THR F 268 2.98 28.26 3.76
CA THR F 268 4.09 29.10 4.27
C THR F 268 4.39 30.22 3.25
N GLY F 269 4.25 29.93 1.96
CA GLY F 269 4.45 30.96 0.92
C GLY F 269 3.42 32.08 1.04
N ASN F 270 2.15 31.71 1.12
CA ASN F 270 1.00 32.67 1.12
C ASN F 270 1.05 33.49 2.40
N VAL F 271 1.40 32.87 3.53
CA VAL F 271 1.61 33.57 4.84
C VAL F 271 2.75 34.59 4.63
N MET F 272 3.96 34.17 4.29
CA MET F 272 5.05 35.16 4.18
C MET F 272 4.54 36.36 3.36
N TYR F 273 3.79 36.11 2.27
CA TYR F 273 3.45 37.16 1.28
C TYR F 273 2.50 38.18 1.91
N LYS F 274 1.43 37.67 2.50
CA LYS F 274 0.34 38.50 3.07
C LYS F 274 0.89 39.21 4.30
N THR F 275 1.79 38.58 5.07
CA THR F 275 2.32 39.25 6.28
C THR F 275 3.12 40.47 5.81
N LEU F 276 3.94 40.36 4.76
CA LEU F 276 4.70 41.55 4.24
C LEU F 276 3.78 42.72 3.83
N THR F 277 2.63 42.43 3.24
CA THR F 277 1.75 43.43 2.61
C THR F 277 0.78 44.01 3.64
N TYR F 278 0.37 43.26 4.68
CA TYR F 278 -0.61 43.74 5.70
C TYR F 278 0.13 44.35 6.91
N THR F 279 1.45 44.16 6.98
CA THR F 279 2.27 44.45 8.19
C THR F 279 3.31 45.53 7.89
N THR F 280 3.54 45.87 6.62
CA THR F 280 4.69 46.67 6.11
C THR F 280 4.20 47.49 4.91
N ASP F 281 4.89 48.57 4.59
CA ASP F 281 4.62 49.45 3.43
C ASP F 281 5.67 49.13 2.37
N SER F 282 6.10 47.87 2.28
CA SER F 282 7.18 47.41 1.37
C SER F 282 6.62 47.40 -0.05
N LYS F 283 7.30 48.07 -1.01
CA LYS F 283 6.88 48.06 -2.43
C LYS F 283 6.89 46.62 -2.91
N ASN F 284 5.88 46.19 -3.69
CA ASN F 284 5.89 44.83 -4.29
C ASN F 284 5.29 44.77 -5.69
N GLY F 285 5.51 43.65 -6.37
CA GLY F 285 4.93 43.32 -7.66
C GLY F 285 4.90 41.82 -7.83
N GLY F 286 4.13 41.34 -8.81
CA GLY F 286 3.91 39.89 -9.01
C GLY F 286 3.63 39.57 -10.45
N ILE F 287 4.03 38.37 -10.83
CA ILE F 287 3.71 37.78 -12.16
C ILE F 287 3.69 36.26 -12.03
N LEU F 288 3.05 35.63 -13.02
CA LEU F 288 3.12 34.17 -13.32
C LEU F 288 4.04 34.01 -14.51
N VAL F 289 5.04 33.15 -14.38
CA VAL F 289 5.99 32.79 -15.46
C VAL F 289 5.92 31.28 -15.64
N GLY F 290 6.79 30.72 -16.50
CA GLY F 290 6.76 29.28 -16.83
C GLY F 290 5.78 28.98 -17.95
N THR F 291 4.89 29.91 -18.21
CA THR F 291 4.04 29.99 -19.41
C THR F 291 4.85 30.59 -20.56
N SER F 292 4.35 30.43 -21.77
CA SER F 292 4.99 30.92 -23.02
C SER F 292 5.20 32.44 -22.92
N ALA F 293 4.53 33.09 -21.99
CA ALA F 293 4.65 34.56 -21.81
C ALA F 293 4.15 35.00 -20.43
N PRO F 294 4.66 36.16 -19.94
CA PRO F 294 4.33 36.64 -18.61
C PRO F 294 2.82 36.83 -18.42
N VAL F 295 2.32 36.56 -17.21
CA VAL F 295 0.91 36.82 -16.80
C VAL F 295 0.91 37.74 -15.59
N VAL F 296 0.32 38.92 -15.75
CA VAL F 296 0.00 39.82 -14.61
C VAL F 296 -1.35 39.37 -14.02
N LEU F 297 -1.40 39.06 -12.73
CA LEU F 297 -2.64 38.61 -12.06
C LEU F 297 -2.90 39.52 -10.87
N THR F 298 -3.47 40.70 -11.08
CA THR F 298 -3.65 41.69 -9.98
C THR F 298 -4.97 41.40 -9.27
N SER F 299 -5.16 42.03 -8.11
CA SER F 299 -6.25 41.81 -7.13
C SER F 299 -6.78 43.17 -6.66
N ARG F 300 -7.93 43.21 -5.99
CA ARG F 300 -8.48 44.46 -5.39
C ARG F 300 -7.50 44.93 -4.30
N ALA F 301 -6.87 43.99 -3.58
CA ALA F 301 -5.91 44.22 -2.48
C ALA F 301 -4.65 44.90 -3.03
N ASP F 302 -4.27 44.62 -4.29
CA ASP F 302 -3.10 45.26 -4.93
C ASP F 302 -3.43 46.75 -5.08
N SER F 303 -2.49 47.63 -4.74
CA SER F 303 -2.56 49.10 -4.96
C SER F 303 -2.32 49.45 -6.42
N HIS F 304 -2.55 50.71 -6.76
CA HIS F 304 -2.22 51.30 -8.09
C HIS F 304 -0.72 51.09 -8.26
N GLU F 305 0.03 51.40 -7.20
CA GLU F 305 1.52 51.36 -7.21
C GLU F 305 2.01 49.93 -7.49
N THR F 306 1.29 48.88 -7.06
CA THR F 306 1.81 47.49 -7.18
C THR F 306 1.24 46.87 -8.44
N LYS F 307 0.21 47.48 -9.02
CA LYS F 307 -0.28 47.04 -10.34
C LYS F 307 0.75 47.49 -11.37
N MET F 308 1.19 48.74 -11.27
CA MET F 308 2.24 49.33 -12.13
C MET F 308 3.52 48.50 -12.06
N ASN F 309 3.94 48.13 -10.85
CA ASN F 309 5.17 47.35 -10.62
C ASN F 309 5.04 45.99 -11.32
N SER F 310 3.85 45.38 -11.23
CA SER F 310 3.56 44.04 -11.80
C SER F 310 3.68 44.11 -13.33
N ILE F 311 3.20 45.19 -13.94
CA ILE F 311 3.24 45.38 -15.41
C ILE F 311 4.70 45.51 -15.84
N ALA F 312 5.47 46.21 -15.02
CA ALA F 312 6.92 46.43 -15.21
C ALA F 312 7.62 45.07 -15.25
N LEU F 313 7.37 44.21 -14.25
CA LEU F 313 8.09 42.91 -14.14
C LEU F 313 7.81 42.13 -15.41
N ALA F 314 6.54 42.06 -15.80
CA ALA F 314 6.14 41.35 -17.03
C ALA F 314 6.93 41.91 -18.22
N ALA F 315 6.94 43.23 -18.38
CA ALA F 315 7.59 43.93 -19.52
C ALA F 315 9.06 43.52 -19.63
N LEU F 316 9.79 43.39 -18.51
CA LEU F 316 11.21 42.94 -18.50
C LEU F 316 11.32 41.45 -18.87
N VAL F 317 10.41 40.61 -18.38
CA VAL F 317 10.51 39.16 -18.67
C VAL F 317 10.30 38.93 -20.18
N ALA F 318 9.25 39.49 -20.79
CA ALA F 318 9.10 39.56 -22.28
C ALA F 318 10.35 40.23 -22.84
N GLY F 319 10.77 41.32 -22.21
CA GLY F 319 11.94 42.11 -22.59
C GLY F 319 13.18 41.26 -22.77
N ASN F 320 13.28 40.13 -22.07
CA ASN F 320 14.48 39.25 -22.16
C ASN F 320 14.10 37.99 -22.93
N LYS F 321 13.78 38.12 -24.21
CA LYS F 321 13.39 36.98 -25.08
C LYS F 321 11.95 36.52 -24.77
N MET G 21 49.78 11.40 5.05
CA MET G 21 51.25 11.12 5.01
C MET G 21 51.53 9.62 5.26
N ILE G 22 50.48 8.79 5.47
CA ILE G 22 50.57 7.34 5.86
C ILE G 22 49.85 6.48 4.82
N LYS G 23 50.55 6.13 3.73
CA LYS G 23 49.94 5.71 2.44
C LYS G 23 50.12 4.22 2.15
N SER G 24 50.56 3.42 3.13
CA SER G 24 50.83 1.96 2.96
C SER G 24 50.60 1.18 4.26
N PHE G 25 50.57 -0.15 4.15
CA PHE G 25 50.46 -1.09 5.30
C PHE G 25 51.79 -1.17 6.07
N ASN G 26 52.95 -1.23 5.40
CA ASN G 26 54.27 -1.08 6.08
C ASN G 26 54.20 0.03 7.13
N GLU G 27 53.76 1.23 6.73
CA GLU G 27 53.76 2.43 7.59
C GLU G 27 52.72 2.25 8.70
N ILE G 28 51.62 1.52 8.45
CA ILE G 28 50.61 1.15 9.50
C ILE G 28 51.26 0.21 10.54
N ILE G 29 51.87 -0.89 10.09
CA ILE G 29 52.60 -1.85 10.97
C ILE G 29 53.70 -1.11 11.75
N MET G 30 54.50 -0.26 11.09
CA MET G 30 55.68 0.44 11.71
C MET G 30 55.18 1.37 12.81
N LYS G 31 53.96 1.88 12.69
CA LYS G 31 53.37 2.83 13.68
C LYS G 31 52.72 2.03 14.83
N VAL G 32 52.04 0.90 14.58
CA VAL G 32 51.53 -0.01 15.66
C VAL G 32 52.70 -0.44 16.57
N LYS G 33 53.80 -0.95 15.99
CA LYS G 33 55.04 -1.46 16.70
C LYS G 33 55.64 -0.38 17.62
N SER G 34 55.44 0.89 17.30
CA SER G 34 56.01 2.04 18.05
C SER G 34 55.19 2.27 19.32
N LYS G 35 53.97 1.75 19.43
CA LYS G 35 53.06 1.96 20.59
C LYS G 35 52.94 0.69 21.42
N GLU G 36 52.56 0.85 22.68
CA GLU G 36 52.24 -0.27 23.61
C GLU G 36 51.43 -1.34 22.86
N MET G 37 51.72 -2.62 23.10
CA MET G 37 51.08 -3.77 22.41
C MET G 37 49.64 -3.91 22.90
N LYS G 38 48.75 -4.31 21.99
CA LYS G 38 47.30 -4.43 22.23
C LYS G 38 46.96 -5.91 22.08
N LYS G 39 45.99 -6.39 22.85
CA LYS G 39 45.70 -7.85 22.87
C LYS G 39 44.46 -8.15 22.00
N VAL G 40 44.59 -9.10 21.08
CA VAL G 40 43.42 -9.73 20.43
C VAL G 40 42.88 -10.82 21.35
N ALA G 41 41.57 -10.83 21.57
CA ALA G 41 40.94 -11.96 22.28
C ALA G 41 40.38 -12.84 21.17
N VAL G 42 40.95 -14.03 20.95
CA VAL G 42 40.50 -14.95 19.86
C VAL G 42 39.33 -15.80 20.33
N ALA G 43 38.18 -15.72 19.66
CA ALA G 43 36.92 -16.34 20.14
C ALA G 43 36.91 -17.86 20.23
N VAL G 44 37.27 -18.57 19.18
CA VAL G 44 37.38 -20.04 19.30
C VAL G 44 38.74 -20.31 18.67
N ALA G 45 39.79 -20.29 19.46
CA ALA G 45 41.16 -20.29 18.92
C ALA G 45 41.58 -21.57 18.22
N GLN G 46 40.78 -22.62 18.28
CA GLN G 46 41.19 -23.91 17.70
C GLN G 46 41.02 -23.80 16.18
N ASP G 47 41.72 -22.83 15.57
CA ASP G 47 41.69 -22.61 14.10
C ASP G 47 43.15 -22.43 13.70
N GLU G 48 43.70 -23.37 12.93
CA GLU G 48 45.14 -23.31 12.59
C GLU G 48 45.47 -21.98 11.91
N PRO G 49 44.81 -21.53 10.81
CA PRO G 49 45.22 -20.29 10.15
C PRO G 49 45.18 -19.05 11.04
N VAL G 50 44.14 -18.91 11.87
CA VAL G 50 44.01 -17.73 12.78
C VAL G 50 45.16 -17.72 13.78
N LEU G 51 45.50 -18.89 14.32
CA LEU G 51 46.62 -19.02 15.30
C LEU G 51 47.94 -18.64 14.64
N GLU G 52 48.12 -19.01 13.37
CA GLU G 52 49.35 -18.66 12.62
C GLU G 52 49.46 -17.14 12.49
N ALA G 53 48.34 -16.47 12.20
CA ALA G 53 48.35 -14.99 12.13
C ALA G 53 48.66 -14.40 13.49
N VAL G 54 48.10 -14.98 14.55
CA VAL G 54 48.35 -14.49 15.93
C VAL G 54 49.83 -14.65 16.30
N ARG G 55 50.42 -15.81 15.99
CA ARG G 55 51.85 -16.06 16.34
C ARG G 55 52.74 -15.10 15.54
N ASP G 56 52.45 -14.92 14.26
CA ASP G 56 53.25 -14.02 13.38
C ASP G 56 53.09 -12.57 13.83
N ALA G 57 51.89 -12.18 14.27
CA ALA G 57 51.66 -10.81 14.78
C ALA G 57 52.51 -10.57 16.03
N LYS G 58 52.57 -11.55 16.94
CA LYS G 58 53.39 -11.41 18.17
C LYS G 58 54.88 -11.34 17.82
N LYS G 59 55.34 -12.20 16.90
CA LYS G 59 56.76 -12.21 16.47
C LYS G 59 57.06 -10.87 15.81
N ASN G 60 56.09 -10.31 15.10
CA ASN G 60 56.27 -9.03 14.38
C ASN G 60 55.82 -7.85 15.24
N GLY G 61 55.60 -8.07 16.54
CA GLY G 61 55.27 -6.96 17.46
C GLY G 61 54.03 -6.17 17.11
N ILE G 62 53.00 -6.83 16.57
CA ILE G 62 51.76 -6.12 16.15
C ILE G 62 50.71 -6.25 17.24
N ALA G 63 50.45 -7.48 17.72
CA ALA G 63 49.50 -7.65 18.83
C ALA G 63 49.74 -8.94 19.61
N ASP G 64 49.48 -8.91 20.92
CA ASP G 64 49.56 -10.15 21.75
C ASP G 64 48.15 -10.70 21.77
N ALA G 65 47.94 -11.94 22.22
CA ALA G 65 46.57 -12.46 22.13
C ALA G 65 46.15 -13.31 23.32
N ILE G 66 44.84 -13.35 23.60
CA ILE G 66 44.31 -14.26 24.64
C ILE G 66 43.45 -15.26 23.87
N LEU G 67 43.74 -16.55 24.01
CA LEU G 67 43.04 -17.56 23.19
C LEU G 67 41.95 -18.23 24.03
N VAL G 68 40.70 -18.15 23.58
CA VAL G 68 39.55 -18.75 24.33
C VAL G 68 38.98 -19.89 23.49
N GLY G 69 38.86 -21.08 24.09
CA GLY G 69 38.37 -22.26 23.35
C GLY G 69 38.75 -23.55 24.05
N ASP G 70 38.67 -24.68 23.33
CA ASP G 70 39.11 -25.96 23.92
C ASP G 70 40.63 -25.88 24.11
N HIS G 71 41.08 -26.08 25.35
CA HIS G 71 42.53 -25.96 25.68
C HIS G 71 43.30 -27.07 24.97
N ASP G 72 42.79 -28.29 24.99
CA ASP G 72 43.53 -29.43 24.40
C ASP G 72 43.70 -29.23 22.90
N GLU G 73 42.65 -28.78 22.22
CA GLU G 73 42.71 -28.55 20.74
C GLU G 73 43.66 -27.41 20.40
N ILE G 74 43.62 -26.32 21.15
CA ILE G 74 44.48 -25.15 20.84
C ILE G 74 45.92 -25.58 21.08
N VAL G 75 46.15 -26.36 22.12
CA VAL G 75 47.54 -26.76 22.51
C VAL G 75 48.12 -27.61 21.37
N SER G 76 47.40 -28.63 20.91
CA SER G 76 47.86 -29.49 19.79
C SER G 76 48.18 -28.61 18.59
N ILE G 77 47.25 -27.73 18.20
CA ILE G 77 47.40 -26.87 16.99
C ILE G 77 48.56 -25.87 17.22
N ALA G 78 48.64 -25.25 18.39
CA ALA G 78 49.81 -24.43 18.79
C ALA G 78 51.12 -25.23 18.57
N LEU G 79 51.18 -26.49 19.03
CA LEU G 79 52.40 -27.34 18.94
C LEU G 79 52.67 -27.67 17.46
N LYS G 80 51.63 -28.02 16.70
CA LYS G 80 51.72 -28.48 15.29
C LYS G 80 52.32 -27.41 14.36
N ILE G 81 52.32 -26.12 14.75
CA ILE G 81 52.83 -24.96 13.94
C ILE G 81 53.86 -24.16 14.75
N GLY G 82 54.32 -24.68 15.89
CA GLY G 82 55.37 -24.07 16.75
C GLY G 82 55.07 -22.63 17.12
N MET G 83 53.86 -22.36 17.61
CA MET G 83 53.52 -21.22 18.52
C MET G 83 54.04 -21.58 19.93
N ASP G 84 54.54 -20.60 20.69
CA ASP G 84 55.05 -20.84 22.07
C ASP G 84 53.86 -20.86 23.06
N VAL G 85 53.40 -22.06 23.43
CA VAL G 85 52.09 -22.26 24.10
C VAL G 85 52.08 -21.54 25.46
N ASN G 86 53.25 -21.32 26.08
CA ASN G 86 53.36 -20.72 27.44
C ASN G 86 53.43 -19.20 27.36
N ASP G 87 53.68 -18.66 26.15
CA ASP G 87 53.83 -17.22 25.80
C ASP G 87 52.48 -16.49 25.75
N PHE G 88 51.37 -17.22 25.51
CA PHE G 88 49.99 -16.66 25.36
C PHE G 88 49.10 -17.21 26.48
N GLU G 89 48.33 -16.33 27.14
CA GLU G 89 47.28 -16.69 28.12
C GLU G 89 46.20 -17.45 27.33
N ILE G 90 45.73 -18.61 27.82
CA ILE G 90 44.79 -19.54 27.12
C ILE G 90 43.61 -19.90 28.04
N VAL G 91 42.45 -19.30 27.81
CA VAL G 91 41.21 -19.52 28.60
C VAL G 91 40.45 -20.73 28.03
N ASN G 92 40.36 -21.81 28.80
CA ASN G 92 39.62 -23.04 28.43
C ASN G 92 38.10 -22.80 28.46
N GLU G 93 37.44 -23.00 27.31
CA GLU G 93 35.97 -23.02 27.11
C GLU G 93 35.64 -23.99 25.97
N PRO G 94 35.18 -25.22 26.28
CA PRO G 94 34.91 -26.22 25.25
C PRO G 94 33.64 -25.88 24.46
N ASN G 95 32.60 -25.39 25.13
CA ASN G 95 31.32 -24.99 24.51
C ASN G 95 31.56 -23.80 23.54
N VAL G 96 31.42 -24.03 22.22
CA VAL G 96 31.82 -23.09 21.14
C VAL G 96 31.08 -21.74 21.27
N LYS G 97 29.85 -21.73 21.76
CA LYS G 97 29.04 -20.50 21.95
C LYS G 97 29.45 -19.77 23.24
N LYS G 98 29.95 -20.48 24.26
CA LYS G 98 30.44 -19.84 25.50
C LYS G 98 31.85 -19.29 25.27
N ALA G 99 32.61 -19.97 24.42
CA ALA G 99 33.99 -19.57 24.04
C ALA G 99 33.94 -18.21 23.32
N ALA G 100 32.98 -18.03 22.42
CA ALA G 100 32.75 -16.77 21.68
C ALA G 100 32.47 -15.62 22.65
N LEU G 101 31.76 -15.91 23.75
CA LEU G 101 31.17 -14.89 24.67
C LEU G 101 32.12 -14.55 25.82
N LYS G 102 33.03 -15.46 26.20
CA LYS G 102 34.20 -15.12 27.06
C LYS G 102 35.13 -14.18 26.28
N ALA G 103 35.32 -14.41 24.99
CA ALA G 103 36.30 -13.69 24.15
C ALA G 103 35.87 -12.23 24.12
N VAL G 104 34.56 -12.04 23.94
CA VAL G 104 33.91 -10.71 23.81
C VAL G 104 33.88 -10.05 25.19
N GLU G 105 33.67 -10.81 26.27
CA GLU G 105 33.80 -10.33 27.69
C GLU G 105 35.17 -9.69 27.95
N LEU G 106 36.26 -10.39 27.63
CA LEU G 106 37.65 -9.92 27.87
C LEU G 106 37.85 -8.49 27.33
N VAL G 107 37.00 -8.04 26.42
CA VAL G 107 37.17 -6.73 25.72
C VAL G 107 36.31 -5.66 26.43
N SER G 108 35.02 -5.96 26.63
CA SER G 108 34.10 -5.15 27.46
C SER G 108 34.69 -4.93 28.86
N THR G 109 35.48 -5.86 29.39
CA THR G 109 36.07 -5.75 30.76
C THR G 109 37.54 -5.30 30.68
N GLY G 110 38.02 -4.89 29.50
CA GLY G 110 39.35 -4.25 29.35
C GLY G 110 40.52 -5.18 29.66
N LYS G 111 40.35 -6.50 29.59
CA LYS G 111 41.47 -7.47 29.72
C LYS G 111 42.18 -7.59 28.37
N ALA G 112 41.55 -7.08 27.31
CA ALA G 112 41.96 -7.18 25.89
C ALA G 112 41.23 -6.10 25.06
N ASP G 113 41.76 -5.73 23.89
CA ASP G 113 41.33 -4.49 23.15
C ASP G 113 40.65 -4.79 21.79
N MET G 114 40.73 -6.01 21.22
CA MET G 114 39.94 -6.45 20.01
C MET G 114 39.53 -7.92 20.12
N VAL G 115 38.39 -8.26 19.51
CA VAL G 115 37.91 -9.66 19.31
C VAL G 115 38.23 -10.04 17.86
N MET G 116 38.74 -11.26 17.64
CA MET G 116 38.92 -11.83 16.29
C MET G 116 38.06 -13.08 16.24
N LYS G 117 37.31 -13.27 15.17
CA LYS G 117 36.52 -14.52 14.96
C LYS G 117 37.51 -15.66 14.68
N GLY G 118 37.23 -16.85 15.21
CA GLY G 118 38.02 -18.07 14.97
C GLY G 118 37.17 -19.13 14.33
N LEU G 119 36.88 -20.21 15.08
CA LEU G 119 36.22 -21.46 14.61
C LEU G 119 34.73 -21.40 14.97
N VAL G 120 34.06 -20.34 14.51
CA VAL G 120 32.63 -20.02 14.77
C VAL G 120 32.03 -19.55 13.44
N ASN G 121 30.76 -19.89 13.19
CA ASN G 121 30.00 -19.28 12.07
C ASN G 121 29.86 -17.77 12.37
N THR G 122 29.64 -16.97 11.34
CA THR G 122 29.64 -15.49 11.44
C THR G 122 28.47 -15.02 12.29
N ALA G 123 27.31 -15.69 12.20
CA ALA G 123 26.06 -15.32 12.89
C ALA G 123 26.24 -15.44 14.41
N THR G 124 26.74 -16.60 14.87
CA THR G 124 27.10 -16.87 16.29
C THR G 124 28.06 -15.81 16.82
N PHE G 125 29.20 -15.65 16.15
CA PHE G 125 30.23 -14.65 16.52
C PHE G 125 29.59 -13.26 16.61
N LEU G 126 28.94 -12.82 15.54
CA LEU G 126 28.34 -11.46 15.43
C LEU G 126 27.28 -11.29 16.50
N ARG G 127 26.62 -12.40 16.89
CA ARG G 127 25.59 -12.40 17.97
C ARG G 127 26.27 -12.04 19.30
N SER G 128 27.35 -12.76 19.62
CA SER G 128 28.19 -12.54 20.83
C SER G 128 28.53 -11.05 20.90
N VAL G 129 29.13 -10.51 19.85
CA VAL G 129 29.66 -9.12 19.77
C VAL G 129 28.54 -8.13 20.15
N LEU G 130 27.32 -8.34 19.64
CA LEU G 130 26.15 -7.45 19.87
C LEU G 130 25.37 -7.84 21.14
N ASN G 131 25.77 -8.91 21.85
CA ASN G 131 25.18 -9.36 23.14
C ASN G 131 25.04 -8.17 24.09
N LYS G 132 23.90 -8.06 24.78
CA LYS G 132 23.49 -6.88 25.57
C LYS G 132 24.04 -6.96 26.99
N GLU G 133 24.41 -8.14 27.48
CA GLU G 133 24.97 -8.36 28.84
C GLU G 133 26.46 -7.95 28.89
N VAL G 134 27.28 -8.40 27.92
CA VAL G 134 28.78 -8.32 27.92
C VAL G 134 29.39 -7.95 26.55
N GLY G 135 28.56 -7.59 25.56
CA GLY G 135 28.98 -7.25 24.18
C GLY G 135 29.55 -5.85 24.03
N LEU G 136 29.78 -5.45 22.78
CA LEU G 136 30.55 -4.23 22.37
C LEU G 136 29.60 -3.19 21.74
N ARG G 137 28.31 -3.29 22.06
CA ARG G 137 27.22 -2.40 21.58
C ARG G 137 27.53 -0.98 22.01
N THR G 138 27.30 -0.02 21.11
CA THR G 138 27.14 1.42 21.42
C THR G 138 25.80 1.83 20.80
N GLY G 139 25.48 3.11 20.81
CA GLY G 139 24.33 3.62 20.03
C GLY G 139 24.50 3.33 18.54
N LYS G 140 25.70 3.48 18.00
CA LYS G 140 25.99 3.46 16.53
C LYS G 140 25.78 2.05 15.94
N THR G 141 25.31 1.97 14.69
CA THR G 141 25.25 0.71 13.92
C THR G 141 26.68 0.35 13.52
N MET G 142 26.98 -0.95 13.54
CA MET G 142 28.31 -1.54 13.26
C MET G 142 28.50 -1.42 11.74
N SER G 143 29.75 -1.34 11.28
CA SER G 143 30.07 -1.22 9.83
C SER G 143 31.48 -1.75 9.58
N HIS G 144 31.67 -2.55 8.52
CA HIS G 144 32.99 -3.04 8.05
C HIS G 144 33.63 -1.97 7.18
N VAL G 145 34.86 -1.59 7.51
CA VAL G 145 35.76 -0.78 6.64
C VAL G 145 36.81 -1.71 6.05
N ALA G 146 37.10 -1.55 4.75
CA ALA G 146 38.20 -2.26 4.05
C ALA G 146 39.21 -1.25 3.50
N VAL G 147 40.40 -1.23 4.05
CA VAL G 147 41.50 -0.39 3.52
C VAL G 147 42.27 -1.19 2.47
N PHE G 148 42.54 -0.57 1.33
CA PHE G 148 43.33 -1.12 0.19
C PHE G 148 44.53 -0.22 -0.16
N GLU G 149 45.65 -0.87 -0.46
CA GLU G 149 46.90 -0.24 -0.95
C GLU G 149 47.12 -0.79 -2.35
N THR G 150 47.02 0.07 -3.37
CA THR G 150 47.09 -0.30 -4.82
C THR G 150 48.26 0.40 -5.54
N GLU G 151 48.80 -0.27 -6.56
CA GLU G 151 49.81 0.25 -7.52
C GLU G 151 49.43 1.63 -8.03
N LYS G 152 48.21 1.81 -8.54
CA LYS G 152 47.89 2.94 -9.45
C LYS G 152 47.58 4.20 -8.65
N PHE G 153 47.47 4.09 -7.33
CA PHE G 153 47.08 5.24 -6.48
C PHE G 153 47.92 5.23 -5.20
N ASP G 154 48.53 6.37 -4.85
CA ASP G 154 49.39 6.49 -3.64
C ASP G 154 48.52 6.50 -2.36
N ARG G 155 47.39 7.22 -2.34
CA ARG G 155 46.54 7.31 -1.12
C ARG G 155 45.88 5.95 -0.95
N LEU G 156 45.88 5.42 0.27
CA LEU G 156 45.01 4.28 0.63
C LEU G 156 43.56 4.67 0.31
N LEU G 157 42.76 3.67 -0.07
CA LEU G 157 41.31 3.78 -0.37
C LEU G 157 40.53 2.97 0.67
N PHE G 158 39.41 3.52 1.11
CA PHE G 158 38.53 2.92 2.15
C PHE G 158 37.18 2.50 1.51
N LEU G 159 36.75 1.25 1.73
CA LEU G 159 35.46 0.72 1.20
C LEU G 159 34.52 0.40 2.38
N THR G 160 33.40 1.12 2.45
CA THR G 160 32.27 0.86 3.38
C THR G 160 30.96 0.87 2.60
N ASP G 161 29.98 0.05 2.99
CA ASP G 161 30.23 -1.11 3.84
C ASP G 161 30.19 -2.35 2.94
N VAL G 162 31.31 -3.06 2.86
CA VAL G 162 31.54 -4.18 1.89
C VAL G 162 30.96 -5.52 2.38
N ALA G 163 30.94 -5.80 3.69
CA ALA G 163 30.64 -7.15 4.25
C ALA G 163 29.52 -7.15 5.30
N PHE G 164 29.12 -6.04 5.93
CA PHE G 164 28.10 -6.10 7.01
C PHE G 164 26.73 -5.57 6.53
N ASN G 165 26.46 -4.26 6.55
CA ASN G 165 25.11 -3.69 6.26
C ASN G 165 24.73 -3.92 4.80
N THR G 166 23.68 -4.71 4.59
CA THR G 166 23.27 -5.30 3.29
C THR G 166 22.57 -4.22 2.45
N TYR G 167 21.48 -3.64 2.93
CA TYR G 167 20.74 -2.54 2.25
C TYR G 167 20.55 -1.38 3.24
N PRO G 168 21.63 -0.66 3.60
CA PRO G 168 21.53 0.42 4.57
C PRO G 168 20.87 1.64 3.93
N GLU G 169 20.09 2.37 4.72
CA GLU G 169 19.44 3.61 4.27
C GLU G 169 20.19 4.77 4.93
N LEU G 170 19.67 5.99 4.82
CA LEU G 170 20.39 7.18 5.34
C LEU G 170 20.83 7.01 6.79
N LYS G 171 19.96 6.51 7.66
CA LYS G 171 20.33 6.46 9.10
C LYS G 171 21.58 5.60 9.28
N GLU G 172 21.61 4.44 8.64
CA GLU G 172 22.80 3.55 8.70
C GLU G 172 23.97 4.21 7.99
N LYS G 173 23.73 4.85 6.84
CA LYS G 173 24.81 5.46 6.02
C LYS G 173 25.51 6.55 6.84
N ILE G 174 24.77 7.43 7.51
CA ILE G 174 25.40 8.44 8.42
C ILE G 174 26.44 7.75 9.32
N ASP G 175 26.01 6.74 10.08
CA ASP G 175 26.86 5.89 10.96
C ASP G 175 28.03 5.30 10.16
N ILE G 176 27.75 4.66 9.04
CA ILE G 176 28.80 4.03 8.20
C ILE G 176 29.85 5.09 7.84
N VAL G 177 29.48 6.35 7.62
CA VAL G 177 30.44 7.44 7.25
C VAL G 177 31.33 7.74 8.46
N ASN G 178 30.72 8.17 9.57
CA ASN G 178 31.37 8.46 10.88
C ASN G 178 32.39 7.36 11.24
N ASN G 179 31.98 6.09 11.17
CA ASN G 179 32.84 4.92 11.49
C ASN G 179 34.07 4.90 10.57
N SER G 180 33.87 4.89 9.24
CA SER G 180 34.97 4.94 8.25
C SER G 180 35.92 6.14 8.48
N VAL G 181 35.37 7.31 8.78
CA VAL G 181 36.14 8.58 9.02
C VAL G 181 36.97 8.41 10.30
N LYS G 182 36.44 7.78 11.34
CA LYS G 182 37.19 7.51 12.61
C LYS G 182 38.45 6.66 12.31
N VAL G 183 38.36 5.74 11.35
CA VAL G 183 39.51 4.87 10.93
C VAL G 183 40.51 5.69 10.08
N ALA G 184 40.03 6.51 9.15
CA ALA G 184 40.89 7.46 8.40
C ALA G 184 41.55 8.43 9.38
N HIS G 185 40.85 8.76 10.46
CA HIS G 185 41.39 9.63 11.55
C HIS G 185 42.54 8.93 12.26
N ALA G 186 42.52 7.59 12.35
CA ALA G 186 43.54 6.78 13.06
C ALA G 186 44.71 6.41 12.14
N ILE G 187 44.49 6.24 10.82
CA ILE G 187 45.59 6.13 9.78
C ILE G 187 46.25 7.52 9.60
N GLY G 188 45.66 8.60 10.12
CA GLY G 188 46.30 9.92 10.15
C GLY G 188 45.80 10.89 9.08
N ILE G 189 44.78 10.51 8.28
CA ILE G 189 44.06 11.43 7.35
C ILE G 189 43.24 12.42 8.19
N GLU G 190 43.65 13.69 8.23
CA GLU G 190 43.01 14.74 9.07
C GLU G 190 41.61 15.07 8.51
N ASN G 191 41.49 15.34 7.20
CA ASN G 191 40.22 15.78 6.53
C ASN G 191 39.90 14.86 5.34
N PRO G 192 39.45 13.61 5.58
CA PRO G 192 39.19 12.66 4.51
C PRO G 192 38.06 13.10 3.59
N LYS G 193 38.20 12.77 2.32
CA LYS G 193 37.22 13.05 1.27
C LYS G 193 36.39 11.79 1.07
N VAL G 194 35.06 11.94 1.21
CA VAL G 194 34.07 10.83 1.27
C VAL G 194 33.23 10.97 0.00
N ALA G 195 33.09 9.87 -0.74
CA ALA G 195 32.38 9.79 -2.02
C ALA G 195 31.34 8.68 -1.89
N PRO G 196 30.07 9.07 -1.61
CA PRO G 196 28.92 8.20 -1.84
C PRO G 196 28.90 7.79 -3.31
N ILE G 197 29.06 6.49 -3.55
CA ILE G 197 29.26 5.92 -4.91
C ILE G 197 27.88 5.55 -5.45
N CYS G 198 27.63 5.93 -6.69
CA CYS G 198 26.37 5.67 -7.43
C CYS G 198 26.73 5.36 -8.87
N ALA G 199 25.72 5.10 -9.69
CA ALA G 199 25.90 4.71 -11.11
C ALA G 199 26.26 5.94 -11.90
N VAL G 200 25.76 7.08 -11.44
CA VAL G 200 25.83 8.42 -12.09
C VAL G 200 26.32 9.43 -11.06
N GLU G 201 26.80 10.58 -11.55
CA GLU G 201 27.34 11.70 -10.75
C GLU G 201 26.25 12.76 -10.60
N VAL G 202 24.99 12.34 -10.61
CA VAL G 202 23.84 13.25 -10.88
C VAL G 202 22.62 12.72 -10.14
N ILE G 203 21.78 13.62 -9.64
CA ILE G 203 20.54 13.29 -8.88
C ILE G 203 19.54 12.75 -9.90
N ASN G 204 19.22 11.45 -9.81
CA ASN G 204 18.12 10.83 -10.57
C ASN G 204 17.09 10.30 -9.59
N PRO G 205 15.87 10.88 -9.53
CA PRO G 205 14.82 10.41 -8.61
C PRO G 205 14.58 8.90 -8.53
N LYS G 206 14.88 8.14 -9.59
CA LYS G 206 14.64 6.67 -9.65
C LYS G 206 15.80 5.85 -9.05
N MET G 207 16.96 6.45 -8.71
CA MET G 207 18.05 5.78 -7.93
C MET G 207 18.16 6.38 -6.52
N PRO G 208 17.55 5.75 -5.51
CA PRO G 208 17.67 6.19 -4.12
C PRO G 208 19.11 6.49 -3.64
N SER G 209 20.10 5.75 -4.13
CA SER G 209 21.53 5.96 -3.81
C SER G 209 21.81 7.45 -3.91
N THR G 210 21.49 8.01 -5.08
CA THR G 210 21.84 9.40 -5.47
C THR G 210 21.10 10.37 -4.54
N LEU G 211 19.89 10.03 -4.12
CA LEU G 211 19.15 10.84 -3.13
C LEU G 211 19.88 10.84 -1.78
N ASP G 212 20.16 9.66 -1.20
CA ASP G 212 20.89 9.56 0.09
C ASP G 212 22.19 10.37 -0.01
N ALA G 213 22.85 10.37 -1.18
CA ALA G 213 24.14 11.08 -1.39
C ALA G 213 23.98 12.59 -1.19
N ALA G 214 22.90 13.20 -1.67
CA ALA G 214 22.75 14.67 -1.61
C ALA G 214 22.43 15.08 -0.17
N MET G 215 21.82 14.20 0.62
CA MET G 215 21.57 14.39 2.08
C MET G 215 22.92 14.44 2.81
N LEU G 216 23.71 13.37 2.71
CA LEU G 216 25.03 13.26 3.36
C LEU G 216 25.84 14.50 3.01
N SER G 217 25.97 14.84 1.73
CA SER G 217 26.68 16.06 1.25
C SER G 217 26.17 17.34 1.93
N LYS G 218 24.86 17.50 2.15
CA LYS G 218 24.35 18.70 2.84
C LYS G 218 24.68 18.66 4.34
N MET G 219 24.68 17.48 4.95
CA MET G 219 25.00 17.30 6.38
C MET G 219 26.47 17.67 6.57
N SER G 220 27.35 17.21 5.69
CA SER G 220 28.80 17.52 5.78
C SER G 220 28.98 19.04 5.57
N ASP G 221 28.10 19.69 4.84
CA ASP G 221 28.16 21.17 4.63
C ASP G 221 27.75 21.89 5.93
N ARG G 222 26.57 21.60 6.45
CA ARG G 222 26.06 22.22 7.70
C ARG G 222 26.81 21.72 8.94
N GLY G 223 27.88 20.94 8.79
CA GLY G 223 28.64 20.33 9.89
C GLY G 223 27.82 19.32 10.70
N GLN G 224 26.70 18.82 10.21
CA GLN G 224 26.01 17.67 10.85
C GLN G 224 26.94 16.44 10.82
N ILE G 225 27.54 16.11 9.69
CA ILE G 225 28.65 15.10 9.64
C ILE G 225 29.97 15.88 9.70
N LYS G 226 30.77 15.61 10.76
CA LYS G 226 32.04 16.31 11.11
C LYS G 226 33.27 15.48 10.67
N GLY G 227 34.39 16.17 10.44
CA GLY G 227 35.74 15.58 10.36
C GLY G 227 36.16 15.19 8.96
N CYS G 228 35.37 15.47 7.93
CA CYS G 228 35.66 15.09 6.52
C CYS G 228 35.06 16.13 5.58
N VAL G 229 35.07 15.85 4.27
CA VAL G 229 34.16 16.43 3.25
C VAL G 229 33.47 15.26 2.56
N VAL G 230 32.13 15.25 2.61
CA VAL G 230 31.25 14.31 1.87
C VAL G 230 30.72 15.03 0.65
N ASP G 231 30.90 14.50 -0.55
CA ASP G 231 30.23 15.03 -1.77
C ASP G 231 29.81 13.87 -2.66
N GLY G 232 28.52 13.85 -3.00
CA GLY G 232 27.89 12.83 -3.86
C GLY G 232 26.51 13.26 -4.32
N PRO G 233 25.94 12.57 -5.32
CA PRO G 233 26.52 11.33 -5.84
C PRO G 233 27.68 11.55 -6.82
N LEU G 234 28.63 10.62 -6.77
CA LEU G 234 29.81 10.52 -7.66
C LEU G 234 29.79 9.11 -8.25
N ALA G 235 30.11 8.94 -9.53
CA ALA G 235 30.31 7.58 -10.07
C ALA G 235 31.75 7.20 -9.71
N LEU G 236 32.06 5.91 -9.65
CA LEU G 236 33.38 5.43 -9.17
C LEU G 236 34.52 6.14 -9.91
N ASP G 237 34.56 6.04 -11.23
CA ASP G 237 35.61 6.75 -12.00
C ASP G 237 35.77 8.19 -11.46
N ILE G 238 34.71 8.96 -11.38
CA ILE G 238 34.74 10.40 -10.97
C ILE G 238 35.25 10.54 -9.53
N ALA G 239 34.84 9.66 -8.63
CA ALA G 239 35.35 9.66 -7.23
C ALA G 239 36.86 9.35 -7.21
N LEU G 240 37.34 8.44 -8.07
CA LEU G 240 38.66 7.78 -7.93
C LEU G 240 39.73 8.46 -8.79
N SER G 241 39.45 8.72 -10.07
CA SER G 241 40.45 9.20 -11.08
C SER G 241 40.38 10.72 -11.30
N GLU G 242 41.48 11.46 -11.12
CA GLU G 242 41.53 12.93 -11.39
C GLU G 242 41.25 13.20 -12.87
N GLU G 243 41.65 12.26 -13.72
CA GLU G 243 41.58 12.28 -15.21
C GLU G 243 40.11 12.10 -15.66
N ALA G 244 39.36 11.25 -14.98
CA ALA G 244 37.92 11.02 -15.24
C ALA G 244 37.12 12.24 -14.77
N ALA G 245 37.41 12.72 -13.56
CA ALA G 245 36.69 13.85 -12.95
C ALA G 245 36.76 15.03 -13.92
N HIS G 246 37.96 15.44 -14.35
CA HIS G 246 38.13 16.59 -15.27
C HIS G 246 37.36 16.35 -16.59
N HIS G 247 37.39 15.11 -17.10
CA HIS G 247 36.79 14.70 -18.39
C HIS G 247 35.25 14.73 -18.28
N LYS G 248 34.71 14.37 -17.12
CA LYS G 248 33.24 14.43 -16.90
C LYS G 248 32.86 15.78 -16.30
N GLY G 249 33.77 16.75 -16.28
CA GLY G 249 33.48 18.12 -15.80
C GLY G 249 33.03 18.22 -14.35
N VAL G 250 33.66 17.49 -13.43
CA VAL G 250 33.31 17.57 -11.99
C VAL G 250 34.46 18.17 -11.16
N THR G 251 34.31 19.41 -10.68
CA THR G 251 35.34 20.12 -9.85
C THR G 251 35.02 19.75 -8.40
N GLY G 252 35.74 20.28 -7.43
CA GLY G 252 35.37 20.17 -6.01
C GLY G 252 36.40 19.38 -5.21
N GLU G 253 36.17 19.26 -3.91
CA GLU G 253 37.19 18.79 -2.95
C GLU G 253 37.42 17.27 -3.06
N VAL G 254 36.46 16.52 -3.62
CA VAL G 254 36.33 15.04 -3.46
C VAL G 254 36.57 14.34 -4.80
N ALA G 255 35.89 14.79 -5.87
CA ALA G 255 36.06 14.22 -7.23
C ALA G 255 37.54 14.22 -7.58
N GLY G 256 38.11 13.03 -7.83
CA GLY G 256 39.52 12.82 -8.23
C GLY G 256 40.40 12.42 -7.06
N LYS G 257 39.96 12.65 -5.83
CA LYS G 257 40.79 12.49 -4.61
C LYS G 257 39.97 11.86 -3.46
N ALA G 258 39.00 11.00 -3.76
CA ALA G 258 38.17 10.32 -2.73
C ALA G 258 39.06 9.37 -1.90
N ASP G 259 39.01 9.51 -0.58
CA ASP G 259 39.72 8.61 0.35
C ASP G 259 38.79 7.44 0.64
N ILE G 260 37.51 7.76 0.85
CA ILE G 260 36.46 6.81 1.29
C ILE G 260 35.41 6.68 0.19
N PHE G 261 35.03 5.44 -0.08
CA PHE G 261 34.09 5.01 -1.12
C PHE G 261 32.93 4.40 -0.35
N LEU G 262 31.88 5.19 -0.12
CA LEU G 262 30.62 4.69 0.47
C LEU G 262 29.82 3.93 -0.59
N MET G 263 29.77 2.60 -0.45
CA MET G 263 28.97 1.72 -1.34
C MET G 263 27.49 1.93 -1.05
N PRO G 264 26.62 1.87 -2.09
CA PRO G 264 25.18 1.97 -1.90
C PRO G 264 24.52 0.81 -1.14
N ASN G 265 25.12 -0.38 -1.22
CA ASN G 265 24.61 -1.63 -0.60
C ASN G 265 25.67 -2.70 -0.77
N ILE G 266 25.52 -3.84 -0.09
CA ILE G 266 26.56 -4.93 0.02
C ILE G 266 26.79 -5.67 -1.29
N GLU G 267 25.77 -5.84 -2.15
CA GLU G 267 25.96 -6.50 -3.48
C GLU G 267 27.07 -5.73 -4.22
N THR G 268 26.93 -4.40 -4.37
CA THR G 268 27.85 -3.56 -5.22
C THR G 268 29.20 -3.46 -4.50
N GLY G 269 29.19 -3.48 -3.17
CA GLY G 269 30.40 -3.42 -2.33
C GLY G 269 31.23 -4.66 -2.54
N ASN G 270 30.69 -5.79 -2.10
CA ASN G 270 31.24 -7.14 -2.35
C ASN G 270 31.82 -7.24 -3.77
N VAL G 271 31.06 -6.94 -4.82
CA VAL G 271 31.55 -7.07 -6.23
C VAL G 271 32.76 -6.15 -6.45
N MET G 272 32.78 -4.96 -5.89
CA MET G 272 33.97 -4.09 -6.04
C MET G 272 35.17 -4.75 -5.36
N TYR G 273 34.96 -5.27 -4.13
CA TYR G 273 36.00 -5.81 -3.22
C TYR G 273 36.67 -7.04 -3.87
N LYS G 274 35.88 -7.88 -4.52
CA LYS G 274 36.35 -9.16 -5.11
C LYS G 274 37.08 -8.88 -6.44
N THR G 275 36.71 -7.82 -7.15
CA THR G 275 37.30 -7.36 -8.42
C THR G 275 38.74 -6.94 -8.17
N LEU G 276 38.90 -6.01 -7.23
CA LEU G 276 40.22 -5.53 -6.76
C LEU G 276 41.09 -6.74 -6.39
N THR G 277 40.51 -7.65 -5.62
CA THR G 277 41.20 -8.77 -4.94
C THR G 277 41.61 -9.83 -5.98
N TYR G 278 40.88 -10.04 -7.08
CA TYR G 278 41.16 -11.15 -8.04
C TYR G 278 41.67 -10.61 -9.38
N THR G 279 42.14 -9.37 -9.42
CA THR G 279 42.39 -8.68 -10.71
C THR G 279 43.59 -7.76 -10.56
N THR G 280 44.07 -7.58 -9.33
CA THR G 280 45.10 -6.60 -8.90
C THR G 280 46.08 -7.34 -7.97
N ASP G 281 47.26 -6.79 -7.71
CA ASP G 281 48.22 -7.35 -6.74
C ASP G 281 48.34 -6.36 -5.58
N SER G 282 47.23 -6.10 -4.89
CA SER G 282 47.11 -5.01 -3.88
C SER G 282 46.89 -5.59 -2.49
N LYS G 283 47.63 -5.06 -1.52
CA LYS G 283 47.50 -5.38 -0.07
C LYS G 283 46.18 -4.77 0.43
N ASN G 284 45.42 -5.52 1.24
CA ASN G 284 44.17 -5.03 1.91
C ASN G 284 44.00 -5.64 3.30
N GLY G 285 43.07 -5.08 4.07
CA GLY G 285 42.68 -5.63 5.38
C GLY G 285 41.43 -4.95 5.88
N GLY G 286 40.78 -5.49 6.90
CA GLY G 286 39.46 -4.98 7.34
C GLY G 286 39.16 -5.17 8.81
N ILE G 287 38.30 -4.30 9.33
CA ILE G 287 37.71 -4.40 10.70
C ILE G 287 36.24 -3.98 10.69
N LEU G 288 35.42 -4.51 11.62
CA LEU G 288 34.11 -3.91 12.01
C LEU G 288 34.36 -2.78 12.99
N VAL G 289 33.73 -1.63 12.81
CA VAL G 289 33.77 -0.51 13.79
C VAL G 289 32.33 -0.13 14.15
N GLY G 290 32.15 1.01 14.83
CA GLY G 290 30.85 1.40 15.39
C GLY G 290 30.56 0.70 16.70
N THR G 291 31.40 -0.28 17.09
CA THR G 291 31.37 -1.01 18.38
C THR G 291 32.41 -0.35 19.32
N SER G 292 32.44 -0.78 20.58
CA SER G 292 33.30 -0.15 21.63
C SER G 292 34.75 -0.44 21.30
N ALA G 293 34.99 -1.59 20.68
CA ALA G 293 36.33 -2.02 20.26
C ALA G 293 36.27 -2.48 18.82
N PRO G 294 37.38 -2.37 18.08
CA PRO G 294 37.59 -3.06 16.82
C PRO G 294 37.26 -4.56 16.83
N VAL G 295 36.70 -5.06 15.73
CA VAL G 295 36.45 -6.51 15.50
C VAL G 295 37.13 -6.90 14.18
N VAL G 296 37.96 -7.94 14.25
CA VAL G 296 38.56 -8.64 13.09
C VAL G 296 37.62 -9.80 12.77
N LEU G 297 37.23 -9.96 11.51
CA LEU G 297 36.24 -10.98 11.09
C LEU G 297 36.67 -11.47 9.71
N THR G 298 37.66 -12.37 9.69
CA THR G 298 38.28 -12.93 8.46
C THR G 298 37.52 -14.21 8.10
N SER G 299 37.61 -14.65 6.84
CA SER G 299 37.06 -15.96 6.38
C SER G 299 38.24 -16.88 6.11
N ARG G 300 37.97 -18.14 5.79
CA ARG G 300 39.03 -19.06 5.30
C ARG G 300 39.66 -18.44 4.05
N ALA G 301 38.88 -17.71 3.24
CA ALA G 301 39.38 -17.17 1.96
C ALA G 301 40.37 -16.03 2.14
N ASP G 302 40.43 -15.42 3.32
CA ASP G 302 41.33 -14.26 3.53
C ASP G 302 42.78 -14.72 3.59
N SER G 303 43.69 -13.95 2.97
CA SER G 303 45.12 -14.32 2.92
C SER G 303 45.77 -14.12 4.29
N HIS G 304 46.87 -14.81 4.54
CA HIS G 304 47.61 -14.63 5.82
C HIS G 304 47.99 -13.16 5.91
N GLU G 305 48.48 -12.58 4.82
CA GLU G 305 48.86 -11.14 4.80
C GLU G 305 47.65 -10.27 5.19
N THR G 306 46.47 -10.59 4.66
CA THR G 306 45.22 -9.81 4.85
C THR G 306 44.84 -9.89 6.33
N LYS G 307 44.94 -11.10 6.89
CA LYS G 307 44.61 -11.39 8.31
C LYS G 307 45.53 -10.53 9.19
N MET G 308 46.75 -10.31 8.74
CA MET G 308 47.74 -9.56 9.55
C MET G 308 47.52 -8.06 9.38
N ASN G 309 47.38 -7.63 8.12
CA ASN G 309 46.91 -6.28 7.72
C ASN G 309 45.69 -5.94 8.58
N SER G 310 44.76 -6.89 8.71
CA SER G 310 43.48 -6.74 9.44
C SER G 310 43.73 -6.65 10.96
N ILE G 311 44.44 -7.60 11.56
CA ILE G 311 44.88 -7.51 12.99
C ILE G 311 45.63 -6.18 13.18
N ALA G 312 46.45 -5.76 12.21
CA ALA G 312 47.27 -4.52 12.31
C ALA G 312 46.39 -3.27 12.23
N LEU G 313 45.34 -3.33 11.42
CA LEU G 313 44.36 -2.23 11.35
C LEU G 313 43.73 -2.05 12.72
N ALA G 314 43.25 -3.15 13.29
CA ALA G 314 42.53 -3.18 14.58
C ALA G 314 43.42 -2.62 15.71
N ALA G 315 44.63 -3.13 15.89
CA ALA G 315 45.64 -2.61 16.83
C ALA G 315 45.77 -1.09 16.72
N LEU G 316 45.91 -0.53 15.51
CA LEU G 316 46.12 0.93 15.29
C LEU G 316 44.90 1.75 15.71
N VAL G 317 43.71 1.24 15.42
CA VAL G 317 42.41 1.84 15.77
C VAL G 317 42.21 1.76 17.29
N ALA G 318 42.78 0.74 17.93
CA ALA G 318 42.74 0.56 19.39
C ALA G 318 43.89 1.35 20.05
N GLY G 319 44.90 1.78 19.30
CA GLY G 319 45.84 2.84 19.72
C GLY G 319 45.11 4.17 19.84
N ASN G 320 44.42 4.58 18.77
CA ASN G 320 43.61 5.83 18.63
C ASN G 320 44.32 6.79 17.67
N MET H 21 37.36 -18.60 -29.61
CA MET H 21 38.61 -18.71 -30.40
C MET H 21 39.47 -17.45 -30.17
N ILE H 22 38.89 -16.26 -30.30
CA ILE H 22 39.60 -14.96 -30.08
C ILE H 22 39.83 -14.73 -28.58
N LYS H 23 40.93 -14.10 -28.16
CA LYS H 23 41.22 -13.81 -26.73
C LYS H 23 41.89 -12.44 -26.55
N SER H 24 41.98 -11.60 -27.60
CA SER H 24 42.61 -10.26 -27.54
C SER H 24 41.86 -9.29 -28.46
N PHE H 25 42.02 -7.98 -28.27
CA PHE H 25 41.37 -6.97 -29.15
C PHE H 25 42.16 -6.87 -30.46
N ASN H 26 43.45 -7.20 -30.42
CA ASN H 26 44.26 -7.19 -31.65
C ASN H 26 43.70 -8.24 -32.62
N GLU H 27 43.38 -9.43 -32.10
CA GLU H 27 42.80 -10.50 -32.95
C GLU H 27 41.43 -10.03 -33.45
N ILE H 28 40.66 -9.37 -32.59
CA ILE H 28 39.35 -8.80 -33.03
C ILE H 28 39.65 -7.86 -34.19
N ILE H 29 40.54 -6.88 -33.97
CA ILE H 29 40.79 -5.87 -35.03
C ILE H 29 41.22 -6.61 -36.30
N MET H 30 42.27 -7.45 -36.20
CA MET H 30 42.82 -8.26 -37.31
C MET H 30 41.68 -8.87 -38.13
N LYS H 31 40.64 -9.41 -37.48
CA LYS H 31 39.54 -10.11 -38.18
C LYS H 31 38.67 -9.08 -38.91
N VAL H 32 38.51 -7.88 -38.33
CA VAL H 32 37.57 -6.82 -38.80
C VAL H 32 38.06 -6.29 -40.16
N LYS H 33 39.37 -6.09 -40.30
CA LYS H 33 40.12 -5.77 -41.55
C LYS H 33 39.95 -6.89 -42.58
N SER H 34 40.22 -8.14 -42.15
CA SER H 34 39.96 -9.41 -42.88
C SER H 34 38.63 -9.36 -43.67
N LYS H 35 37.50 -8.94 -43.06
CA LYS H 35 36.15 -8.91 -43.73
C LYS H 35 35.93 -7.58 -44.48
N GLU H 36 34.80 -7.48 -45.18
CA GLU H 36 34.33 -6.23 -45.86
C GLU H 36 34.29 -5.13 -44.81
N MET H 37 34.86 -3.96 -45.11
CA MET H 37 34.83 -2.73 -44.25
C MET H 37 33.39 -2.24 -44.10
N LYS H 38 33.11 -1.36 -43.11
CA LYS H 38 31.73 -0.98 -42.73
C LYS H 38 31.62 0.51 -42.33
N LYS H 39 30.50 1.16 -42.67
CA LYS H 39 30.24 2.62 -42.49
C LYS H 39 29.70 2.84 -41.09
N VAL H 40 30.16 3.88 -40.41
CA VAL H 40 29.62 4.33 -39.10
C VAL H 40 28.90 5.67 -39.29
N ALA H 41 27.64 5.74 -38.89
CA ALA H 41 26.97 7.05 -38.87
C ALA H 41 27.31 7.72 -37.53
N VAL H 42 27.85 8.93 -37.54
CA VAL H 42 28.19 9.67 -36.28
C VAL H 42 27.07 10.68 -36.00
N ALA H 43 26.45 10.63 -34.80
CA ALA H 43 25.25 11.46 -34.54
C ALA H 43 25.55 12.96 -34.60
N VAL H 44 26.59 13.44 -33.94
CA VAL H 44 27.00 14.86 -34.12
C VAL H 44 28.52 14.77 -34.22
N ALA H 45 29.09 15.03 -35.39
CA ALA H 45 30.53 14.77 -35.59
C ALA H 45 31.35 16.03 -35.36
N GLN H 46 30.81 16.97 -34.59
CA GLN H 46 31.54 18.22 -34.27
C GLN H 46 32.37 17.92 -33.03
N ASP H 47 32.58 16.63 -32.73
CA ASP H 47 33.41 16.21 -31.57
C ASP H 47 34.81 15.85 -32.08
N GLU H 48 35.85 16.52 -31.58
CA GLU H 48 37.25 16.23 -31.97
C GLU H 48 37.69 14.87 -31.40
N PRO H 49 37.50 14.50 -30.10
CA PRO H 49 37.95 13.18 -29.64
C PRO H 49 37.35 11.99 -30.42
N VAL H 50 36.10 12.14 -30.89
CA VAL H 50 35.41 11.16 -31.77
C VAL H 50 36.10 11.17 -33.15
N LEU H 51 36.27 12.32 -33.81
CA LEU H 51 36.86 12.42 -35.17
C LEU H 51 38.30 11.84 -35.16
N GLU H 52 39.09 12.09 -34.12
CA GLU H 52 40.43 11.46 -34.02
C GLU H 52 40.25 9.94 -34.13
N ALA H 53 39.17 9.37 -33.59
CA ALA H 53 38.90 7.91 -33.61
C ALA H 53 38.43 7.48 -35.01
N VAL H 54 37.42 8.15 -35.57
CA VAL H 54 36.87 7.86 -36.93
C VAL H 54 38.01 7.90 -37.96
N ARG H 55 38.91 8.89 -37.87
CA ARG H 55 40.03 9.08 -38.83
C ARG H 55 40.95 7.86 -38.74
N ASP H 56 41.33 7.46 -37.53
CA ASP H 56 42.32 6.37 -37.31
C ASP H 56 41.66 5.05 -37.74
N ALA H 57 40.34 4.89 -37.55
CA ALA H 57 39.55 3.69 -37.93
C ALA H 57 39.57 3.51 -39.46
N LYS H 58 39.60 4.61 -40.21
CA LYS H 58 39.71 4.63 -41.69
C LYS H 58 41.17 4.35 -42.08
N LYS H 59 42.07 5.21 -41.60
CA LYS H 59 43.53 5.11 -41.81
C LYS H 59 43.95 3.65 -41.70
N ASN H 60 43.43 2.96 -40.69
CA ASN H 60 43.99 1.67 -40.21
C ASN H 60 43.10 0.52 -40.70
N GLY H 61 42.05 0.81 -41.47
CA GLY H 61 41.30 -0.23 -42.23
C GLY H 61 40.24 -0.97 -41.41
N ILE H 62 39.66 -0.31 -40.39
CA ILE H 62 38.66 -0.86 -39.43
C ILE H 62 37.23 -0.47 -39.87
N ALA H 63 37.02 0.80 -40.27
CA ALA H 63 35.67 1.36 -40.57
C ALA H 63 35.70 2.70 -41.34
N ASP H 64 34.72 2.85 -42.25
CA ASP H 64 34.32 4.13 -42.90
C ASP H 64 33.39 4.89 -41.97
N ALA H 65 32.89 6.04 -42.41
CA ALA H 65 32.06 6.91 -41.56
C ALA H 65 31.32 7.95 -42.40
N ILE H 66 30.13 8.30 -41.94
CA ILE H 66 29.30 9.40 -42.50
C ILE H 66 29.06 10.36 -41.34
N LEU H 67 29.68 11.53 -41.42
CA LEU H 67 29.66 12.49 -40.30
C LEU H 67 28.41 13.34 -40.46
N VAL H 68 27.52 13.26 -39.48
CA VAL H 68 26.18 13.89 -39.50
C VAL H 68 26.19 14.97 -38.44
N GLY H 69 26.10 16.24 -38.83
CA GLY H 69 26.25 17.39 -37.93
C GLY H 69 26.56 18.65 -38.69
N ASP H 70 27.05 19.68 -38.01
CA ASP H 70 27.37 21.01 -38.58
C ASP H 70 28.67 20.90 -39.38
N HIS H 71 28.52 20.87 -40.72
CA HIS H 71 29.60 20.85 -41.73
C HIS H 71 30.72 21.83 -41.32
N ASP H 72 30.37 23.09 -41.15
CA ASP H 72 31.33 24.20 -40.94
C ASP H 72 32.25 23.83 -39.77
N GLU H 73 31.66 23.34 -38.68
CA GLU H 73 32.41 22.93 -37.45
C GLU H 73 33.15 21.63 -37.73
N ILE H 74 32.52 20.70 -38.45
CA ILE H 74 33.10 19.35 -38.73
C ILE H 74 34.38 19.59 -39.55
N VAL H 75 34.34 20.50 -40.51
CA VAL H 75 35.45 20.72 -41.48
C VAL H 75 36.58 21.44 -40.72
N SER H 76 36.23 22.51 -40.01
CA SER H 76 37.15 23.24 -39.09
C SER H 76 37.96 22.24 -38.25
N ILE H 77 37.26 21.30 -37.59
CA ILE H 77 37.85 20.35 -36.59
C ILE H 77 38.69 19.28 -37.31
N ALA H 78 38.16 18.69 -38.37
CA ALA H 78 38.87 17.82 -39.34
C ALA H 78 40.20 18.47 -39.79
N LEU H 79 40.20 19.77 -40.09
CA LEU H 79 41.41 20.49 -40.58
C LEU H 79 42.51 20.41 -39.52
N LYS H 80 42.20 20.80 -38.27
CA LYS H 80 43.17 20.85 -37.14
C LYS H 80 43.80 19.47 -36.90
N ILE H 81 43.03 18.39 -36.88
CA ILE H 81 43.58 17.04 -36.61
C ILE H 81 44.22 16.46 -37.88
N GLY H 82 43.93 17.00 -39.06
CA GLY H 82 44.57 16.59 -40.32
C GLY H 82 43.90 15.38 -40.94
N MET H 83 42.63 15.12 -40.60
CA MET H 83 41.71 14.18 -41.30
C MET H 83 41.69 14.53 -42.80
N ASP H 84 41.54 13.54 -43.70
CA ASP H 84 41.23 13.84 -45.13
C ASP H 84 39.71 14.02 -45.28
N VAL H 85 39.19 15.23 -45.06
CA VAL H 85 37.72 15.56 -45.11
C VAL H 85 37.12 14.95 -46.39
N ASN H 86 37.85 14.99 -47.50
CA ASN H 86 37.36 14.53 -48.85
C ASN H 86 37.28 13.00 -48.89
N ASP H 87 37.79 12.29 -47.87
CA ASP H 87 37.75 10.81 -47.77
C ASP H 87 36.63 10.35 -46.85
N PHE H 88 35.75 11.28 -46.42
CA PHE H 88 34.60 11.07 -45.50
C PHE H 88 33.37 11.85 -45.98
N GLU H 89 32.32 11.10 -46.29
CA GLU H 89 30.94 11.59 -46.54
C GLU H 89 30.51 12.45 -45.36
N ILE H 90 30.14 13.70 -45.59
CA ILE H 90 29.55 14.60 -44.55
C ILE H 90 28.09 14.83 -44.92
N VAL H 91 27.20 15.00 -43.93
CA VAL H 91 25.82 15.51 -44.15
C VAL H 91 25.50 16.52 -43.06
N ASN H 92 24.85 17.59 -43.49
CA ASN H 92 24.95 18.94 -42.88
C ASN H 92 23.68 19.17 -42.08
N GLU H 93 23.70 18.83 -40.78
CA GLU H 93 22.58 19.16 -39.87
C GLU H 93 23.09 20.07 -38.75
N PRO H 94 22.78 21.38 -38.81
CA PRO H 94 23.25 22.32 -37.78
C PRO H 94 22.47 22.15 -36.47
N ASN H 95 21.29 21.53 -36.52
CA ASN H 95 20.46 21.22 -35.34
C ASN H 95 20.93 19.89 -34.77
N VAL H 96 21.03 19.80 -33.44
CA VAL H 96 21.62 18.62 -32.75
C VAL H 96 20.58 17.49 -32.76
N LYS H 97 19.38 17.70 -32.22
CA LYS H 97 18.31 16.65 -32.14
C LYS H 97 18.05 16.05 -33.54
N LYS H 98 18.17 16.86 -34.60
CA LYS H 98 17.87 16.43 -35.98
C LYS H 98 19.06 15.64 -36.52
N ALA H 99 20.27 16.14 -36.33
CA ALA H 99 21.53 15.46 -36.75
C ALA H 99 21.63 14.07 -36.10
N ALA H 100 21.16 13.91 -34.86
CA ALA H 100 21.16 12.62 -34.12
C ALA H 100 20.16 11.67 -34.77
N LEU H 101 18.94 12.13 -34.99
CA LEU H 101 17.92 11.36 -35.71
C LEU H 101 18.44 10.94 -37.10
N LYS H 102 19.11 11.82 -37.85
CA LYS H 102 19.49 11.55 -39.27
C LYS H 102 20.58 10.48 -39.36
N ALA H 103 21.41 10.31 -38.34
CA ALA H 103 22.51 9.31 -38.36
C ALA H 103 21.93 7.92 -38.10
N VAL H 104 21.02 7.84 -37.12
CA VAL H 104 20.19 6.63 -36.83
C VAL H 104 19.51 6.19 -38.13
N GLU H 105 18.72 7.09 -38.72
CA GLU H 105 18.01 6.94 -40.04
C GLU H 105 18.96 6.42 -41.15
N LEU H 106 20.24 6.77 -41.13
CA LEU H 106 21.21 6.27 -42.15
C LEU H 106 21.42 4.76 -41.93
N VAL H 107 21.30 4.29 -40.69
CA VAL H 107 21.61 2.87 -40.32
C VAL H 107 20.38 1.96 -40.55
N SER H 108 19.17 2.51 -40.38
CA SER H 108 17.89 1.76 -40.50
C SER H 108 17.56 1.51 -41.98
N THR H 109 17.86 2.48 -42.85
CA THR H 109 17.58 2.48 -44.30
C THR H 109 18.70 1.72 -45.04
N GLY H 110 19.88 1.56 -44.41
CA GLY H 110 20.96 0.68 -44.89
C GLY H 110 22.14 1.44 -45.47
N LYS H 111 22.16 2.77 -45.37
CA LYS H 111 23.28 3.60 -45.89
C LYS H 111 24.54 3.32 -45.07
N ALA H 112 24.38 3.08 -43.76
CA ALA H 112 25.46 2.66 -42.84
C ALA H 112 25.04 1.42 -42.04
N ASP H 113 25.99 0.82 -41.31
CA ASP H 113 25.81 -0.48 -40.61
C ASP H 113 25.84 -0.31 -39.08
N MET H 114 26.07 0.91 -38.57
CA MET H 114 26.29 1.15 -37.12
C MET H 114 26.27 2.66 -36.84
N VAL H 115 25.85 3.02 -35.61
CA VAL H 115 25.78 4.40 -35.08
C VAL H 115 26.90 4.59 -34.04
N MET H 116 27.34 5.83 -33.85
CA MET H 116 28.32 6.26 -32.83
C MET H 116 27.86 7.62 -32.29
N LYS H 117 27.83 7.78 -30.97
CA LYS H 117 27.46 9.08 -30.36
C LYS H 117 28.69 10.00 -30.46
N GLY H 118 28.46 11.25 -30.87
CA GLY H 118 29.41 12.36 -30.80
C GLY H 118 28.98 13.35 -29.72
N LEU H 119 28.91 14.64 -30.08
CA LEU H 119 28.58 15.76 -29.18
C LEU H 119 27.06 15.83 -28.97
N VAL H 120 26.48 14.80 -28.34
CA VAL H 120 25.04 14.76 -27.96
C VAL H 120 24.97 14.16 -26.57
N ASN H 121 24.22 14.80 -25.68
CA ASN H 121 23.91 14.22 -24.34
C ASN H 121 23.36 12.80 -24.57
N THR H 122 23.56 11.91 -23.60
CA THR H 122 23.28 10.46 -23.73
C THR H 122 21.76 10.22 -23.86
N ALA H 123 20.96 11.04 -23.19
CA ALA H 123 19.49 10.96 -23.21
C ALA H 123 19.00 11.15 -24.65
N THR H 124 19.24 12.35 -25.21
CA THR H 124 18.80 12.80 -26.55
C THR H 124 19.22 11.75 -27.56
N PHE H 125 20.41 11.17 -27.41
CA PHE H 125 20.97 10.15 -28.33
C PHE H 125 20.13 8.86 -28.31
N LEU H 126 19.78 8.37 -27.12
CA LEU H 126 19.10 7.06 -27.00
C LEU H 126 17.63 7.17 -27.40
N ARG H 127 16.99 8.34 -27.20
CA ARG H 127 15.64 8.59 -27.78
C ARG H 127 15.72 8.39 -29.30
N SER H 128 16.76 8.94 -29.95
CA SER H 128 16.99 8.88 -31.42
C SER H 128 17.13 7.43 -31.84
N VAL H 129 17.91 6.66 -31.07
CA VAL H 129 18.25 5.24 -31.38
C VAL H 129 16.96 4.42 -31.34
N LEU H 130 16.20 4.59 -30.25
CA LEU H 130 14.83 4.05 -30.01
C LEU H 130 13.79 5.06 -30.52
N ASN H 131 13.78 5.39 -31.80
CA ASN H 131 12.69 6.16 -32.45
C ASN H 131 11.79 5.15 -33.16
N LYS H 132 10.46 5.25 -33.02
CA LYS H 132 9.53 4.21 -33.55
C LYS H 132 9.49 4.33 -35.08
N GLU H 133 9.65 5.55 -35.58
CA GLU H 133 9.56 5.88 -37.03
C GLU H 133 10.84 5.46 -37.77
N VAL H 134 12.04 5.81 -37.28
CA VAL H 134 13.33 5.67 -38.04
C VAL H 134 14.38 4.87 -37.26
N GLY H 135 14.11 4.58 -35.98
CA GLY H 135 15.08 4.02 -35.00
C GLY H 135 15.42 2.56 -35.27
N LEU H 136 16.19 1.96 -34.38
CA LEU H 136 16.78 0.61 -34.56
C LEU H 136 16.05 -0.39 -33.64
N ARG H 137 14.85 -0.02 -33.18
CA ARG H 137 14.09 -0.81 -32.17
C ARG H 137 13.84 -2.19 -32.77
N THR H 138 13.93 -3.26 -31.99
CA THR H 138 13.62 -4.62 -32.51
C THR H 138 12.57 -5.27 -31.61
N GLY H 139 12.03 -4.52 -30.65
CA GLY H 139 11.18 -5.08 -29.58
C GLY H 139 11.90 -6.17 -28.80
N LYS H 140 13.25 -6.14 -28.78
CA LYS H 140 14.07 -6.74 -27.69
C LYS H 140 14.44 -5.59 -26.75
N THR H 141 14.92 -5.90 -25.56
CA THR H 141 15.58 -4.91 -24.66
C THR H 141 16.96 -4.60 -25.26
N MET H 142 17.31 -3.32 -25.31
CA MET H 142 18.63 -2.85 -25.77
C MET H 142 19.55 -2.93 -24.56
N SER H 143 20.68 -3.61 -24.74
CA SER H 143 21.61 -4.05 -23.66
C SER H 143 23.02 -3.59 -24.06
N HIS H 144 23.82 -3.17 -23.07
CA HIS H 144 25.23 -2.78 -23.24
C HIS H 144 26.13 -3.97 -22.85
N VAL H 145 27.08 -4.28 -23.73
CA VAL H 145 28.15 -5.28 -23.49
C VAL H 145 29.49 -4.53 -23.45
N ALA H 146 30.19 -4.64 -22.33
CA ALA H 146 31.61 -4.28 -22.20
C ALA H 146 32.44 -5.56 -22.37
N VAL H 147 33.53 -5.48 -23.13
CA VAL H 147 34.51 -6.59 -23.34
C VAL H 147 35.83 -6.12 -22.76
N PHE H 148 36.58 -6.99 -22.07
CA PHE H 148 37.82 -6.64 -21.34
C PHE H 148 38.91 -7.65 -21.71
N GLU H 149 40.08 -7.13 -22.07
CA GLU H 149 41.34 -7.89 -22.22
C GLU H 149 42.14 -7.57 -20.97
N THR H 150 42.59 -8.60 -20.25
CA THR H 150 43.10 -8.46 -18.87
C THR H 150 44.41 -9.25 -18.78
N GLU H 151 45.23 -8.91 -17.78
CA GLU H 151 46.58 -9.48 -17.51
C GLU H 151 46.46 -10.89 -16.91
N LYS H 152 45.57 -11.07 -15.92
CA LYS H 152 45.41 -12.30 -15.07
C LYS H 152 44.47 -13.36 -15.68
N PHE H 153 43.76 -13.06 -16.77
CA PHE H 153 42.82 -14.01 -17.42
C PHE H 153 43.03 -14.01 -18.94
N ASP H 154 43.23 -15.22 -19.51
CA ASP H 154 43.42 -15.48 -20.96
C ASP H 154 42.17 -15.07 -21.73
N ARG H 155 41.02 -15.62 -21.34
CA ARG H 155 39.71 -15.33 -21.97
C ARG H 155 39.39 -13.84 -21.78
N LEU H 156 38.83 -13.22 -22.83
CA LEU H 156 38.07 -11.95 -22.73
C LEU H 156 37.01 -12.11 -21.63
N LEU H 157 36.78 -11.08 -20.82
CA LEU H 157 35.64 -11.02 -19.85
C LEU H 157 34.51 -10.14 -20.43
N PHE H 158 33.25 -10.61 -20.45
CA PHE H 158 32.06 -9.83 -20.87
C PHE H 158 31.26 -9.36 -19.65
N LEU H 159 31.04 -8.05 -19.55
CA LEU H 159 30.27 -7.39 -18.47
C LEU H 159 28.97 -6.81 -19.04
N THR H 160 27.83 -7.33 -18.59
CA THR H 160 26.48 -6.85 -18.94
C THR H 160 25.64 -6.84 -17.69
N ASP H 161 24.77 -5.83 -17.51
CA ASP H 161 24.78 -4.60 -18.29
C ASP H 161 25.17 -3.45 -17.36
N VAL H 162 26.32 -2.84 -17.63
CA VAL H 162 27.01 -1.91 -16.70
C VAL H 162 26.74 -0.45 -17.07
N ALA H 163 25.92 -0.16 -18.09
CA ALA H 163 25.87 1.19 -18.70
C ALA H 163 24.43 1.71 -18.85
N PHE H 164 23.46 0.93 -19.33
CA PHE H 164 22.13 1.38 -19.85
C PHE H 164 20.93 0.82 -19.07
N ASN H 165 20.88 -0.50 -18.85
CA ASN H 165 19.80 -1.16 -18.09
C ASN H 165 20.06 -1.00 -16.59
N THR H 166 19.11 -0.30 -15.95
CA THR H 166 19.07 0.09 -14.53
C THR H 166 17.97 -0.72 -13.83
N TYR H 167 18.32 -1.56 -12.87
CA TYR H 167 17.35 -2.45 -12.18
C TYR H 167 16.50 -3.16 -13.25
N PRO H 168 17.07 -4.05 -14.09
CA PRO H 168 16.29 -4.92 -14.95
C PRO H 168 15.76 -6.15 -14.20
N GLU H 169 14.60 -6.65 -14.63
CA GLU H 169 13.86 -7.77 -14.04
C GLU H 169 14.10 -9.02 -14.91
N LEU H 170 13.53 -10.16 -14.52
CA LEU H 170 13.74 -11.47 -15.18
C LEU H 170 13.44 -11.36 -16.68
N LYS H 171 12.46 -10.53 -17.03
CA LYS H 171 12.05 -10.17 -18.42
C LYS H 171 13.25 -9.53 -19.17
N GLU H 172 13.83 -8.44 -18.64
CA GLU H 172 14.92 -7.72 -19.34
C GLU H 172 16.20 -8.55 -19.25
N LYS H 173 16.31 -9.39 -18.22
CA LYS H 173 17.57 -10.13 -17.95
C LYS H 173 17.70 -11.29 -18.93
N ILE H 174 16.57 -11.85 -19.38
CA ILE H 174 16.60 -12.87 -20.46
C ILE H 174 17.28 -12.23 -21.67
N ASP H 175 16.72 -11.12 -22.17
CA ASP H 175 17.18 -10.39 -23.38
C ASP H 175 18.62 -9.91 -23.18
N ILE H 176 19.00 -9.49 -21.97
CA ILE H 176 20.38 -8.96 -21.73
C ILE H 176 21.37 -10.08 -22.02
N VAL H 177 21.00 -11.33 -21.71
CA VAL H 177 21.82 -12.57 -21.86
C VAL H 177 21.82 -13.00 -23.32
N ASN H 178 20.65 -13.13 -23.95
CA ASN H 178 20.55 -13.45 -25.41
C ASN H 178 21.47 -12.51 -26.24
N ASN H 179 21.18 -11.21 -26.20
CA ASN H 179 22.00 -10.10 -26.74
C ASN H 179 23.48 -10.38 -26.46
N SER H 180 23.81 -10.56 -25.20
CA SER H 180 25.22 -10.75 -24.78
C SER H 180 25.81 -11.98 -25.47
N VAL H 181 25.09 -13.10 -25.51
CA VAL H 181 25.65 -14.39 -26.01
C VAL H 181 25.82 -14.23 -27.52
N LYS H 182 24.94 -13.51 -28.22
CA LYS H 182 25.11 -13.20 -29.66
C LYS H 182 26.45 -12.50 -29.91
N VAL H 183 26.85 -11.55 -29.06
CA VAL H 183 28.15 -10.83 -29.21
C VAL H 183 29.32 -11.81 -29.07
N ALA H 184 29.28 -12.72 -28.09
CA ALA H 184 30.29 -13.78 -27.82
C ALA H 184 30.41 -14.77 -28.99
N HIS H 185 29.29 -15.22 -29.57
CA HIS H 185 29.32 -16.07 -30.79
C HIS H 185 30.22 -15.36 -31.79
N ALA H 186 29.86 -14.15 -32.18
CA ALA H 186 30.59 -13.29 -33.14
C ALA H 186 32.10 -13.23 -32.83
N ILE H 187 32.54 -13.33 -31.56
CA ILE H 187 33.98 -13.42 -31.17
C ILE H 187 34.43 -14.90 -31.20
N GLY H 188 33.51 -15.84 -31.46
CA GLY H 188 33.86 -17.23 -31.79
C GLY H 188 33.85 -18.13 -30.58
N ILE H 189 33.54 -17.59 -29.40
CA ILE H 189 33.21 -18.46 -28.23
C ILE H 189 31.79 -19.01 -28.52
N GLU H 190 31.75 -20.30 -28.89
CA GLU H 190 30.58 -20.99 -29.50
C GLU H 190 29.59 -21.41 -28.40
N ASN H 191 30.06 -21.59 -27.16
CA ASN H 191 29.23 -21.99 -26.00
C ASN H 191 29.61 -21.18 -24.75
N PRO H 192 29.24 -19.88 -24.71
CA PRO H 192 29.54 -19.01 -23.58
C PRO H 192 28.97 -19.44 -22.21
N LYS H 193 29.84 -19.35 -21.20
CA LYS H 193 29.55 -19.56 -19.76
C LYS H 193 29.10 -18.24 -19.17
N VAL H 194 27.81 -18.10 -18.92
CA VAL H 194 27.14 -16.91 -18.32
C VAL H 194 26.97 -17.10 -16.81
N ALA H 195 27.61 -16.27 -15.99
CA ALA H 195 27.45 -16.21 -14.52
C ALA H 195 26.61 -14.99 -14.15
N PRO H 196 25.35 -15.20 -13.69
CA PRO H 196 24.59 -14.14 -13.03
C PRO H 196 25.25 -13.80 -11.70
N ILE H 197 26.02 -12.73 -11.67
CA ILE H 197 26.78 -12.37 -10.45
C ILE H 197 25.79 -11.87 -9.41
N CYS H 198 25.99 -12.31 -8.17
CA CYS H 198 25.23 -11.85 -6.98
C CYS H 198 26.21 -11.68 -5.81
N ALA H 199 25.68 -11.25 -4.67
CA ALA H 199 26.46 -11.03 -3.44
C ALA H 199 26.95 -12.38 -2.96
N VAL H 200 26.09 -13.40 -3.00
CA VAL H 200 26.43 -14.73 -2.45
C VAL H 200 26.18 -15.81 -3.49
N GLU H 201 26.83 -16.95 -3.30
CA GLU H 201 26.78 -18.17 -4.16
C GLU H 201 25.51 -18.99 -3.82
N VAL H 202 24.63 -18.50 -2.93
CA VAL H 202 23.45 -19.26 -2.40
C VAL H 202 22.16 -18.42 -2.61
N ILE H 203 21.07 -19.09 -2.99
CA ILE H 203 19.70 -18.50 -3.03
C ILE H 203 19.44 -17.83 -1.69
N ASN H 204 18.88 -16.62 -1.71
CA ASN H 204 18.41 -15.95 -0.49
C ASN H 204 17.27 -15.01 -0.86
N PRO H 205 16.05 -15.18 -0.32
CA PRO H 205 14.92 -14.35 -0.73
C PRO H 205 15.10 -12.85 -0.45
N LYS H 206 16.04 -12.47 0.42
CA LYS H 206 16.40 -11.06 0.73
C LYS H 206 17.25 -10.45 -0.42
N MET H 207 17.85 -11.31 -1.24
CA MET H 207 18.62 -10.87 -2.42
C MET H 207 17.82 -11.25 -3.65
N PRO H 208 17.01 -10.33 -4.22
CA PRO H 208 16.18 -10.64 -5.38
C PRO H 208 17.06 -11.10 -6.56
N SER H 209 18.33 -10.68 -6.57
CA SER H 209 19.27 -11.09 -7.64
C SER H 209 19.43 -12.61 -7.64
N THR H 210 19.53 -13.22 -6.46
CA THR H 210 19.75 -14.68 -6.34
C THR H 210 18.53 -15.42 -6.90
N LEU H 211 17.37 -14.77 -6.90
CA LEU H 211 16.11 -15.43 -7.38
C LEU H 211 16.12 -15.43 -8.91
N ASP H 212 16.53 -14.33 -9.56
CA ASP H 212 16.61 -14.27 -11.05
C ASP H 212 17.67 -15.25 -11.56
N ALA H 213 18.80 -15.40 -10.86
CA ALA H 213 19.93 -16.24 -11.31
C ALA H 213 19.46 -17.68 -11.45
N ALA H 214 18.61 -18.13 -10.53
CA ALA H 214 18.03 -19.49 -10.53
C ALA H 214 17.12 -19.66 -11.75
N MET H 215 16.20 -18.73 -12.00
CA MET H 215 15.34 -18.81 -13.21
C MET H 215 16.25 -19.04 -14.41
N LEU H 216 17.15 -18.07 -14.62
CA LEU H 216 18.02 -18.00 -15.83
C LEU H 216 18.76 -19.33 -15.94
N SER H 217 19.28 -19.89 -14.84
CA SER H 217 19.92 -21.24 -14.82
C SER H 217 18.96 -22.31 -15.35
N LYS H 218 17.70 -22.32 -14.93
CA LYS H 218 16.72 -23.37 -15.29
C LYS H 218 16.42 -23.24 -16.78
N MET H 219 15.95 -22.07 -17.21
CA MET H 219 15.72 -21.73 -18.64
C MET H 219 16.87 -22.28 -19.53
N SER H 220 18.14 -22.13 -19.12
CA SER H 220 19.35 -22.58 -19.87
C SER H 220 19.43 -24.12 -19.96
N ASP H 221 18.93 -24.81 -18.93
CA ASP H 221 18.79 -26.29 -18.91
C ASP H 221 17.65 -26.70 -19.85
N ARG H 222 16.50 -26.03 -19.75
CA ARG H 222 15.32 -26.31 -20.62
C ARG H 222 15.61 -25.83 -22.05
N GLY H 223 16.81 -25.35 -22.33
CA GLY H 223 17.11 -24.70 -23.62
C GLY H 223 16.06 -23.67 -23.98
N GLN H 224 15.48 -22.98 -22.98
CA GLN H 224 14.64 -21.78 -23.21
C GLN H 224 15.58 -20.61 -23.57
N ILE H 225 16.80 -20.60 -23.04
CA ILE H 225 17.93 -19.70 -23.42
C ILE H 225 18.99 -20.59 -24.05
N LYS H 226 19.35 -20.32 -25.31
CA LYS H 226 20.18 -21.21 -26.17
C LYS H 226 21.54 -20.58 -26.45
N GLY H 227 22.51 -21.39 -26.86
CA GLY H 227 23.81 -20.95 -27.37
C GLY H 227 24.84 -20.69 -26.28
N CYS H 228 24.66 -21.24 -25.08
CA CYS H 228 25.44 -20.90 -23.84
C CYS H 228 25.07 -21.82 -22.68
N VAL H 229 25.72 -21.67 -21.53
CA VAL H 229 25.29 -22.31 -20.26
C VAL H 229 25.24 -21.20 -19.22
N VAL H 230 24.06 -21.00 -18.64
CA VAL H 230 23.79 -20.06 -17.51
C VAL H 230 23.83 -20.88 -16.22
N ASP H 231 24.62 -20.44 -15.24
CA ASP H 231 24.66 -21.11 -13.92
C ASP H 231 24.83 -20.02 -12.85
N GLY H 232 23.80 -19.86 -12.02
CA GLY H 232 23.69 -18.77 -11.05
C GLY H 232 22.78 -19.13 -9.87
N PRO H 233 22.89 -18.39 -8.74
CA PRO H 233 23.77 -17.24 -8.62
C PRO H 233 25.23 -17.61 -8.27
N LEU H 234 26.19 -16.80 -8.75
CA LEU H 234 27.61 -16.93 -8.34
C LEU H 234 28.08 -15.57 -7.84
N ALA H 235 28.84 -15.59 -6.76
CA ALA H 235 29.62 -14.45 -6.25
C ALA H 235 30.72 -14.24 -7.27
N LEU H 236 31.28 -13.03 -7.37
CA LEU H 236 32.22 -12.70 -8.47
C LEU H 236 33.44 -13.62 -8.43
N ASP H 237 34.06 -13.81 -7.26
CA ASP H 237 35.28 -14.68 -7.12
C ASP H 237 34.96 -16.05 -7.72
N ILE H 238 33.91 -16.71 -7.21
CA ILE H 238 33.46 -18.07 -7.63
C ILE H 238 33.41 -18.13 -9.16
N ALA H 239 32.85 -17.12 -9.81
CA ALA H 239 32.54 -17.14 -11.25
C ALA H 239 33.85 -17.06 -12.07
N LEU H 240 34.88 -16.44 -11.51
CA LEU H 240 36.10 -16.09 -12.29
C LEU H 240 37.32 -16.91 -11.88
N SER H 241 37.42 -17.29 -10.61
CA SER H 241 38.64 -18.01 -10.15
C SER H 241 38.34 -19.49 -10.00
N GLU H 242 39.13 -20.35 -10.63
CA GLU H 242 38.98 -21.81 -10.45
C GLU H 242 39.28 -22.12 -8.98
N GLU H 243 40.30 -21.48 -8.42
CA GLU H 243 40.68 -21.73 -7.02
C GLU H 243 39.54 -21.32 -6.09
N ALA H 244 38.94 -20.15 -6.31
CA ALA H 244 37.85 -19.67 -5.42
C ALA H 244 36.66 -20.59 -5.56
N ALA H 245 36.34 -20.97 -6.79
CA ALA H 245 35.24 -21.93 -7.03
C ALA H 245 35.57 -23.26 -6.32
N HIS H 246 36.76 -23.83 -6.54
CA HIS H 246 37.17 -25.11 -5.90
C HIS H 246 37.04 -24.97 -4.37
N HIS H 247 37.56 -23.88 -3.80
CA HIS H 247 37.61 -23.62 -2.34
C HIS H 247 36.19 -23.67 -1.75
N LYS H 248 35.19 -23.07 -2.40
CA LYS H 248 33.83 -22.88 -1.82
C LYS H 248 32.91 -24.05 -2.22
N GLY H 249 33.49 -25.14 -2.74
CA GLY H 249 32.78 -26.41 -3.00
C GLY H 249 31.88 -26.38 -4.24
N VAL H 250 32.04 -25.38 -5.13
CA VAL H 250 31.13 -25.10 -6.28
C VAL H 250 31.78 -25.53 -7.59
N THR H 251 31.10 -26.39 -8.34
CA THR H 251 31.62 -27.05 -9.57
C THR H 251 30.65 -26.80 -10.72
N GLY H 252 30.77 -27.56 -11.81
CA GLY H 252 29.98 -27.31 -13.03
C GLY H 252 30.71 -26.44 -14.05
N GLU H 253 30.01 -26.20 -15.15
CA GLU H 253 30.58 -25.68 -16.41
C GLU H 253 30.94 -24.19 -16.29
N VAL H 254 30.25 -23.40 -15.47
CA VAL H 254 30.45 -21.92 -15.39
C VAL H 254 31.45 -21.57 -14.31
N ALA H 255 31.28 -22.10 -13.11
CA ALA H 255 32.01 -21.64 -11.90
C ALA H 255 33.51 -21.72 -12.15
N GLY H 256 34.22 -20.58 -12.20
CA GLY H 256 35.68 -20.48 -12.29
C GLY H 256 36.14 -20.30 -13.73
N LYS H 257 35.20 -20.27 -14.68
CA LYS H 257 35.46 -20.38 -16.14
C LYS H 257 34.44 -19.54 -16.91
N ALA H 258 33.77 -18.60 -16.22
CA ALA H 258 32.70 -17.73 -16.74
C ALA H 258 33.30 -16.77 -17.78
N ASP H 259 32.64 -16.64 -18.93
CA ASP H 259 33.03 -15.68 -20.00
C ASP H 259 32.18 -14.41 -19.86
N ILE H 260 30.86 -14.54 -19.68
CA ILE H 260 29.92 -13.39 -19.51
C ILE H 260 29.51 -13.30 -18.04
N PHE H 261 29.61 -12.09 -17.49
CA PHE H 261 29.27 -11.79 -16.08
C PHE H 261 27.98 -10.96 -16.13
N LEU H 262 26.86 -11.56 -15.74
CA LEU H 262 25.55 -10.85 -15.79
C LEU H 262 25.37 -10.11 -14.49
N MET H 263 25.42 -8.78 -14.57
CA MET H 263 25.33 -7.83 -13.42
C MET H 263 23.88 -7.70 -13.03
N PRO H 264 23.61 -7.68 -11.70
CA PRO H 264 22.26 -7.74 -11.19
C PRO H 264 21.64 -6.36 -11.38
N ASN H 265 22.43 -5.30 -11.50
CA ASN H 265 21.86 -4.00 -11.94
C ASN H 265 22.94 -3.00 -12.33
N ILE H 266 22.53 -1.77 -12.66
CA ILE H 266 23.44 -0.72 -13.18
C ILE H 266 24.47 -0.40 -12.10
N GLU H 267 24.07 -0.28 -10.82
CA GLU H 267 25.01 0.25 -9.79
C GLU H 267 26.15 -0.73 -9.56
N THR H 268 25.84 -1.98 -9.20
CA THR H 268 26.85 -3.06 -9.06
C THR H 268 27.74 -3.16 -10.31
N GLY H 269 27.15 -3.26 -11.49
CA GLY H 269 27.86 -3.26 -12.79
C GLY H 269 28.77 -2.06 -12.98
N ASN H 270 28.22 -0.83 -13.00
CA ASN H 270 29.00 0.39 -13.35
C ASN H 270 30.17 0.47 -12.38
N VAL H 271 30.00 0.08 -11.12
CA VAL H 271 31.12 0.23 -10.15
C VAL H 271 32.22 -0.76 -10.55
N MET H 272 31.88 -2.03 -10.80
CA MET H 272 32.89 -3.06 -11.15
C MET H 272 33.61 -2.68 -12.45
N TYR H 273 32.86 -2.19 -13.43
CA TYR H 273 33.45 -1.82 -14.75
C TYR H 273 34.48 -0.69 -14.55
N LYS H 274 34.15 0.28 -13.69
CA LYS H 274 35.05 1.44 -13.49
C LYS H 274 36.17 1.02 -12.54
N THR H 275 35.89 0.13 -11.59
CA THR H 275 36.95 -0.43 -10.73
C THR H 275 37.96 -1.10 -11.65
N LEU H 276 37.50 -1.89 -12.61
CA LEU H 276 38.39 -2.63 -13.53
C LEU H 276 39.19 -1.62 -14.42
N THR H 277 38.53 -0.67 -15.08
CA THR H 277 39.19 0.32 -15.99
C THR H 277 40.37 1.04 -15.31
N TYR H 278 40.14 1.61 -14.12
CA TYR H 278 41.02 2.63 -13.48
C TYR H 278 41.99 1.97 -12.50
N THR H 279 41.90 0.66 -12.29
CA THR H 279 42.58 -0.04 -11.17
C THR H 279 43.67 -0.93 -11.73
N THR H 280 43.73 -1.04 -13.04
CA THR H 280 44.37 -2.18 -13.75
C THR H 280 44.70 -1.70 -15.17
N ASP H 281 45.75 -2.26 -15.80
CA ASP H 281 46.24 -1.87 -17.14
C ASP H 281 45.55 -2.71 -18.21
N SER H 282 44.23 -2.59 -18.33
CA SER H 282 43.40 -3.47 -19.20
C SER H 282 43.11 -2.75 -20.53
N LYS H 283 42.55 -3.48 -21.48
CA LYS H 283 41.97 -2.94 -22.74
C LYS H 283 40.45 -3.18 -22.69
N ASN H 284 39.65 -2.33 -23.31
CA ASN H 284 38.17 -2.48 -23.26
C ASN H 284 37.50 -1.71 -24.37
N GLY H 285 36.46 -2.29 -24.93
CA GLY H 285 35.51 -1.61 -25.82
C GLY H 285 34.11 -1.86 -25.31
N GLY H 286 33.21 -0.91 -25.56
CA GLY H 286 31.78 -1.00 -25.21
C GLY H 286 30.94 -0.97 -26.47
N ILE H 287 29.73 -1.51 -26.41
CA ILE H 287 28.79 -1.58 -27.56
C ILE H 287 27.37 -1.65 -27.01
N LEU H 288 26.35 -1.34 -27.81
CA LEU H 288 24.92 -1.53 -27.46
C LEU H 288 24.29 -2.47 -28.48
N VAL H 289 23.97 -3.70 -28.06
CA VAL H 289 23.30 -4.73 -28.91
C VAL H 289 21.81 -4.74 -28.55
N GLY H 290 21.01 -5.58 -29.23
CA GLY H 290 19.55 -5.66 -29.07
C GLY H 290 18.86 -4.85 -30.14
N THR H 291 19.46 -3.74 -30.55
CA THR H 291 19.00 -2.92 -31.69
C THR H 291 19.26 -3.66 -33.02
N SER H 292 18.60 -3.21 -34.11
CA SER H 292 18.71 -3.77 -35.49
C SER H 292 20.15 -3.62 -36.00
N ALA H 293 20.96 -2.79 -35.34
CA ALA H 293 22.38 -2.56 -35.67
C ALA H 293 23.11 -2.07 -34.42
N PRO H 294 24.44 -2.34 -34.30
CA PRO H 294 25.17 -2.05 -33.07
C PRO H 294 25.39 -0.53 -32.93
N VAL H 295 25.24 -0.06 -31.69
CA VAL H 295 25.48 1.36 -31.29
C VAL H 295 26.80 1.43 -30.53
N VAL H 296 27.60 2.46 -30.80
CA VAL H 296 28.72 2.90 -29.93
C VAL H 296 28.25 4.15 -29.18
N LEU H 297 28.06 4.01 -27.88
CA LEU H 297 27.76 5.14 -26.95
C LEU H 297 29.07 5.50 -26.26
N THR H 298 29.75 6.53 -26.75
CA THR H 298 31.12 6.91 -26.32
C THR H 298 30.99 7.74 -25.05
N SER H 299 31.84 7.47 -24.04
CA SER H 299 31.97 8.33 -22.84
C SER H 299 32.97 9.45 -23.13
N ARG H 300 32.84 10.53 -22.36
CA ARG H 300 33.68 11.76 -22.46
C ARG H 300 35.04 11.39 -21.84
N ALA H 301 35.07 10.33 -21.04
CA ALA H 301 36.26 9.90 -20.26
C ALA H 301 36.93 8.69 -20.93
N ASP H 302 36.42 8.21 -22.07
CA ASP H 302 36.96 7.01 -22.80
C ASP H 302 38.30 7.36 -23.47
N SER H 303 39.35 6.55 -23.28
CA SER H 303 40.64 6.69 -23.99
C SER H 303 40.40 6.55 -25.49
N HIS H 304 41.34 7.02 -26.31
CA HIS H 304 41.31 6.86 -27.78
C HIS H 304 41.32 5.36 -28.08
N GLU H 305 42.14 4.59 -27.35
CA GLU H 305 42.24 3.11 -27.52
C GLU H 305 40.89 2.44 -27.24
N THR H 306 40.14 2.94 -26.24
CA THR H 306 38.79 2.42 -25.86
C THR H 306 37.79 2.69 -27.01
N LYS H 307 37.78 3.90 -27.57
CA LYS H 307 36.88 4.29 -28.67
C LYS H 307 37.12 3.37 -29.86
N MET H 308 38.35 2.94 -30.07
CA MET H 308 38.72 2.15 -31.28
C MET H 308 38.32 0.69 -31.07
N ASN H 309 38.69 0.12 -29.91
CA ASN H 309 38.16 -1.16 -29.38
C ASN H 309 36.63 -1.21 -29.51
N SER H 310 35.92 -0.13 -29.15
CA SER H 310 34.45 0.00 -29.18
C SER H 310 33.94 -0.05 -30.63
N ILE H 311 34.68 0.56 -31.55
CA ILE H 311 34.44 0.60 -33.02
C ILE H 311 34.80 -0.77 -33.62
N ALA H 312 35.91 -1.38 -33.20
CA ALA H 312 36.32 -2.74 -33.66
C ALA H 312 35.22 -3.75 -33.33
N LEU H 313 34.64 -3.73 -32.12
CA LEU H 313 33.51 -4.66 -31.77
C LEU H 313 32.39 -4.45 -32.78
N ALA H 314 31.90 -3.21 -32.89
CA ALA H 314 30.68 -2.85 -33.66
C ALA H 314 30.83 -3.33 -35.11
N ALA H 315 32.01 -3.17 -35.71
CA ALA H 315 32.34 -3.70 -37.07
C ALA H 315 32.26 -5.23 -37.06
N LEU H 316 32.92 -5.87 -36.10
CA LEU H 316 32.92 -7.35 -35.97
C LEU H 316 31.52 -7.92 -35.64
N VAL H 317 30.58 -7.19 -35.05
CA VAL H 317 29.21 -7.80 -34.86
C VAL H 317 28.36 -7.44 -36.08
N ALA H 318 28.53 -6.27 -36.70
CA ALA H 318 27.85 -5.97 -37.98
C ALA H 318 28.15 -7.10 -38.98
N GLY H 319 29.36 -7.65 -38.96
CA GLY H 319 29.81 -8.75 -39.85
C GLY H 319 28.97 -10.02 -39.76
N ASN H 320 28.17 -10.18 -38.68
CA ASN H 320 27.34 -11.39 -38.38
C ASN H 320 26.00 -10.96 -37.76
S SO4 I . 5.25 -44.01 -19.71
O1 SO4 I . 5.61 -45.28 -20.29
O2 SO4 I . 4.22 -44.21 -18.71
O3 SO4 I . 6.43 -43.45 -19.07
O4 SO4 I . 4.77 -43.13 -20.74
S SO4 J . 24.16 -35.15 -3.57
O1 SO4 J . 25.08 -36.27 -3.49
O2 SO4 J . 22.82 -35.64 -3.36
O3 SO4 J . 24.49 -34.17 -2.56
O4 SO4 J . 24.25 -34.55 -4.88
S SO4 K . 22.07 -22.69 -3.67
O1 SO4 K . 21.38 -23.57 -4.57
O2 SO4 K . 21.40 -22.69 -2.38
O3 SO4 K . 22.05 -21.37 -4.22
O4 SO4 K . 23.44 -23.12 -3.53
S SO4 L . -15.14 -58.65 13.55
O1 SO4 L . -15.41 -59.86 14.34
O2 SO4 L . -15.81 -57.50 14.13
O3 SO4 L . -13.72 -58.39 13.52
O4 SO4 L . -15.63 -58.88 12.19
S SO4 M . 20.43 -43.20 -10.19
O1 SO4 M . 19.76 -44.41 -10.61
O2 SO4 M . 20.00 -42.83 -8.85
O3 SO4 M . 20.11 -42.14 -11.12
O4 SO4 M . 21.85 -43.42 -10.17
S SO4 N . 7.39 -47.30 -14.44
O1 SO4 N . 7.30 -48.64 -14.93
O2 SO4 N . 6.84 -47.26 -13.11
O3 SO4 N . 8.76 -46.89 -14.37
O4 SO4 N . 6.63 -46.42 -15.30
S SO4 O . -20.33 -42.89 -3.32
O1 SO4 O . -21.01 -44.12 -3.64
O2 SO4 O . -20.06 -42.87 -1.91
O3 SO4 O . -19.07 -42.84 -4.02
O4 SO4 O . -21.14 -41.76 -3.70
S SO4 P . -32.81 -21.04 -10.99
O1 SO4 P . -33.09 -21.95 -9.91
O2 SO4 P . -33.73 -21.30 -12.08
O3 SO4 P . -31.47 -21.28 -11.47
O4 SO4 P . -32.92 -19.66 -10.53
S SO4 Q . -6.80 -39.99 -24.14
O1 SO4 Q . -6.81 -39.24 -22.91
O2 SO4 Q . -8.11 -40.52 -24.38
O3 SO4 Q . -5.86 -41.07 -24.03
O4 SO4 Q . -6.41 -39.10 -25.21
S SO4 R . -33.14 -31.96 -9.52
O1 SO4 R . -32.32 -33.16 -9.41
O2 SO4 R . -34.40 -32.17 -8.85
O3 SO4 R . -32.46 -30.87 -8.91
O4 SO4 R . -33.38 -31.67 -10.92
S SO4 S . -1.70 -31.17 -23.43
O1 SO4 S . -2.87 -31.83 -23.92
O2 SO4 S . -1.66 -31.27 -21.99
O3 SO4 S . -1.72 -29.78 -23.81
O4 SO4 S . -0.54 -31.80 -24.01
S SO4 T . -37.54 -21.87 18.59
O1 SO4 T . -37.83 -23.19 18.11
O2 SO4 T . -38.47 -21.49 19.62
O3 SO4 T . -36.20 -21.89 19.09
O4 SO4 T . -37.61 -20.91 17.51
S SO4 U . -45.41 -9.00 7.23
O1 SO4 U . -45.33 -8.65 8.62
O2 SO4 U . -46.71 -9.55 6.93
O3 SO4 U . -45.20 -7.81 6.44
O4 SO4 U . -44.43 -10.00 6.94
S SO4 V . -36.85 4.49 26.02
O1 SO4 V . -35.94 3.35 26.07
O2 SO4 V . -38.12 4.14 26.60
O3 SO4 V . -36.28 5.59 26.77
O4 SO4 V . -37.06 4.89 24.65
S SO4 W . -32.46 -21.69 37.63
O1 SO4 W . -31.93 -22.83 38.33
O2 SO4 W . -33.31 -20.96 38.52
O3 SO4 W . -31.39 -20.81 37.18
O4 SO4 W . -33.22 -22.12 36.49
S SO4 X . -36.62 15.62 45.70
O1 SO4 X . -37.64 16.64 45.72
O2 SO4 X . -36.99 14.57 46.63
O3 SO4 X . -35.36 16.19 46.12
O4 SO4 X . -36.49 15.10 44.37
S SO4 Y . -41.97 19.13 15.28
O1 SO4 Y . -40.71 18.88 15.92
O2 SO4 Y . -43.00 18.51 16.09
O3 SO4 Y . -42.19 20.56 15.15
O4 SO4 Y . -41.99 18.56 13.95
S SO4 Z . -39.32 16.63 20.78
O1 SO4 Z . -38.26 15.77 21.22
O2 SO4 Z . -39.92 17.24 21.95
O3 SO4 Z . -38.78 17.64 19.88
O4 SO4 Z . -40.30 15.83 20.09
S SO4 AA . -27.22 31.29 2.33
O1 SO4 AA . -27.51 32.51 3.03
O2 SO4 AA . -27.93 30.19 2.93
O3 SO4 AA . -25.79 31.04 2.40
O4 SO4 AA . -27.66 31.44 0.95
S SO4 BA . -8.26 46.43 8.65
O1 SO4 BA . -9.55 46.46 7.97
O2 SO4 BA . -8.42 45.80 9.95
O3 SO4 BA . -7.78 47.78 8.80
O4 SO4 BA . -7.31 45.68 7.86
S SO4 CA . 13.63 41.72 18.30
O1 SO4 CA . 13.23 40.70 19.23
O2 SO4 CA . 13.46 43.02 18.90
O3 SO4 CA . 15.00 41.50 17.90
O4 SO4 CA . 12.80 41.63 17.12
S SO4 DA . -7.45 46.28 15.19
O1 SO4 DA . -7.44 44.92 14.71
O2 SO4 DA . -8.79 46.60 15.64
O3 SO4 DA . -6.55 46.39 16.31
O4 SO4 DA . -7.06 47.20 14.13
S SO4 EA . 19.40 45.12 22.32
O1 SO4 EA . 19.93 44.06 23.14
O2 SO4 EA . 17.99 45.28 22.58
O3 SO4 EA . 20.07 46.35 22.64
O4 SO4 EA . 19.60 44.80 20.93
S SO4 FA . -17.95 28.29 25.14
O1 SO4 FA . -17.63 27.12 25.92
O2 SO4 FA . -18.48 29.33 26.00
O3 SO4 FA . -16.75 28.80 24.51
O4 SO4 FA . -18.93 27.95 24.12
S SO4 GA . 15.99 31.77 16.71
O1 SO4 GA . 15.22 31.05 15.72
O2 SO4 GA . 15.52 31.42 18.01
O3 SO4 GA . 17.37 31.41 16.60
O4 SO4 GA . 15.82 33.19 16.50
S SO4 HA . -16.98 39.12 22.59
O1 SO4 HA . -16.66 37.73 22.78
O2 SO4 HA . -18.33 39.41 23.07
O3 SO4 HA . -16.03 39.91 23.33
O4 SO4 HA . -16.91 39.45 21.19
S SO4 IA . -2.86 38.93 42.33
O1 SO4 IA . -2.64 38.35 43.62
O2 SO4 IA . -4.27 39.21 42.16
O3 SO4 IA . -2.10 40.14 42.21
O4 SO4 IA . -2.44 37.99 41.31
S SO4 JA . 20.82 35.21 24.95
O1 SO4 JA . 21.27 35.91 26.11
O2 SO4 JA . 19.50 34.67 25.19
O3 SO4 JA . 21.74 34.14 24.65
O4 SO4 JA . 20.76 36.13 23.83
S SO4 KA . 21.07 31.46 20.64
O1 SO4 KA . 22.06 30.44 20.90
O2 SO4 KA . 19.79 31.08 21.20
O3 SO4 KA . 21.52 32.68 21.25
O4 SO4 KA . 20.92 31.65 19.21
S SO4 LA . 21.05 25.10 20.56
O1 SO4 LA . 20.74 23.72 20.82
O2 SO4 LA . 20.62 25.91 21.67
O3 SO4 LA . 22.49 25.25 20.39
O4 SO4 LA . 20.37 25.56 19.36
S SO4 MA . 23.04 18.35 22.71
O1 SO4 MA . 23.58 18.45 24.04
O2 SO4 MA . 21.63 18.13 22.78
O3 SO4 MA . 23.66 17.26 22.00
O4 SO4 MA . 23.29 19.58 22.00
S SO4 NA . 5.87 48.87 18.01
O1 SO4 NA . 6.48 47.68 17.50
O2 SO4 NA . 4.97 48.52 19.08
O3 SO4 NA . 6.91 49.74 18.50
O4 SO4 NA . 5.13 49.53 16.94
S SO4 OA . 0.22 47.04 -1.78
O1 SO4 OA . 0.78 45.76 -2.11
O2 SO4 OA . -0.51 46.94 -0.55
O3 SO4 OA . 1.29 48.02 -1.68
O4 SO4 OA . -0.69 47.46 -2.81
S SO4 PA . 26.25 27.57 -13.63
O1 SO4 PA . 26.70 26.18 -13.55
O2 SO4 PA . 25.28 27.81 -12.60
O3 SO4 PA . 27.36 28.48 -13.45
O4 SO4 PA . 25.61 27.83 -14.92
S SO4 QA . 28.60 36.33 -7.59
O1 SO4 QA . 27.38 35.87 -8.21
O2 SO4 QA . 29.12 35.33 -6.68
O3 SO4 QA . 28.34 37.57 -6.88
O4 SO4 QA . 29.58 36.55 -8.63
S SO4 RA . 15.43 46.51 -25.91
O1 SO4 RA . 14.66 45.27 -25.93
O2 SO4 RA . 14.95 47.33 -24.86
O3 SO4 RA . 16.82 46.24 -25.67
O4 SO4 RA . 15.30 47.23 -27.16
S SO4 SA . 3.75 42.94 -29.98
O1 SO4 SA . 4.19 41.56 -29.94
O2 SO4 SA . 2.32 42.98 -30.11
O3 SO4 SA . 4.11 43.59 -28.75
O4 SO4 SA . 4.38 43.61 -31.09
S SO4 TA . -4.65 52.97 -4.47
O1 SO4 TA . -5.23 51.71 -4.87
O2 SO4 TA . -5.22 53.42 -3.23
O3 SO4 TA . -3.23 52.83 -4.28
O4 SO4 TA . -4.89 53.94 -5.51
S SO4 UA . 22.00 41.78 8.10
O1 SO4 UA . 22.85 41.02 9.00
O2 SO4 UA . 20.63 41.71 8.59
O3 SO4 UA . 22.43 43.16 8.05
O4 SO4 UA . 22.08 41.19 6.76
S SO4 VA . 46.95 9.45 -5.79
O1 SO4 VA . 45.86 8.55 -5.95
O2 SO4 VA . 47.66 9.06 -4.62
O3 SO4 VA . 46.48 10.80 -5.60
O4 SO4 VA . 47.78 9.35 -6.95
S SO4 WA . 44.45 9.32 -12.48
O1 SO4 WA . 43.70 8.26 -13.09
O2 SO4 WA . 44.04 9.49 -11.10
O3 SO4 WA . 44.26 10.55 -13.22
O4 SO4 WA . 45.85 8.98 -12.49
S SO4 XA . 33.75 19.93 9.88
O1 SO4 XA . 34.46 18.71 10.16
O2 SO4 XA . 32.80 20.20 10.95
O3 SO4 XA . 34.69 21.02 9.77
O4 SO4 XA . 33.02 19.81 8.65
S SO4 YA . 42.45 19.70 2.74
O1 SO4 YA . 43.21 18.47 2.65
O2 SO4 YA . 41.60 19.68 3.91
O3 SO4 YA . 43.36 20.80 2.84
O4 SO4 YA . 41.63 19.84 1.56
S SO4 ZA . 42.01 -18.28 -18.03
O1 SO4 ZA . 41.26 -19.16 -17.18
O2 SO4 ZA . 42.42 -17.12 -17.28
O3 SO4 ZA . 43.18 -18.96 -18.50
O4 SO4 ZA . 41.19 -17.93 -19.15
S SO4 AB . 21.63 -25.00 -26.20
O1 SO4 AB . 22.30 -25.77 -25.16
O2 SO4 AB . 20.24 -24.77 -25.84
O3 SO4 AB . 22.30 -23.75 -26.38
O4 SO4 AB . 21.68 -25.72 -27.45
S SO4 BB . 44.26 8.99 -24.36
O1 SO4 BB . 45.23 8.48 -23.40
O2 SO4 BB . 43.16 9.58 -23.64
O3 SO4 BB . 44.85 9.99 -25.20
O4 SO4 BB . 43.80 7.88 -25.17
S SO4 CB . 31.91 -26.51 -23.84
O1 SO4 CB . 31.91 -27.91 -24.18
O2 SO4 CB . 30.84 -26.25 -22.91
O3 SO4 CB . 33.17 -26.13 -23.25
O4 SO4 CB . 31.70 -25.74 -25.05
S SO4 DB . 42.65 -18.43 -11.15
O1 SO4 DB . 42.91 -19.47 -10.17
O2 SO4 DB . 41.62 -18.90 -12.05
O3 SO4 DB . 43.84 -18.11 -11.88
O4 SO4 DB . 42.22 -17.22 -10.49
#